data_2N4E
#
_entry.id   2N4E
#
_entity_poly.entity_id   1
_entity_poly.type   'polypeptide(L)'
_entity_poly.pdbx_seq_one_letter_code
;MHHHHHHRSGDIQVQNNNTCNGKTFDYTYTVTTESELQKVLNELKDYIKKQGCKRSRTSITARTKKEAEKFAAILIKVYA
ELGYNDINVTWDGDTVTVEGQLEGVD
;
_entity_poly.pdbx_strand_id   A
#
# COMPACT_ATOMS: atom_id res chain seq x y z
N MET A 1 8.78 31.04 2.22
CA MET A 1 8.60 30.16 1.05
C MET A 1 7.13 30.24 0.57
N HIS A 2 6.93 30.06 -0.75
CA HIS A 2 5.59 30.08 -1.36
C HIS A 2 4.95 28.68 -1.23
N HIS A 3 4.13 28.52 -0.18
CA HIS A 3 3.39 27.27 0.08
C HIS A 3 2.19 27.17 -0.89
N HIS A 4 2.07 26.02 -1.56
CA HIS A 4 1.02 25.75 -2.57
C HIS A 4 0.90 24.23 -2.75
N HIS A 5 -0.24 23.75 -3.28
CA HIS A 5 -0.43 22.34 -3.67
C HIS A 5 -0.56 22.25 -5.20
N HIS A 6 0.50 21.76 -5.85
CA HIS A 6 0.56 21.55 -7.30
C HIS A 6 0.99 20.09 -7.56
N HIS A 7 0.25 19.40 -8.43
CA HIS A 7 0.52 17.99 -8.78
C HIS A 7 1.81 17.91 -9.65
N ARG A 8 2.95 17.91 -8.94
CA ARG A 8 4.30 17.97 -9.52
C ARG A 8 5.36 17.86 -8.40
N SER A 9 4.93 18.15 -7.15
CA SER A 9 5.77 18.04 -5.95
C SER A 9 5.90 16.56 -5.51
N GLY A 10 6.01 16.29 -4.20
CA GLY A 10 6.07 14.91 -3.67
C GLY A 10 4.70 14.27 -3.56
N ASP A 11 4.02 14.15 -4.71
CA ASP A 11 2.73 13.48 -4.83
C ASP A 11 2.93 11.97 -4.70
N ILE A 12 2.28 11.37 -3.70
CA ILE A 12 2.43 9.95 -3.36
C ILE A 12 1.20 9.19 -3.89
N GLN A 13 1.41 8.47 -5.00
CA GLN A 13 0.35 7.71 -5.68
C GLN A 13 0.27 6.29 -5.10
N VAL A 14 -0.78 6.06 -4.30
CA VAL A 14 -1.08 4.75 -3.67
C VAL A 14 -2.05 3.99 -4.59
N GLN A 15 -1.65 2.78 -5.03
CA GLN A 15 -2.48 1.91 -5.88
C GLN A 15 -2.58 0.50 -5.27
N ASN A 16 -3.81 0.06 -4.98
CA ASN A 16 -4.10 -1.30 -4.48
C ASN A 16 -4.90 -2.09 -5.54
N ASN A 17 -4.43 -3.29 -5.87
CA ASN A 17 -5.11 -4.21 -6.81
C ASN A 17 -5.40 -5.51 -6.05
N ASN A 18 -6.66 -5.97 -6.07
CA ASN A 18 -7.14 -7.05 -5.20
C ASN A 18 -7.25 -8.37 -5.98
N THR A 19 -6.86 -9.47 -5.32
CA THR A 19 -7.08 -10.84 -5.83
C THR A 19 -8.35 -11.38 -5.15
N CYS A 20 -9.32 -11.85 -5.97
CA CYS A 20 -10.75 -12.03 -5.59
C CYS A 20 -11.42 -10.64 -5.50
N ASN A 21 -11.13 -9.78 -6.51
CA ASN A 21 -11.63 -8.40 -6.58
C ASN A 21 -13.10 -8.36 -7.00
N GLY A 22 -13.98 -7.96 -6.05
CA GLY A 22 -15.41 -7.80 -6.31
C GLY A 22 -15.73 -6.42 -6.85
N LYS A 23 -16.45 -5.62 -6.05
CA LYS A 23 -16.75 -4.21 -6.37
C LYS A 23 -15.53 -3.33 -6.02
N THR A 24 -14.49 -3.46 -6.86
CA THR A 24 -13.23 -2.72 -6.72
C THR A 24 -13.19 -1.58 -7.75
N PHE A 25 -13.55 -0.36 -7.30
CA PHE A 25 -13.75 0.80 -8.18
C PHE A 25 -12.40 1.26 -8.77
N ASP A 26 -11.38 1.45 -7.90
CA ASP A 26 -10.08 2.01 -8.32
C ASP A 26 -8.97 1.71 -7.27
N TYR A 27 -9.27 1.98 -5.99
CA TYR A 27 -8.33 1.82 -4.84
C TYR A 27 -7.02 2.65 -5.06
N THR A 28 -7.18 3.80 -5.71
CA THR A 28 -6.06 4.69 -6.10
C THR A 28 -6.26 6.08 -5.49
N TYR A 29 -5.30 6.52 -4.64
CA TYR A 29 -5.36 7.78 -3.88
C TYR A 29 -3.98 8.47 -3.90
N THR A 30 -3.95 9.73 -4.34
CA THR A 30 -2.71 10.52 -4.46
C THR A 30 -2.68 11.59 -3.35
N VAL A 31 -1.76 11.43 -2.38
CA VAL A 31 -1.63 12.32 -1.21
C VAL A 31 -0.27 13.05 -1.23
N THR A 32 -0.29 14.38 -1.07
CA THR A 32 0.92 15.20 -0.96
C THR A 32 1.37 15.30 0.53
N THR A 33 0.52 14.80 1.45
CA THR A 33 0.80 14.83 2.90
C THR A 33 0.34 13.50 3.54
N GLU A 34 1.18 12.96 4.46
CA GLU A 34 0.92 11.67 5.13
C GLU A 34 -0.25 11.73 6.14
N SER A 35 -0.66 12.95 6.52
CA SER A 35 -1.86 13.17 7.33
C SER A 35 -3.11 12.60 6.63
N GLU A 36 -3.18 12.81 5.30
CA GLU A 36 -4.26 12.31 4.43
C GLU A 36 -4.10 10.81 4.16
N LEU A 37 -2.83 10.36 4.05
CA LEU A 37 -2.46 8.93 3.88
C LEU A 37 -3.11 8.02 4.95
N GLN A 38 -3.26 8.55 6.17
CA GLN A 38 -3.88 7.82 7.30
C GLN A 38 -5.32 7.36 6.95
N LYS A 39 -6.11 8.28 6.38
CA LYS A 39 -7.50 8.01 5.97
C LYS A 39 -7.56 7.01 4.79
N VAL A 40 -6.55 7.08 3.89
CA VAL A 40 -6.41 6.13 2.77
C VAL A 40 -6.41 4.69 3.31
N LEU A 41 -5.50 4.42 4.26
CA LEU A 41 -5.30 3.07 4.82
C LEU A 41 -6.47 2.64 5.73
N ASN A 42 -7.18 3.60 6.35
CA ASN A 42 -8.36 3.32 7.20
C ASN A 42 -9.46 2.61 6.38
N GLU A 43 -9.86 3.25 5.26
CA GLU A 43 -10.94 2.73 4.40
C GLU A 43 -10.43 1.54 3.55
N LEU A 44 -9.16 1.62 3.12
CA LEU A 44 -8.54 0.64 2.20
C LEU A 44 -8.47 -0.74 2.84
N LYS A 45 -7.94 -0.79 4.09
CA LYS A 45 -7.81 -2.02 4.91
C LYS A 45 -9.15 -2.78 5.01
N ASP A 46 -10.21 -2.01 5.32
CA ASP A 46 -11.58 -2.50 5.48
C ASP A 46 -12.04 -3.26 4.22
N TYR A 47 -11.73 -2.69 3.05
CA TYR A 47 -12.13 -3.25 1.75
C TYR A 47 -11.32 -4.51 1.42
N ILE A 48 -9.97 -4.42 1.55
CA ILE A 48 -9.03 -5.52 1.21
C ILE A 48 -9.42 -6.85 1.92
N LYS A 49 -9.98 -6.71 3.13
CA LYS A 49 -10.49 -7.85 3.92
C LYS A 49 -11.62 -8.61 3.17
N LYS A 50 -12.54 -7.86 2.52
CA LYS A 50 -13.64 -8.43 1.73
C LYS A 50 -13.17 -8.81 0.30
N GLN A 51 -12.49 -7.89 -0.37
CA GLN A 51 -11.92 -8.10 -1.71
C GLN A 51 -10.48 -8.62 -1.55
N GLY A 52 -10.39 -9.93 -1.24
CA GLY A 52 -9.12 -10.58 -0.92
C GLY A 52 -9.36 -11.90 -0.20
N CYS A 53 -9.20 -13.02 -0.92
CA CYS A 53 -9.36 -14.38 -0.34
C CYS A 53 -8.24 -14.65 0.69
N LYS A 54 -7.01 -14.25 0.32
CA LYS A 54 -5.82 -14.35 1.18
C LYS A 54 -5.10 -12.99 1.22
N ARG A 55 -4.95 -12.35 0.04
CA ARG A 55 -4.12 -11.14 -0.08
C ARG A 55 -4.57 -10.22 -1.22
N SER A 56 -4.06 -8.98 -1.19
CA SER A 56 -4.13 -8.00 -2.27
C SER A 56 -2.75 -7.29 -2.39
N ARG A 57 -2.45 -6.78 -3.59
CA ARG A 57 -1.17 -6.08 -3.87
C ARG A 57 -1.36 -4.57 -3.68
N THR A 58 -0.27 -3.90 -3.29
CA THR A 58 -0.20 -2.44 -3.18
C THR A 58 1.17 -1.98 -3.71
N SER A 59 1.23 -0.79 -4.31
CA SER A 59 2.49 -0.14 -4.69
C SER A 59 2.32 1.37 -4.52
N ILE A 60 3.21 1.95 -3.72
CA ILE A 60 3.17 3.37 -3.30
C ILE A 60 4.39 4.10 -3.86
N THR A 61 4.17 5.28 -4.47
CA THR A 61 5.27 6.10 -5.01
C THR A 61 6.07 6.75 -3.85
N ALA A 62 7.25 6.19 -3.60
CA ALA A 62 8.24 6.75 -2.67
C ALA A 62 9.25 7.58 -3.48
N ARG A 63 9.50 8.82 -3.04
CA ARG A 63 10.46 9.70 -3.73
C ARG A 63 11.89 9.39 -3.27
N THR A 64 11.98 8.84 -2.06
CA THR A 64 13.22 8.27 -1.51
C THR A 64 12.89 6.90 -0.89
N LYS A 65 13.88 6.00 -0.89
CA LYS A 65 13.74 4.64 -0.32
C LYS A 65 13.57 4.69 1.22
N LYS A 66 13.95 5.84 1.82
CA LYS A 66 13.74 6.12 3.26
C LYS A 66 12.22 6.17 3.57
N GLU A 67 11.46 6.76 2.63
CA GLU A 67 9.99 6.84 2.70
C GLU A 67 9.38 5.45 2.42
N ALA A 68 9.97 4.72 1.46
CA ALA A 68 9.53 3.36 1.09
C ALA A 68 9.50 2.42 2.32
N GLU A 69 10.45 2.64 3.25
CA GLU A 69 10.57 1.88 4.51
C GLU A 69 9.37 2.10 5.45
N LYS A 70 9.01 3.38 5.67
CA LYS A 70 7.96 3.75 6.65
C LYS A 70 6.54 3.49 6.09
N PHE A 71 6.36 3.59 4.75
CA PHE A 71 5.10 3.20 4.09
C PHE A 71 4.97 1.66 4.07
N ALA A 72 6.11 0.97 4.00
CA ALA A 72 6.16 -0.50 4.15
C ALA A 72 5.71 -0.89 5.56
N ALA A 73 6.19 -0.16 6.58
CA ALA A 73 5.82 -0.40 7.99
C ALA A 73 4.31 -0.18 8.21
N ILE A 74 3.73 0.72 7.41
CA ILE A 74 2.28 1.02 7.40
C ILE A 74 1.48 -0.13 6.73
N LEU A 75 1.93 -0.56 5.53
CA LEU A 75 1.23 -1.58 4.72
C LEU A 75 1.30 -2.97 5.39
N ILE A 76 2.47 -3.31 5.94
CA ILE A 76 2.69 -4.53 6.73
C ILE A 76 1.73 -4.52 7.95
N LYS A 77 1.59 -3.34 8.59
CA LYS A 77 0.71 -3.15 9.78
C LYS A 77 -0.76 -3.40 9.41
N VAL A 78 -1.17 -2.82 8.27
CA VAL A 78 -2.55 -2.88 7.75
C VAL A 78 -2.98 -4.34 7.46
N TYR A 79 -2.14 -5.07 6.72
CA TYR A 79 -2.39 -6.48 6.39
C TYR A 79 -2.18 -7.40 7.63
N ALA A 80 -1.42 -6.91 8.63
CA ALA A 80 -1.18 -7.63 9.91
C ALA A 80 -2.44 -7.60 10.78
N GLU A 81 -3.24 -6.53 10.63
CA GLU A 81 -4.55 -6.39 11.29
C GLU A 81 -5.58 -7.30 10.60
N LEU A 82 -5.38 -7.55 9.30
CA LEU A 82 -6.26 -8.42 8.49
C LEU A 82 -5.98 -9.92 8.75
N GLY A 83 -4.74 -10.25 9.14
CA GLY A 83 -4.39 -11.66 9.44
C GLY A 83 -2.93 -11.83 9.87
N TYR A 84 -2.09 -12.34 8.95
CA TYR A 84 -0.67 -12.66 9.22
C TYR A 84 0.12 -11.37 9.51
N ASN A 85 0.93 -11.40 10.58
CA ASN A 85 1.78 -10.26 10.96
C ASN A 85 2.98 -10.15 10.01
N ASP A 86 3.49 -11.33 9.59
CA ASP A 86 4.48 -11.46 8.52
C ASP A 86 3.77 -11.14 7.18
N ILE A 87 4.27 -10.10 6.46
CA ILE A 87 3.73 -9.68 5.15
C ILE A 87 4.91 -9.53 4.15
N ASN A 88 4.64 -9.77 2.86
CA ASN A 88 5.65 -9.75 1.79
C ASN A 88 5.83 -8.30 1.28
N VAL A 89 7.08 -7.83 1.31
CA VAL A 89 7.46 -6.47 0.91
C VAL A 89 8.73 -6.52 0.04
N THR A 90 8.79 -5.63 -0.95
CA THR A 90 9.99 -5.41 -1.76
C THR A 90 10.22 -3.88 -1.94
N TRP A 91 11.38 -3.42 -1.49
CA TRP A 91 11.80 -2.02 -1.61
C TRP A 91 12.54 -1.80 -2.94
N ASP A 92 11.83 -1.23 -3.92
CA ASP A 92 12.42 -0.77 -5.18
C ASP A 92 13.18 0.54 -4.91
N GLY A 93 12.43 1.59 -4.51
CA GLY A 93 12.99 2.92 -4.23
C GLY A 93 12.04 4.01 -4.70
N ASP A 94 11.71 3.97 -6.00
CA ASP A 94 10.65 4.82 -6.60
C ASP A 94 9.27 4.32 -6.15
N THR A 95 9.19 3.02 -5.83
CA THR A 95 7.98 2.36 -5.33
C THR A 95 8.32 1.38 -4.20
N VAL A 96 7.36 1.17 -3.29
CA VAL A 96 7.36 0.06 -2.34
C VAL A 96 6.14 -0.83 -2.61
N THR A 97 6.39 -2.03 -3.16
CA THR A 97 5.34 -3.00 -3.49
C THR A 97 5.18 -4.01 -2.35
N VAL A 98 4.00 -3.97 -1.70
CA VAL A 98 3.64 -4.85 -0.58
C VAL A 98 2.38 -5.66 -0.95
N GLU A 99 2.46 -6.99 -0.79
CA GLU A 99 1.33 -7.90 -0.95
C GLU A 99 1.31 -8.83 0.27
N GLY A 100 0.10 -9.19 0.75
CA GLY A 100 -0.03 -10.09 1.90
C GLY A 100 0.54 -11.48 1.66
N GLN A 101 0.93 -12.18 2.74
CA GLN A 101 1.51 -13.53 2.66
C GLN A 101 0.43 -14.57 2.35
N LEU A 102 0.76 -15.49 1.43
CA LEU A 102 -0.04 -16.69 1.14
C LEU A 102 0.13 -17.68 2.30
N GLU A 103 -0.94 -18.38 2.66
CA GLU A 103 -0.93 -19.35 3.76
C GLU A 103 -0.05 -20.56 3.41
N GLY A 104 1.20 -20.49 3.89
CA GLY A 104 2.20 -21.54 3.66
C GLY A 104 3.17 -21.62 4.83
N VAL A 105 2.81 -22.44 5.82
CA VAL A 105 3.59 -22.62 7.05
C VAL A 105 3.49 -24.09 7.53
N ASP A 106 4.60 -24.62 8.06
CA ASP A 106 4.70 -25.98 8.61
C ASP A 106 5.53 -25.94 9.90
N MET A 1 -15.19 28.75 -11.21
CA MET A 1 -14.97 27.87 -10.03
C MET A 1 -15.20 26.40 -10.39
N HIS A 2 -14.79 25.51 -9.47
CA HIS A 2 -14.93 24.03 -9.58
C HIS A 2 -14.17 23.50 -10.82
N HIS A 3 -12.82 23.55 -10.73
CA HIS A 3 -11.93 23.12 -11.82
C HIS A 3 -10.71 22.39 -11.23
N HIS A 4 -10.24 21.38 -11.97
CA HIS A 4 -9.02 20.64 -11.67
C HIS A 4 -8.39 20.22 -13.00
N HIS A 5 -7.52 21.08 -13.55
CA HIS A 5 -6.84 20.85 -14.84
C HIS A 5 -5.93 19.62 -14.77
N HIS A 6 -4.94 19.69 -13.84
CA HIS A 6 -3.99 18.60 -13.53
C HIS A 6 -3.26 18.90 -12.20
N HIS A 7 -2.60 17.87 -11.64
CA HIS A 7 -1.76 18.00 -10.44
C HIS A 7 -0.53 17.10 -10.58
N ARG A 8 0.48 17.60 -11.32
CA ARG A 8 1.77 16.93 -11.49
C ARG A 8 2.76 17.45 -10.43
N SER A 9 2.97 16.63 -9.40
CA SER A 9 3.91 16.92 -8.30
C SER A 9 4.60 15.59 -7.90
N GLY A 10 5.20 15.55 -6.69
CA GLY A 10 5.74 14.30 -6.13
C GLY A 10 4.67 13.48 -5.44
N ASP A 11 3.59 13.19 -6.19
CA ASP A 11 2.38 12.56 -5.67
C ASP A 11 2.63 11.11 -5.25
N ILE A 12 2.22 10.80 -4.04
CA ILE A 12 2.20 9.44 -3.50
C ILE A 12 1.03 8.69 -4.17
N GLN A 13 1.37 7.85 -5.15
CA GLN A 13 0.40 7.04 -5.88
C GLN A 13 0.17 5.74 -5.11
N VAL A 14 -1.04 5.60 -4.55
CA VAL A 14 -1.46 4.43 -3.78
C VAL A 14 -2.21 3.47 -4.73
N GLN A 15 -1.61 2.32 -5.07
CA GLN A 15 -2.20 1.34 -6.00
C GLN A 15 -2.40 0.00 -5.29
N ASN A 16 -3.66 -0.31 -4.94
CA ASN A 16 -4.04 -1.55 -4.23
C ASN A 16 -4.78 -2.47 -5.22
N ASN A 17 -4.17 -3.61 -5.56
CA ASN A 17 -4.67 -4.53 -6.58
C ASN A 17 -5.05 -5.88 -5.96
N ASN A 18 -6.31 -6.30 -6.21
CA ASN A 18 -6.82 -7.62 -5.81
C ASN A 18 -7.18 -8.38 -7.10
N THR A 19 -6.44 -9.45 -7.42
CA THR A 19 -6.71 -10.28 -8.61
C THR A 19 -7.49 -11.54 -8.19
N CYS A 20 -8.77 -11.57 -8.56
CA CYS A 20 -9.72 -12.69 -8.37
C CYS A 20 -11.01 -12.31 -9.10
N ASN A 21 -10.91 -12.30 -10.45
CA ASN A 21 -11.98 -11.92 -11.40
C ASN A 21 -12.20 -10.39 -11.42
N GLY A 22 -12.69 -9.82 -10.31
CA GLY A 22 -12.92 -8.37 -10.18
C GLY A 22 -14.20 -8.08 -9.41
N LYS A 23 -14.09 -7.81 -8.10
CA LYS A 23 -15.25 -7.69 -7.20
C LYS A 23 -16.02 -6.37 -7.42
N THR A 24 -15.27 -5.25 -7.59
CA THR A 24 -15.84 -3.91 -7.81
C THR A 24 -14.86 -3.06 -8.64
N PHE A 25 -13.73 -2.73 -8.01
CA PHE A 25 -12.68 -1.87 -8.58
C PHE A 25 -11.43 -2.02 -7.71
N ASP A 26 -10.26 -2.09 -8.36
CA ASP A 26 -8.96 -2.10 -7.67
C ASP A 26 -8.72 -0.71 -7.06
N TYR A 27 -8.61 -0.65 -5.72
CA TYR A 27 -8.56 0.60 -4.96
C TYR A 27 -7.31 1.43 -5.32
N THR A 28 -7.51 2.64 -5.87
CA THR A 28 -6.41 3.48 -6.35
C THR A 28 -6.66 4.94 -5.94
N TYR A 29 -5.67 5.56 -5.28
CA TYR A 29 -5.78 6.93 -4.73
C TYR A 29 -4.51 7.72 -5.08
N THR A 30 -4.62 9.05 -5.12
CA THR A 30 -3.49 9.95 -5.34
C THR A 30 -3.48 11.03 -4.24
N VAL A 31 -2.55 10.89 -3.30
CA VAL A 31 -2.38 11.83 -2.17
C VAL A 31 -1.00 12.48 -2.28
N THR A 32 -0.91 13.80 -2.08
CA THR A 32 0.37 14.53 -2.17
C THR A 32 1.14 14.42 -0.82
N THR A 33 0.40 14.22 0.28
CA THR A 33 0.97 14.22 1.64
C THR A 33 0.77 12.84 2.31
N GLU A 34 1.73 12.46 3.17
CA GLU A 34 1.71 11.21 3.94
C GLU A 34 0.56 11.19 4.95
N SER A 35 0.21 12.40 5.45
CA SER A 35 -0.90 12.62 6.40
C SER A 35 -2.24 12.09 5.86
N GLU A 36 -2.51 12.41 4.57
CA GLU A 36 -3.72 11.97 3.85
C GLU A 36 -3.78 10.44 3.79
N LEU A 37 -2.62 9.83 3.49
CA LEU A 37 -2.47 8.39 3.35
C LEU A 37 -2.73 7.64 4.67
N GLN A 38 -2.34 8.27 5.81
CA GLN A 38 -2.52 7.67 7.15
C GLN A 38 -4.02 7.48 7.48
N LYS A 39 -4.88 8.31 6.87
CA LYS A 39 -6.33 8.14 6.89
C LYS A 39 -6.72 7.02 5.90
N VAL A 40 -6.27 7.18 4.61
CA VAL A 40 -6.64 6.30 3.48
C VAL A 40 -6.46 4.81 3.82
N LEU A 41 -5.23 4.41 4.17
CA LEU A 41 -4.87 2.99 4.39
C LEU A 41 -5.59 2.34 5.59
N ASN A 42 -5.81 3.13 6.67
CA ASN A 42 -6.39 2.59 7.92
C ASN A 42 -7.89 2.27 7.76
N GLU A 43 -8.59 3.09 6.95
CA GLU A 43 -10.02 2.84 6.62
C GLU A 43 -10.12 1.85 5.45
N LEU A 44 -9.12 1.87 4.55
CA LEU A 44 -9.04 0.99 3.35
C LEU A 44 -8.83 -0.47 3.77
N LYS A 45 -8.20 -0.64 4.94
CA LYS A 45 -8.07 -1.93 5.65
C LYS A 45 -9.42 -2.67 5.71
N ASP A 46 -10.46 -1.91 6.06
CA ASP A 46 -11.81 -2.42 6.22
C ASP A 46 -12.50 -2.65 4.85
N TYR A 47 -12.14 -1.82 3.84
CA TYR A 47 -12.66 -1.95 2.46
C TYR A 47 -12.19 -3.26 1.80
N ILE A 48 -10.90 -3.60 2.00
CA ILE A 48 -10.28 -4.82 1.45
C ILE A 48 -10.75 -6.05 2.24
N LYS A 49 -11.00 -5.86 3.57
CA LYS A 49 -11.58 -6.88 4.46
C LYS A 49 -13.05 -7.19 4.07
N LYS A 50 -13.75 -6.14 3.62
CA LYS A 50 -15.15 -6.21 3.18
C LYS A 50 -15.26 -6.93 1.84
N GLN A 51 -14.39 -6.53 0.89
CA GLN A 51 -14.40 -7.04 -0.48
C GLN A 51 -13.02 -6.85 -1.14
N GLY A 52 -12.59 -7.90 -1.87
CA GLY A 52 -11.29 -7.94 -2.55
C GLY A 52 -10.93 -9.38 -2.87
N CYS A 53 -9.71 -9.81 -2.49
CA CYS A 53 -9.32 -11.24 -2.54
C CYS A 53 -8.19 -11.50 -1.51
N LYS A 54 -7.89 -12.81 -1.30
CA LYS A 54 -6.85 -13.28 -0.37
C LYS A 54 -5.45 -12.76 -0.78
N ARG A 55 -5.22 -12.64 -2.10
CA ARG A 55 -3.98 -12.12 -2.67
C ARG A 55 -4.19 -10.62 -2.99
N SER A 56 -3.42 -9.73 -2.32
CA SER A 56 -3.55 -8.26 -2.46
C SER A 56 -2.17 -7.57 -2.46
N ARG A 57 -1.95 -6.67 -3.43
CA ARG A 57 -0.69 -5.92 -3.61
C ARG A 57 -0.94 -4.43 -3.35
N THR A 58 0.09 -3.70 -2.89
CA THR A 58 0.04 -2.22 -2.77
C THR A 58 1.39 -1.60 -3.18
N SER A 59 1.41 -0.93 -4.34
CA SER A 59 2.56 -0.13 -4.80
C SER A 59 2.33 1.35 -4.45
N ILE A 60 3.24 1.93 -3.65
CA ILE A 60 3.14 3.32 -3.17
C ILE A 60 4.39 4.11 -3.58
N THR A 61 4.19 5.29 -4.22
CA THR A 61 5.29 6.20 -4.58
C THR A 61 5.91 6.83 -3.31
N ALA A 62 7.22 6.63 -3.13
CA ALA A 62 8.02 7.27 -2.09
C ALA A 62 9.10 8.12 -2.77
N ARG A 63 9.36 9.32 -2.25
CA ARG A 63 10.31 10.26 -2.86
C ARG A 63 11.72 10.01 -2.30
N THR A 64 11.79 9.44 -1.08
CA THR A 64 13.05 9.04 -0.40
C THR A 64 12.89 7.63 0.22
N LYS A 65 14.03 6.97 0.55
CA LYS A 65 14.04 5.57 1.07
C LYS A 65 13.51 5.48 2.52
N LYS A 66 13.65 6.57 3.30
CA LYS A 66 13.06 6.63 4.67
C LYS A 66 11.53 6.64 4.60
N GLU A 67 10.99 7.19 3.50
CA GLU A 67 9.56 7.11 3.22
C GLU A 67 9.20 5.68 2.77
N ALA A 68 9.99 5.13 1.82
CA ALA A 68 9.75 3.77 1.25
C ALA A 68 9.60 2.70 2.37
N GLU A 69 10.48 2.76 3.38
CA GLU A 69 10.48 1.80 4.50
C GLU A 69 9.36 2.13 5.54
N LYS A 70 8.95 3.42 5.65
CA LYS A 70 7.92 3.80 6.64
C LYS A 70 6.52 3.39 6.15
N PHE A 71 6.21 3.61 4.84
CA PHE A 71 4.94 3.16 4.20
C PHE A 71 4.88 1.62 4.18
N ALA A 72 6.07 0.98 4.09
CA ALA A 72 6.20 -0.47 4.22
C ALA A 72 5.65 -0.92 5.57
N ALA A 73 6.18 -0.32 6.66
CA ALA A 73 5.78 -0.62 8.04
C ALA A 73 4.28 -0.39 8.25
N ILE A 74 3.76 0.70 7.63
CA ILE A 74 2.33 1.08 7.68
C ILE A 74 1.46 -0.05 7.06
N LEU A 75 1.82 -0.49 5.83
CA LEU A 75 1.12 -1.57 5.09
C LEU A 75 1.21 -2.95 5.80
N ILE A 76 2.36 -3.23 6.45
CA ILE A 76 2.55 -4.43 7.29
C ILE A 76 1.51 -4.41 8.43
N LYS A 77 1.33 -3.23 9.07
CA LYS A 77 0.40 -3.02 10.19
C LYS A 77 -1.08 -3.12 9.73
N VAL A 78 -1.39 -2.56 8.54
CA VAL A 78 -2.75 -2.57 7.94
C VAL A 78 -3.23 -4.02 7.72
N TYR A 79 -2.37 -4.81 7.06
CA TYR A 79 -2.71 -6.18 6.62
C TYR A 79 -2.47 -7.22 7.73
N ALA A 80 -1.70 -6.87 8.77
CA ALA A 80 -1.56 -7.72 9.98
C ALA A 80 -2.89 -7.79 10.74
N GLU A 81 -3.62 -6.66 10.76
CA GLU A 81 -4.96 -6.59 11.38
C GLU A 81 -6.00 -7.43 10.59
N LEU A 82 -5.68 -7.70 9.31
CA LEU A 82 -6.50 -8.58 8.45
C LEU A 82 -6.12 -10.05 8.68
N GLY A 83 -4.85 -10.29 9.08
CA GLY A 83 -4.39 -11.64 9.40
C GLY A 83 -2.87 -11.73 9.42
N TYR A 84 -2.31 -12.31 10.50
CA TYR A 84 -0.86 -12.57 10.61
C TYR A 84 -0.53 -13.88 9.85
N ASN A 85 -0.40 -13.76 8.53
CA ASN A 85 -0.02 -14.88 7.64
C ASN A 85 1.49 -14.74 7.33
N ASP A 86 1.79 -13.75 6.47
CA ASP A 86 3.15 -13.36 6.09
C ASP A 86 3.02 -12.17 5.14
N ILE A 87 3.67 -11.05 5.46
CA ILE A 87 3.61 -9.83 4.63
C ILE A 87 4.96 -9.65 3.91
N ASN A 88 4.93 -9.66 2.57
CA ASN A 88 6.10 -9.41 1.71
C ASN A 88 6.24 -7.91 1.43
N VAL A 89 7.48 -7.44 1.23
CA VAL A 89 7.78 -6.06 0.82
C VAL A 89 8.88 -6.05 -0.26
N THR A 90 8.80 -5.08 -1.20
CA THR A 90 9.77 -4.91 -2.28
C THR A 90 9.96 -3.41 -2.54
N TRP A 91 11.12 -2.87 -2.15
CA TRP A 91 11.49 -1.48 -2.44
C TRP A 91 12.19 -1.44 -3.80
N ASP A 92 11.44 -1.05 -4.84
CA ASP A 92 11.90 -1.04 -6.24
C ASP A 92 11.42 0.24 -6.95
N GLY A 93 12.35 0.96 -7.60
CA GLY A 93 12.05 2.18 -8.35
C GLY A 93 11.50 3.29 -7.48
N ASP A 94 12.07 3.40 -6.25
CA ASP A 94 11.62 4.35 -5.20
C ASP A 94 10.15 4.12 -4.79
N THR A 95 9.64 2.93 -5.09
CA THR A 95 8.25 2.54 -4.83
C THR A 95 8.23 1.34 -3.89
N VAL A 96 7.44 1.42 -2.81
CA VAL A 96 7.27 0.31 -1.88
C VAL A 96 6.05 -0.54 -2.31
N THR A 97 6.35 -1.73 -2.83
CA THR A 97 5.37 -2.72 -3.25
C THR A 97 5.27 -3.81 -2.19
N VAL A 98 4.23 -3.71 -1.34
CA VAL A 98 3.93 -4.70 -0.31
C VAL A 98 2.94 -5.73 -0.86
N GLU A 99 3.31 -7.01 -0.78
CA GLU A 99 2.52 -8.11 -1.32
C GLU A 99 2.01 -8.98 -0.17
N GLY A 100 0.73 -9.38 -0.25
CA GLY A 100 0.14 -10.29 0.72
C GLY A 100 0.44 -11.73 0.33
N GLN A 101 1.37 -12.38 1.06
CA GLN A 101 1.83 -13.74 0.71
C GLN A 101 0.76 -14.77 1.06
N LEU A 102 0.46 -15.65 0.09
CA LEU A 102 -0.46 -16.78 0.30
C LEU A 102 0.21 -17.77 1.27
N GLU A 103 -0.23 -17.73 2.53
CA GLU A 103 0.20 -18.66 3.59
C GLU A 103 -1.06 -19.11 4.33
N GLY A 104 -1.25 -20.43 4.44
CA GLY A 104 -2.42 -21.00 5.08
C GLY A 104 -2.17 -22.41 5.59
N VAL A 105 -2.17 -22.56 6.92
CA VAL A 105 -2.06 -23.86 7.59
C VAL A 105 -3.39 -24.64 7.41
N ASP A 106 -3.42 -25.55 6.43
CA ASP A 106 -4.63 -26.27 6.03
C ASP A 106 -4.25 -27.57 5.27
N MET A 1 16.05 16.42 -17.60
CA MET A 1 14.88 16.85 -18.40
C MET A 1 14.22 15.61 -19.04
N HIS A 2 12.96 15.33 -18.64
CA HIS A 2 12.17 14.20 -19.18
C HIS A 2 10.69 14.62 -19.26
N HIS A 3 10.05 14.34 -20.43
CA HIS A 3 8.63 14.69 -20.66
C HIS A 3 7.70 13.71 -19.90
N HIS A 4 7.44 14.06 -18.65
CA HIS A 4 6.55 13.33 -17.73
C HIS A 4 6.01 14.35 -16.72
N HIS A 5 4.74 14.19 -16.29
CA HIS A 5 4.07 15.14 -15.38
C HIS A 5 4.79 15.17 -14.01
N HIS A 6 5.69 16.17 -13.86
CA HIS A 6 6.56 16.33 -12.70
C HIS A 6 5.77 16.81 -11.48
N HIS A 7 6.27 16.40 -10.30
CA HIS A 7 5.69 16.74 -9.00
C HIS A 7 6.86 17.07 -8.05
N ARG A 8 6.94 18.35 -7.64
CA ARG A 8 8.08 18.87 -6.83
C ARG A 8 8.17 18.16 -5.47
N SER A 9 7.02 18.02 -4.79
CA SER A 9 6.91 17.30 -3.51
C SER A 9 6.81 15.77 -3.72
N GLY A 10 6.62 15.35 -4.99
CA GLY A 10 6.49 13.93 -5.34
C GLY A 10 5.20 13.34 -4.79
N ASP A 11 4.06 13.76 -5.37
CA ASP A 11 2.71 13.39 -4.91
C ASP A 11 2.52 11.86 -4.94
N ILE A 12 2.16 11.32 -3.77
CA ILE A 12 2.12 9.89 -3.50
C ILE A 12 0.92 9.23 -4.23
N GLN A 13 1.23 8.52 -5.31
CA GLN A 13 0.24 7.71 -6.05
C GLN A 13 0.16 6.31 -5.41
N VAL A 14 -1.02 6.01 -4.87
CA VAL A 14 -1.33 4.75 -4.16
C VAL A 14 -2.26 3.92 -5.05
N GLN A 15 -1.85 2.69 -5.40
CA GLN A 15 -2.70 1.75 -6.16
C GLN A 15 -2.69 0.38 -5.48
N ASN A 16 -3.88 -0.03 -4.99
CA ASN A 16 -4.08 -1.34 -4.37
C ASN A 16 -4.83 -2.23 -5.37
N ASN A 17 -4.13 -3.26 -5.84
CA ASN A 17 -4.63 -4.28 -6.75
C ASN A 17 -4.52 -5.63 -6.02
N ASN A 18 -5.67 -6.20 -5.65
CA ASN A 18 -5.74 -7.41 -4.81
C ASN A 18 -6.00 -8.62 -5.70
N THR A 19 -5.33 -9.75 -5.41
CA THR A 19 -5.48 -10.96 -6.20
C THR A 19 -6.60 -11.81 -5.55
N CYS A 20 -7.77 -11.80 -6.21
CA CYS A 20 -9.07 -12.31 -5.72
C CYS A 20 -10.19 -11.70 -6.59
N ASN A 21 -11.19 -12.52 -6.98
CA ASN A 21 -12.40 -12.03 -7.69
C ASN A 21 -13.33 -11.34 -6.68
N GLY A 22 -12.96 -10.10 -6.32
CA GLY A 22 -13.67 -9.35 -5.27
C GLY A 22 -13.31 -7.88 -5.23
N LYS A 23 -12.35 -7.43 -6.07
CA LYS A 23 -11.92 -6.01 -6.12
C LYS A 23 -13.06 -5.19 -6.80
N THR A 24 -13.92 -4.61 -5.95
CA THR A 24 -15.12 -3.85 -6.39
C THR A 24 -14.70 -2.55 -7.11
N PHE A 25 -14.01 -1.68 -6.37
CA PHE A 25 -13.40 -0.45 -6.92
C PHE A 25 -11.90 -0.72 -7.10
N ASP A 26 -11.30 -0.25 -8.20
CA ASP A 26 -9.82 -0.30 -8.34
C ASP A 26 -9.25 0.85 -7.49
N TYR A 27 -8.63 0.48 -6.36
CA TYR A 27 -8.34 1.39 -5.25
C TYR A 27 -7.09 2.28 -5.55
N THR A 28 -7.29 3.28 -6.43
CA THR A 28 -6.26 4.26 -6.79
C THR A 28 -6.62 5.63 -6.15
N TYR A 29 -5.67 6.20 -5.38
CA TYR A 29 -5.82 7.49 -4.68
C TYR A 29 -4.48 8.25 -4.78
N THR A 30 -4.52 9.61 -4.84
CA THR A 30 -3.29 10.43 -4.92
C THR A 30 -3.32 11.52 -3.84
N VAL A 31 -2.46 11.34 -2.82
CA VAL A 31 -2.31 12.29 -1.69
C VAL A 31 -0.91 12.92 -1.74
N THR A 32 -0.77 14.18 -1.30
CA THR A 32 0.55 14.87 -1.29
C THR A 32 1.29 14.61 0.04
N THR A 33 0.53 14.27 1.11
CA THR A 33 1.07 14.11 2.47
C THR A 33 0.85 12.68 2.99
N GLU A 34 1.77 12.23 3.86
CA GLU A 34 1.78 10.89 4.47
C GLU A 34 0.65 10.75 5.50
N SER A 35 0.33 11.87 6.16
CA SER A 35 -0.78 11.96 7.13
C SER A 35 -2.12 11.56 6.48
N GLU A 36 -2.35 12.08 5.26
CA GLU A 36 -3.57 11.82 4.46
C GLU A 36 -3.63 10.34 4.04
N LEU A 37 -2.46 9.77 3.77
CA LEU A 37 -2.31 8.37 3.33
C LEU A 37 -2.68 7.38 4.45
N GLN A 38 -2.48 7.78 5.71
CA GLN A 38 -2.85 6.97 6.89
C GLN A 38 -4.39 6.77 6.96
N LYS A 39 -5.14 7.76 6.42
CA LYS A 39 -6.61 7.70 6.27
C LYS A 39 -6.99 6.80 5.09
N VAL A 40 -6.16 6.85 4.01
CA VAL A 40 -6.33 6.00 2.81
C VAL A 40 -6.25 4.51 3.20
N LEU A 41 -5.24 4.14 4.00
CA LEU A 41 -5.03 2.75 4.46
C LEU A 41 -6.06 2.33 5.53
N ASN A 42 -6.57 3.32 6.27
CA ASN A 42 -7.59 3.10 7.32
C ASN A 42 -8.92 2.63 6.68
N GLU A 43 -9.35 3.34 5.62
CA GLU A 43 -10.59 3.01 4.89
C GLU A 43 -10.39 1.79 3.96
N LEU A 44 -9.15 1.66 3.42
CA LEU A 44 -8.77 0.57 2.47
C LEU A 44 -8.84 -0.79 3.16
N LYS A 45 -8.48 -0.81 4.45
CA LYS A 45 -8.55 -1.99 5.33
C LYS A 45 -9.95 -2.66 5.29
N ASP A 46 -10.98 -1.80 5.29
CA ASP A 46 -12.39 -2.22 5.18
C ASP A 46 -12.69 -2.74 3.78
N TYR A 47 -12.27 -1.96 2.75
CA TYR A 47 -12.58 -2.24 1.33
C TYR A 47 -12.03 -3.60 0.85
N ILE A 48 -10.91 -4.04 1.44
CA ILE A 48 -10.27 -5.31 1.13
C ILE A 48 -10.97 -6.47 1.89
N LYS A 49 -11.12 -6.29 3.21
CA LYS A 49 -11.60 -7.35 4.13
C LYS A 49 -13.07 -7.74 3.85
N LYS A 50 -13.91 -6.71 3.70
CA LYS A 50 -15.37 -6.83 3.53
C LYS A 50 -15.71 -7.65 2.26
N GLN A 51 -14.93 -7.40 1.19
CA GLN A 51 -15.07 -8.13 -0.10
C GLN A 51 -14.42 -9.53 -0.04
N GLY A 52 -13.62 -9.78 1.03
CA GLY A 52 -13.08 -11.11 1.33
C GLY A 52 -11.96 -11.52 0.39
N CYS A 53 -10.80 -10.88 0.53
CA CYS A 53 -9.63 -11.13 -0.34
C CYS A 53 -8.56 -11.95 0.40
N LYS A 54 -7.62 -12.53 -0.36
CA LYS A 54 -6.49 -13.31 0.17
C LYS A 54 -5.23 -12.43 0.24
N ARG A 55 -4.60 -12.16 -0.93
CA ARG A 55 -3.38 -11.33 -1.02
C ARG A 55 -3.73 -9.92 -1.44
N SER A 56 -3.25 -8.94 -0.66
CA SER A 56 -3.46 -7.52 -0.91
C SER A 56 -2.13 -6.87 -1.29
N ARG A 57 -2.03 -6.39 -2.54
CA ARG A 57 -0.85 -5.68 -3.03
C ARG A 57 -1.15 -4.19 -3.11
N THR A 58 -0.50 -3.39 -2.25
CA THR A 58 -0.55 -1.92 -2.32
C THR A 58 0.85 -1.39 -2.71
N SER A 59 0.90 -0.72 -3.85
CA SER A 59 2.11 -0.07 -4.36
C SER A 59 1.98 1.44 -4.11
N ILE A 60 2.92 2.00 -3.31
CA ILE A 60 2.86 3.38 -2.80
C ILE A 60 4.11 4.16 -3.26
N THR A 61 3.92 5.34 -3.91
CA THR A 61 5.04 6.17 -4.41
C THR A 61 5.96 6.61 -3.23
N ALA A 62 7.20 6.12 -3.28
CA ALA A 62 8.24 6.37 -2.27
C ALA A 62 9.36 7.18 -2.93
N ARG A 63 9.46 8.47 -2.53
CA ARG A 63 10.44 9.42 -3.12
C ARG A 63 11.89 8.93 -2.90
N THR A 64 12.08 8.26 -1.76
CA THR A 64 13.36 7.65 -1.35
C THR A 64 13.06 6.26 -0.71
N LYS A 65 14.11 5.51 -0.36
CA LYS A 65 13.95 4.24 0.40
C LYS A 65 13.64 4.54 1.89
N LYS A 66 13.92 5.80 2.31
CA LYS A 66 13.56 6.30 3.65
C LYS A 66 12.03 6.50 3.73
N GLU A 67 11.44 6.90 2.59
CA GLU A 67 9.97 6.96 2.46
C GLU A 67 9.42 5.52 2.50
N ALA A 68 10.00 4.65 1.65
CA ALA A 68 9.62 3.22 1.53
C ALA A 68 9.61 2.49 2.89
N GLU A 69 10.53 2.92 3.79
CA GLU A 69 10.65 2.43 5.15
C GLU A 69 9.36 2.73 5.98
N LYS A 70 8.93 4.01 5.99
CA LYS A 70 7.81 4.43 6.85
C LYS A 70 6.46 3.92 6.30
N PHE A 71 6.29 3.89 4.95
CA PHE A 71 5.07 3.33 4.32
C PHE A 71 5.01 1.81 4.46
N ALA A 72 6.16 1.18 4.71
CA ALA A 72 6.21 -0.25 5.07
C ALA A 72 5.52 -0.44 6.43
N ALA A 73 5.85 0.39 7.43
CA ALA A 73 5.20 0.33 8.77
C ALA A 73 3.68 0.63 8.69
N ILE A 74 3.31 1.46 7.70
CA ILE A 74 1.91 1.82 7.38
C ILE A 74 1.16 0.61 6.77
N LEU A 75 1.83 -0.13 5.89
CA LEU A 75 1.24 -1.26 5.14
C LEU A 75 1.16 -2.54 5.99
N ILE A 76 2.28 -2.87 6.68
CA ILE A 76 2.35 -4.00 7.65
C ILE A 76 1.23 -3.89 8.71
N LYS A 77 0.87 -2.64 9.07
CA LYS A 77 -0.19 -2.34 10.07
C LYS A 77 -1.57 -2.88 9.61
N VAL A 78 -1.80 -2.82 8.28
CA VAL A 78 -3.05 -3.27 7.64
C VAL A 78 -3.01 -4.80 7.39
N TYR A 79 -1.85 -5.30 6.89
CA TYR A 79 -1.67 -6.72 6.51
C TYR A 79 -1.58 -7.64 7.75
N ALA A 80 -1.22 -7.07 8.91
CA ALA A 80 -1.16 -7.79 10.19
C ALA A 80 -2.58 -8.03 10.75
N GLU A 81 -3.52 -7.13 10.38
CA GLU A 81 -4.92 -7.22 10.79
C GLU A 81 -5.69 -8.21 9.90
N LEU A 82 -5.57 -8.02 8.57
CA LEU A 82 -6.37 -8.76 7.57
C LEU A 82 -5.73 -10.12 7.23
N GLY A 83 -4.41 -10.19 7.36
CA GLY A 83 -3.65 -11.39 7.01
C GLY A 83 -3.23 -12.19 8.23
N TYR A 84 -2.29 -11.60 9.01
CA TYR A 84 -1.64 -12.27 10.17
C TYR A 84 -1.08 -13.66 9.75
N ASN A 85 0.02 -13.64 9.01
CA ASN A 85 0.65 -14.85 8.44
C ASN A 85 2.15 -14.56 8.23
N ASP A 86 2.42 -13.68 7.26
CA ASP A 86 3.78 -13.23 6.90
C ASP A 86 3.65 -12.07 5.90
N ILE A 87 4.71 -11.27 5.77
CA ILE A 87 4.74 -10.11 4.86
C ILE A 87 5.74 -10.38 3.71
N ASN A 88 5.35 -9.97 2.49
CA ASN A 88 6.23 -10.01 1.30
C ASN A 88 6.46 -8.56 0.82
N VAL A 89 7.68 -8.03 1.04
CA VAL A 89 8.04 -6.64 0.66
C VAL A 89 9.03 -6.65 -0.54
N THR A 90 8.77 -5.75 -1.51
CA THR A 90 9.58 -5.58 -2.72
C THR A 90 9.55 -4.09 -3.12
N TRP A 91 10.72 -3.54 -3.50
CA TRP A 91 10.87 -2.13 -3.88
C TRP A 91 10.92 -2.03 -5.40
N ASP A 92 9.96 -1.28 -5.97
CA ASP A 92 9.89 -1.03 -7.43
C ASP A 92 10.98 -0.02 -7.85
N GLY A 93 11.32 0.88 -6.92
CA GLY A 93 12.35 1.91 -7.11
C GLY A 93 11.92 3.22 -6.49
N ASP A 94 11.18 4.01 -7.29
CA ASP A 94 10.50 5.24 -6.82
C ASP A 94 9.10 4.92 -6.24
N THR A 95 8.84 3.62 -6.04
CA THR A 95 7.61 3.10 -5.46
C THR A 95 7.94 1.85 -4.60
N VAL A 96 7.15 1.56 -3.55
CA VAL A 96 7.32 0.36 -2.72
C VAL A 96 6.01 -0.49 -2.74
N THR A 97 6.13 -1.72 -3.27
CA THR A 97 5.07 -2.74 -3.19
C THR A 97 5.26 -3.58 -1.92
N VAL A 98 4.30 -3.53 -1.00
CA VAL A 98 4.22 -4.50 0.11
C VAL A 98 2.94 -5.33 -0.11
N GLU A 99 3.01 -6.62 0.27
CA GLU A 99 1.92 -7.60 0.06
C GLU A 99 1.73 -8.44 1.33
N GLY A 100 0.49 -8.90 1.54
CA GLY A 100 0.22 -9.99 2.47
C GLY A 100 0.61 -11.31 1.81
N GLN A 101 1.52 -12.08 2.45
CA GLN A 101 2.15 -13.26 1.82
C GLN A 101 1.14 -14.41 1.71
N LEU A 102 0.75 -14.70 0.46
CA LEU A 102 -0.19 -15.78 0.10
C LEU A 102 0.58 -16.86 -0.66
N GLU A 103 0.33 -18.12 -0.31
CA GLU A 103 0.91 -19.30 -0.99
C GLU A 103 -0.20 -20.35 -1.14
N GLY A 104 -0.82 -20.38 -2.33
CA GLY A 104 -1.92 -21.30 -2.64
C GLY A 104 -1.45 -22.74 -2.82
N VAL A 105 -1.69 -23.32 -4.00
CA VAL A 105 -1.38 -24.73 -4.31
C VAL A 105 -0.08 -24.83 -5.14
N ASP A 106 0.90 -25.62 -4.66
CA ASP A 106 2.19 -25.81 -5.34
C ASP A 106 2.47 -27.33 -5.46
N MET A 1 -6.64 14.99 -16.87
CA MET A 1 -6.63 13.53 -16.68
C MET A 1 -6.16 12.85 -17.98
N HIS A 2 -5.05 12.06 -17.87
CA HIS A 2 -4.43 11.31 -18.99
C HIS A 2 -3.99 12.25 -20.16
N HIS A 3 -3.70 13.53 -19.82
CA HIS A 3 -3.21 14.53 -20.79
C HIS A 3 -1.92 15.16 -20.22
N HIS A 4 -0.75 14.69 -20.69
CA HIS A 4 0.54 15.11 -20.14
C HIS A 4 0.82 16.59 -20.44
N HIS A 5 1.13 17.34 -19.37
CA HIS A 5 1.49 18.76 -19.42
C HIS A 5 2.96 18.92 -18.98
N HIS A 6 3.46 20.18 -18.96
CA HIS A 6 4.84 20.48 -18.50
C HIS A 6 4.91 20.57 -16.95
N HIS A 7 4.00 19.85 -16.27
CA HIS A 7 3.89 19.87 -14.81
C HIS A 7 3.29 18.54 -14.32
N ARG A 8 3.83 18.04 -13.23
CA ARG A 8 3.25 16.93 -12.45
C ARG A 8 3.37 17.34 -10.97
N SER A 9 2.40 16.93 -10.15
CA SER A 9 2.37 17.29 -8.72
C SER A 9 3.31 16.37 -7.90
N GLY A 10 3.68 16.85 -6.70
CA GLY A 10 4.50 16.07 -5.75
C GLY A 10 3.64 15.20 -4.85
N ASP A 11 2.70 14.47 -5.50
CA ASP A 11 1.74 13.60 -4.82
C ASP A 11 2.31 12.18 -4.64
N ILE A 12 1.75 11.48 -3.67
CA ILE A 12 1.99 10.05 -3.43
C ILE A 12 0.81 9.28 -4.05
N GLN A 13 1.05 8.60 -5.19
CA GLN A 13 0.03 7.80 -5.86
C GLN A 13 -0.08 6.42 -5.17
N VAL A 14 -1.13 6.25 -4.37
CA VAL A 14 -1.43 4.99 -3.65
C VAL A 14 -2.38 4.15 -4.52
N GLN A 15 -2.00 2.91 -4.81
CA GLN A 15 -2.85 1.95 -5.55
C GLN A 15 -2.85 0.59 -4.85
N ASN A 16 -3.94 -0.16 -4.99
CA ASN A 16 -3.98 -1.60 -4.71
C ASN A 16 -4.57 -2.32 -5.92
N ASN A 17 -3.84 -3.31 -6.44
CA ASN A 17 -4.31 -4.15 -7.55
C ASN A 17 -4.76 -5.48 -6.96
N ASN A 18 -6.09 -5.72 -7.02
CA ASN A 18 -6.70 -6.91 -6.44
C ASN A 18 -6.99 -7.94 -7.54
N THR A 19 -6.50 -9.17 -7.34
CA THR A 19 -6.87 -10.30 -8.17
C THR A 19 -8.03 -11.00 -7.44
N CYS A 20 -9.24 -10.87 -8.01
CA CYS A 20 -10.49 -11.25 -7.35
C CYS A 20 -11.69 -10.97 -8.29
N ASN A 21 -12.87 -11.46 -7.88
CA ASN A 21 -14.16 -11.15 -8.55
C ASN A 21 -14.73 -9.78 -8.08
N GLY A 22 -14.04 -9.13 -7.12
CA GLY A 22 -14.47 -7.84 -6.54
C GLY A 22 -14.56 -6.70 -7.55
N LYS A 23 -15.55 -5.81 -7.35
CA LYS A 23 -15.89 -4.75 -8.32
C LYS A 23 -14.80 -3.65 -8.38
N THR A 24 -14.46 -3.06 -7.22
CA THR A 24 -13.57 -1.88 -7.15
C THR A 24 -12.10 -2.30 -7.32
N PHE A 25 -11.68 -2.36 -8.58
CA PHE A 25 -10.28 -2.66 -8.97
C PHE A 25 -9.38 -1.43 -8.78
N ASP A 26 -10.03 -0.25 -8.67
CA ASP A 26 -9.39 1.08 -8.62
C ASP A 26 -8.42 1.19 -7.42
N TYR A 27 -8.98 1.49 -6.21
CA TYR A 27 -8.22 1.66 -4.94
C TYR A 27 -7.11 2.74 -5.04
N THR A 28 -7.22 3.62 -6.06
CA THR A 28 -6.22 4.66 -6.33
C THR A 28 -6.62 5.95 -5.61
N TYR A 29 -5.76 6.38 -4.68
CA TYR A 29 -5.91 7.66 -3.96
C TYR A 29 -4.65 8.49 -4.16
N THR A 30 -4.85 9.69 -4.68
CA THR A 30 -3.79 10.64 -4.93
C THR A 30 -3.75 11.61 -3.73
N VAL A 31 -2.75 11.42 -2.85
CA VAL A 31 -2.61 12.21 -1.61
C VAL A 31 -1.22 12.86 -1.60
N THR A 32 -1.16 14.19 -1.47
CA THR A 32 0.12 14.93 -1.59
C THR A 32 0.83 14.97 -0.23
N THR A 33 0.04 14.90 0.85
CA THR A 33 0.55 14.91 2.22
C THR A 33 0.44 13.52 2.83
N GLU A 34 1.44 13.14 3.64
CA GLU A 34 1.49 11.83 4.31
C GLU A 34 0.37 11.71 5.35
N SER A 35 -0.01 12.86 5.94
CA SER A 35 -1.10 12.96 6.92
C SER A 35 -2.43 12.41 6.34
N GLU A 36 -2.65 12.70 5.04
CA GLU A 36 -3.83 12.25 4.29
C GLU A 36 -3.81 10.72 4.14
N LEU A 37 -2.63 10.19 3.82
CA LEU A 37 -2.39 8.75 3.58
C LEU A 37 -2.69 7.93 4.85
N GLN A 38 -2.48 8.55 6.03
CA GLN A 38 -2.72 7.88 7.33
C GLN A 38 -4.18 7.43 7.47
N LYS A 39 -5.12 8.20 6.91
CA LYS A 39 -6.55 7.85 6.92
C LYS A 39 -6.90 6.88 5.78
N VAL A 40 -6.22 7.01 4.59
CA VAL A 40 -6.56 6.17 3.42
C VAL A 40 -6.29 4.69 3.72
N LEU A 41 -5.34 4.41 4.65
CA LEU A 41 -5.06 3.04 5.11
C LEU A 41 -6.21 2.47 5.97
N ASN A 42 -6.79 3.33 6.82
CA ASN A 42 -7.85 2.93 7.78
C ASN A 42 -9.13 2.52 7.03
N GLU A 43 -9.56 3.37 6.09
CA GLU A 43 -10.78 3.16 5.29
C GLU A 43 -10.59 2.00 4.28
N LEU A 44 -9.45 2.01 3.56
CA LEU A 44 -9.16 1.05 2.47
C LEU A 44 -8.89 -0.36 3.03
N LYS A 45 -8.50 -0.43 4.32
CA LYS A 45 -8.33 -1.70 5.07
C LYS A 45 -9.56 -2.61 4.93
N ASP A 46 -10.74 -1.98 5.07
CA ASP A 46 -12.05 -2.64 4.91
C ASP A 46 -12.19 -3.24 3.49
N TYR A 47 -11.98 -2.38 2.47
CA TYR A 47 -12.24 -2.72 1.06
C TYR A 47 -11.28 -3.82 0.56
N ILE A 48 -9.98 -3.71 0.93
CA ILE A 48 -8.93 -4.68 0.56
C ILE A 48 -9.27 -6.07 1.12
N LYS A 49 -9.72 -6.10 2.39
CA LYS A 49 -10.12 -7.33 3.07
C LYS A 49 -11.43 -7.90 2.45
N LYS A 50 -12.32 -6.98 2.02
CA LYS A 50 -13.68 -7.31 1.53
C LYS A 50 -13.67 -7.84 0.09
N GLN A 51 -12.67 -7.42 -0.70
CA GLN A 51 -12.49 -7.86 -2.09
C GLN A 51 -11.13 -8.55 -2.27
N GLY A 52 -10.51 -8.95 -1.16
CA GLY A 52 -9.28 -9.75 -1.20
C GLY A 52 -9.60 -11.22 -1.11
N CYS A 53 -10.48 -11.69 -2.02
CA CYS A 53 -10.99 -13.08 -2.03
C CYS A 53 -9.93 -14.08 -2.52
N LYS A 54 -8.82 -13.55 -3.04
CA LYS A 54 -7.70 -14.34 -3.58
C LYS A 54 -6.36 -13.67 -3.24
N ARG A 55 -6.06 -12.51 -3.88
CA ARG A 55 -4.84 -11.71 -3.63
C ARG A 55 -5.13 -10.22 -3.83
N SER A 56 -4.47 -9.37 -3.00
CA SER A 56 -4.50 -7.91 -3.12
C SER A 56 -3.09 -7.33 -2.83
N ARG A 57 -2.47 -6.67 -3.83
CA ARG A 57 -1.08 -6.17 -3.74
C ARG A 57 -1.10 -4.62 -3.73
N THR A 58 -0.69 -3.99 -2.60
CA THR A 58 -0.75 -2.53 -2.43
C THR A 58 0.63 -1.89 -2.73
N SER A 59 0.66 -1.01 -3.74
CA SER A 59 1.87 -0.30 -4.17
C SER A 59 1.71 1.22 -3.89
N ILE A 60 2.62 1.77 -3.06
CA ILE A 60 2.64 3.21 -2.70
C ILE A 60 3.89 3.83 -3.34
N THR A 61 3.71 4.95 -4.10
CA THR A 61 4.83 5.65 -4.78
C THR A 61 5.85 6.19 -3.74
N ALA A 62 6.98 5.48 -3.63
CA ALA A 62 8.11 5.85 -2.76
C ALA A 62 9.09 6.74 -3.54
N ARG A 63 9.48 7.87 -2.94
CA ARG A 63 10.42 8.83 -3.55
C ARG A 63 11.87 8.42 -3.20
N THR A 64 12.21 8.57 -1.92
CA THR A 64 13.50 8.14 -1.35
C THR A 64 13.38 6.75 -0.71
N LYS A 65 14.50 6.21 -0.21
CA LYS A 65 14.52 4.97 0.58
C LYS A 65 13.76 5.19 1.92
N LYS A 66 13.79 6.45 2.42
CA LYS A 66 13.14 6.86 3.66
C LYS A 66 11.62 6.76 3.53
N GLU A 67 11.09 6.95 2.30
CA GLU A 67 9.68 6.71 2.00
C GLU A 67 9.42 5.20 1.98
N ALA A 68 10.29 4.47 1.27
CA ALA A 68 10.19 3.02 1.03
C ALA A 68 10.15 2.20 2.34
N GLU A 69 10.90 2.67 3.36
CA GLU A 69 11.05 1.94 4.64
C GLU A 69 9.88 2.26 5.60
N LYS A 70 9.40 3.53 5.62
CA LYS A 70 8.38 3.96 6.60
C LYS A 70 6.97 3.58 6.13
N PHE A 71 6.67 3.70 4.80
CA PHE A 71 5.37 3.30 4.24
C PHE A 71 5.26 1.76 4.21
N ALA A 72 6.42 1.06 4.19
CA ALA A 72 6.45 -0.39 4.38
C ALA A 72 5.84 -0.72 5.75
N ALA A 73 6.36 -0.07 6.81
CA ALA A 73 5.85 -0.21 8.19
C ALA A 73 4.35 0.10 8.27
N ILE A 74 3.95 1.23 7.63
CA ILE A 74 2.55 1.71 7.56
C ILE A 74 1.61 0.62 6.99
N LEU A 75 2.13 -0.16 6.01
CA LEU A 75 1.38 -1.25 5.38
C LEU A 75 1.34 -2.52 6.28
N ILE A 76 2.52 -2.92 6.86
CA ILE A 76 2.63 -4.13 7.72
C ILE A 76 1.70 -4.02 8.97
N LYS A 77 1.65 -2.80 9.57
CA LYS A 77 0.83 -2.49 10.76
C LYS A 77 -0.66 -2.84 10.53
N VAL A 78 -1.13 -2.57 9.29
CA VAL A 78 -2.52 -2.81 8.87
C VAL A 78 -2.75 -4.29 8.52
N TYR A 79 -1.75 -4.93 7.87
CA TYR A 79 -1.90 -6.30 7.33
C TYR A 79 -1.75 -7.37 8.41
N ALA A 80 -1.09 -7.02 9.53
CA ALA A 80 -1.01 -7.91 10.70
C ALA A 80 -2.38 -8.01 11.39
N GLU A 81 -3.26 -7.02 11.12
CA GLU A 81 -4.66 -7.03 11.57
C GLU A 81 -5.54 -7.84 10.62
N LEU A 82 -5.15 -7.88 9.34
CA LEU A 82 -5.88 -8.60 8.27
C LEU A 82 -5.42 -10.07 8.15
N GLY A 83 -4.29 -10.39 8.81
CA GLY A 83 -3.70 -11.72 8.80
C GLY A 83 -2.36 -11.73 9.52
N TYR A 84 -2.35 -12.16 10.80
CA TYR A 84 -1.18 -12.02 11.68
C TYR A 84 -0.12 -13.11 11.36
N ASN A 85 0.95 -12.68 10.69
CA ASN A 85 2.12 -13.51 10.36
C ASN A 85 3.25 -12.60 9.86
N ASP A 86 4.35 -13.20 9.36
CA ASP A 86 5.44 -12.45 8.71
C ASP A 86 4.93 -11.88 7.38
N ILE A 87 4.64 -10.57 7.34
CA ILE A 87 4.11 -9.90 6.14
C ILE A 87 5.28 -9.54 5.22
N ASN A 88 5.21 -9.91 3.92
CA ASN A 88 6.33 -9.75 2.98
C ASN A 88 6.28 -8.39 2.26
N VAL A 89 7.45 -7.73 2.18
CA VAL A 89 7.64 -6.48 1.45
C VAL A 89 8.52 -6.74 0.20
N THR A 90 8.18 -6.08 -0.91
CA THR A 90 8.89 -6.20 -2.18
C THR A 90 9.00 -4.81 -2.81
N TRP A 91 10.23 -4.26 -2.83
CA TRP A 91 10.51 -2.97 -3.49
C TRP A 91 10.83 -3.24 -4.96
N ASP A 92 9.81 -3.02 -5.81
CA ASP A 92 9.90 -3.17 -7.27
C ASP A 92 9.70 -1.81 -7.93
N GLY A 93 10.62 -1.45 -8.86
CA GLY A 93 10.59 -0.16 -9.57
C GLY A 93 10.76 1.04 -8.63
N ASP A 94 11.54 0.85 -7.54
CA ASP A 94 11.84 1.88 -6.50
C ASP A 94 10.59 2.31 -5.72
N THR A 95 9.51 1.53 -5.89
CA THR A 95 8.21 1.77 -5.26
C THR A 95 8.04 0.76 -4.09
N VAL A 96 7.39 1.19 -2.98
CA VAL A 96 7.19 0.30 -1.82
C VAL A 96 5.86 -0.45 -1.98
N THR A 97 5.97 -1.74 -2.25
CA THR A 97 4.82 -2.61 -2.46
C THR A 97 4.83 -3.74 -1.43
N VAL A 98 3.73 -3.88 -0.66
CA VAL A 98 3.60 -4.95 0.35
C VAL A 98 2.35 -5.78 0.04
N GLU A 99 2.45 -7.10 0.29
CA GLU A 99 1.37 -8.06 0.04
C GLU A 99 1.34 -9.09 1.19
N GLY A 100 0.20 -9.78 1.35
CA GLY A 100 0.08 -10.90 2.30
C GLY A 100 0.97 -12.07 1.90
N GLN A 101 1.62 -12.71 2.91
CA GLN A 101 2.56 -13.80 2.68
C GLN A 101 1.80 -15.10 2.32
N LEU A 102 1.89 -15.48 1.05
CA LEU A 102 1.41 -16.79 0.56
C LEU A 102 2.56 -17.81 0.68
N GLU A 103 2.24 -19.11 0.60
CA GLU A 103 3.25 -20.18 0.60
C GLU A 103 4.02 -20.16 -0.74
N GLY A 104 5.12 -19.39 -0.77
CA GLY A 104 5.97 -19.26 -1.96
C GLY A 104 7.14 -20.23 -1.88
N VAL A 105 6.81 -21.53 -1.89
CA VAL A 105 7.76 -22.64 -1.68
C VAL A 105 8.96 -22.57 -2.66
N ASP A 106 10.19 -22.53 -2.10
CA ASP A 106 11.44 -22.44 -2.85
C ASP A 106 12.31 -23.72 -2.64
N MET A 1 12.92 13.18 10.68
CA MET A 1 13.95 12.17 10.33
C MET A 1 14.50 12.43 8.91
N HIS A 2 13.65 13.00 8.03
CA HIS A 2 14.01 13.34 6.65
C HIS A 2 14.67 14.74 6.65
N HIS A 3 15.94 14.77 7.08
CA HIS A 3 16.76 16.00 7.18
C HIS A 3 17.13 16.50 5.78
N HIS A 4 17.18 15.56 4.81
CA HIS A 4 17.41 15.86 3.39
C HIS A 4 16.08 16.30 2.72
N HIS A 5 15.46 17.36 3.26
CA HIS A 5 14.19 17.89 2.77
C HIS A 5 14.37 18.55 1.38
N HIS A 6 13.65 18.01 0.38
CA HIS A 6 13.77 18.46 -1.03
C HIS A 6 12.43 19.02 -1.49
N HIS A 7 12.44 20.28 -1.97
CA HIS A 7 11.23 20.93 -2.54
C HIS A 7 10.84 20.27 -3.86
N ARG A 8 9.54 20.38 -4.18
CA ARG A 8 8.90 19.67 -5.32
C ARG A 8 8.98 18.15 -5.06
N SER A 9 8.49 17.75 -3.87
CA SER A 9 8.51 16.35 -3.41
C SER A 9 7.62 15.46 -4.30
N GLY A 10 6.57 16.07 -4.89
CA GLY A 10 5.66 15.36 -5.79
C GLY A 10 4.57 14.59 -5.06
N ASP A 11 3.48 14.27 -5.79
CA ASP A 11 2.34 13.51 -5.23
C ASP A 11 2.72 12.04 -5.01
N ILE A 12 2.04 11.41 -4.06
CA ILE A 12 2.24 10.00 -3.70
C ILE A 12 1.02 9.17 -4.19
N GLN A 13 1.28 8.20 -5.09
CA GLN A 13 0.28 7.22 -5.55
C GLN A 13 0.12 6.08 -4.53
N VAL A 14 -1.12 5.58 -4.44
CA VAL A 14 -1.48 4.41 -3.66
C VAL A 14 -2.26 3.48 -4.60
N GLN A 15 -1.65 2.36 -5.01
CA GLN A 15 -2.25 1.43 -5.98
C GLN A 15 -2.53 0.11 -5.27
N ASN A 16 -3.80 -0.16 -4.93
CA ASN A 16 -4.22 -1.40 -4.25
C ASN A 16 -4.90 -2.32 -5.26
N ASN A 17 -4.30 -3.48 -5.48
CA ASN A 17 -4.82 -4.50 -6.39
C ASN A 17 -5.08 -5.79 -5.59
N ASN A 18 -6.35 -6.12 -5.40
CA ASN A 18 -6.78 -7.39 -4.78
C ASN A 18 -7.26 -8.32 -5.90
N THR A 19 -6.60 -9.49 -6.01
CA THR A 19 -6.80 -10.45 -7.12
C THR A 19 -7.30 -11.81 -6.57
N CYS A 20 -8.49 -12.23 -7.02
CA CYS A 20 -9.16 -13.47 -6.58
C CYS A 20 -10.43 -13.71 -7.43
N ASN A 21 -10.87 -14.98 -7.49
CA ASN A 21 -12.07 -15.41 -8.23
C ASN A 21 -13.34 -14.75 -7.66
N GLY A 22 -13.76 -13.67 -8.33
CA GLY A 22 -14.92 -12.89 -7.93
C GLY A 22 -14.88 -11.50 -8.57
N LYS A 23 -15.07 -10.45 -7.75
CA LYS A 23 -15.02 -9.04 -8.22
C LYS A 23 -13.73 -8.39 -7.69
N THR A 24 -12.77 -8.12 -8.59
CA THR A 24 -11.51 -7.45 -8.24
C THR A 24 -11.73 -5.91 -8.18
N PHE A 25 -11.99 -5.39 -6.97
CA PHE A 25 -12.14 -3.95 -6.74
C PHE A 25 -10.75 -3.27 -6.77
N ASP A 26 -10.38 -2.75 -7.94
CA ASP A 26 -9.15 -1.95 -8.11
C ASP A 26 -9.30 -0.61 -7.39
N TYR A 27 -8.45 -0.37 -6.38
CA TYR A 27 -8.42 0.89 -5.63
C TYR A 27 -7.18 1.68 -6.05
N THR A 28 -7.37 2.98 -6.33
CA THR A 28 -6.27 3.93 -6.60
C THR A 28 -6.56 5.27 -5.91
N TYR A 29 -5.61 5.72 -5.09
CA TYR A 29 -5.67 7.01 -4.37
C TYR A 29 -4.43 7.85 -4.75
N THR A 30 -4.56 9.17 -4.78
CA THR A 30 -3.44 10.08 -5.00
C THR A 30 -3.47 11.15 -3.90
N VAL A 31 -2.53 11.07 -2.95
CA VAL A 31 -2.40 12.04 -1.84
C VAL A 31 -1.21 12.99 -2.09
N THR A 32 -1.20 14.13 -1.41
CA THR A 32 -0.06 15.08 -1.43
C THR A 32 0.61 15.14 -0.04
N THR A 33 -0.10 14.60 0.97
CA THR A 33 0.32 14.62 2.38
C THR A 33 0.33 13.18 2.94
N GLU A 34 1.30 12.91 3.85
CA GLU A 34 1.49 11.59 4.50
C GLU A 34 0.30 11.25 5.40
N SER A 35 -0.22 12.29 6.09
CA SER A 35 -1.37 12.19 6.99
C SER A 35 -2.62 11.66 6.26
N GLU A 36 -2.86 12.20 5.04
CA GLU A 36 -3.98 11.79 4.16
C GLU A 36 -3.87 10.29 3.80
N LEU A 37 -2.63 9.83 3.59
CA LEU A 37 -2.35 8.45 3.19
C LEU A 37 -2.67 7.47 4.33
N GLN A 38 -2.42 7.90 5.58
CA GLN A 38 -2.77 7.13 6.79
C GLN A 38 -4.30 6.88 6.85
N LYS A 39 -5.07 7.89 6.38
CA LYS A 39 -6.55 7.81 6.32
C LYS A 39 -6.98 6.82 5.22
N VAL A 40 -6.43 6.97 3.99
CA VAL A 40 -6.83 6.13 2.84
C VAL A 40 -6.48 4.65 3.08
N LEU A 41 -5.43 4.40 3.91
CA LEU A 41 -5.01 3.04 4.32
C LEU A 41 -5.87 2.52 5.50
N ASN A 42 -6.27 3.42 6.41
CA ASN A 42 -7.10 3.08 7.60
C ASN A 42 -8.44 2.46 7.14
N GLU A 43 -9.03 3.08 6.11
CA GLU A 43 -10.30 2.63 5.52
C GLU A 43 -10.09 1.48 4.53
N LEU A 44 -8.95 1.52 3.77
CA LEU A 44 -8.60 0.50 2.74
C LEU A 44 -8.60 -0.91 3.35
N LYS A 45 -8.14 -0.95 4.60
CA LYS A 45 -8.12 -2.14 5.46
C LYS A 45 -9.52 -2.82 5.54
N ASP A 46 -10.57 -1.98 5.71
CA ASP A 46 -11.99 -2.42 5.75
C ASP A 46 -12.44 -2.99 4.39
N TYR A 47 -12.02 -2.32 3.30
CA TYR A 47 -12.37 -2.72 1.92
C TYR A 47 -11.82 -4.11 1.57
N ILE A 48 -10.51 -4.33 1.85
CA ILE A 48 -9.80 -5.59 1.52
C ILE A 48 -10.35 -6.77 2.37
N LYS A 49 -10.70 -6.46 3.64
CA LYS A 49 -11.36 -7.39 4.57
C LYS A 49 -12.74 -7.82 4.03
N LYS A 50 -13.47 -6.81 3.50
CA LYS A 50 -14.83 -6.97 2.94
C LYS A 50 -14.79 -7.84 1.67
N GLN A 51 -13.69 -7.68 0.91
CA GLN A 51 -13.37 -8.53 -0.25
C GLN A 51 -13.12 -9.97 0.21
N GLY A 52 -12.37 -10.10 1.33
CA GLY A 52 -11.87 -11.40 1.81
C GLY A 52 -10.91 -12.04 0.80
N CYS A 53 -10.20 -11.16 0.06
CA CYS A 53 -9.45 -11.54 -1.13
C CYS A 53 -8.10 -12.18 -0.77
N LYS A 54 -7.75 -13.28 -1.46
CA LYS A 54 -6.54 -14.07 -1.18
C LYS A 54 -5.26 -13.25 -1.42
N ARG A 55 -5.19 -12.58 -2.58
CA ARG A 55 -4.07 -11.67 -2.91
C ARG A 55 -4.48 -10.24 -2.60
N SER A 56 -3.65 -9.57 -1.80
CA SER A 56 -3.80 -8.15 -1.46
C SER A 56 -2.43 -7.49 -1.67
N ARG A 57 -2.36 -6.46 -2.54
CA ARG A 57 -1.09 -5.80 -2.91
C ARG A 57 -1.30 -4.29 -2.95
N THR A 58 -0.32 -3.50 -2.47
CA THR A 58 -0.36 -2.04 -2.55
C THR A 58 1.04 -1.47 -2.90
N SER A 59 1.09 -0.56 -3.87
CA SER A 59 2.31 0.14 -4.28
C SER A 59 2.19 1.63 -3.93
N ILE A 60 3.11 2.14 -3.09
CA ILE A 60 3.12 3.55 -2.64
C ILE A 60 4.38 4.25 -3.14
N THR A 61 4.23 5.48 -3.69
CA THR A 61 5.36 6.27 -4.20
C THR A 61 6.34 6.65 -3.05
N ALA A 62 7.64 6.50 -3.34
CA ALA A 62 8.74 6.72 -2.38
C ALA A 62 9.89 7.45 -3.09
N ARG A 63 10.45 8.46 -2.42
CA ARG A 63 11.54 9.29 -2.98
C ARG A 63 12.89 8.73 -2.52
N THR A 64 13.11 8.71 -1.20
CA THR A 64 14.29 8.06 -0.60
C THR A 64 13.90 6.69 -0.02
N LYS A 65 14.90 5.88 0.39
CA LYS A 65 14.66 4.50 0.86
C LYS A 65 14.03 4.45 2.26
N LYS A 66 14.29 5.48 3.10
CA LYS A 66 13.64 5.60 4.43
C LYS A 66 12.15 5.96 4.27
N GLU A 67 11.83 6.71 3.19
CA GLU A 67 10.44 7.03 2.82
C GLU A 67 9.73 5.75 2.34
N ALA A 68 10.48 4.89 1.63
CA ALA A 68 9.99 3.58 1.19
C ALA A 68 9.70 2.66 2.39
N GLU A 69 10.55 2.73 3.43
CA GLU A 69 10.43 1.88 4.63
C GLU A 69 9.27 2.31 5.55
N LYS A 70 9.04 3.64 5.68
CA LYS A 70 7.98 4.14 6.57
C LYS A 70 6.58 3.88 5.99
N PHE A 71 6.43 4.02 4.65
CA PHE A 71 5.17 3.70 3.96
C PHE A 71 5.00 2.18 3.78
N ALA A 72 6.13 1.45 3.77
CA ALA A 72 6.12 -0.03 3.85
C ALA A 72 5.44 -0.46 5.14
N ALA A 73 5.83 0.21 6.25
CA ALA A 73 5.27 -0.02 7.58
C ALA A 73 3.78 0.35 7.64
N ILE A 74 3.41 1.51 7.03
CA ILE A 74 2.01 1.98 6.91
C ILE A 74 1.14 0.92 6.20
N LEU A 75 1.76 0.11 5.33
CA LEU A 75 1.10 -1.03 4.67
C LEU A 75 1.03 -2.25 5.60
N ILE A 76 2.17 -2.63 6.24
CA ILE A 76 2.26 -3.83 7.13
C ILE A 76 1.26 -3.72 8.31
N LYS A 77 1.06 -2.49 8.82
CA LYS A 77 0.12 -2.21 9.94
C LYS A 77 -1.34 -2.48 9.54
N VAL A 78 -1.64 -2.40 8.24
CA VAL A 78 -2.97 -2.68 7.67
C VAL A 78 -3.15 -4.19 7.40
N TYR A 79 -2.14 -4.81 6.77
CA TYR A 79 -2.16 -6.23 6.37
C TYR A 79 -2.18 -7.17 7.59
N ALA A 80 -1.38 -6.82 8.62
CA ALA A 80 -1.20 -7.65 9.83
C ALA A 80 -2.52 -7.79 10.62
N GLU A 81 -3.36 -6.74 10.56
CA GLU A 81 -4.72 -6.74 11.17
C GLU A 81 -5.60 -7.78 10.47
N LEU A 82 -5.56 -7.77 9.13
CA LEU A 82 -6.38 -8.63 8.26
C LEU A 82 -5.95 -10.10 8.36
N GLY A 83 -4.66 -10.32 8.69
CA GLY A 83 -4.09 -11.65 8.84
C GLY A 83 -2.76 -11.76 8.11
N TYR A 84 -2.49 -12.94 7.50
CA TYR A 84 -1.26 -13.26 6.75
C TYR A 84 0.00 -13.08 7.64
N ASN A 85 0.52 -14.17 8.19
CA ASN A 85 1.71 -14.13 9.04
C ASN A 85 2.98 -14.04 8.16
N ASP A 86 3.81 -13.01 8.43
CA ASP A 86 4.97 -12.58 7.61
C ASP A 86 4.49 -11.96 6.28
N ILE A 87 4.44 -10.62 6.25
CA ILE A 87 4.03 -9.85 5.06
C ILE A 87 5.28 -9.53 4.21
N ASN A 88 5.17 -9.68 2.87
CA ASN A 88 6.31 -9.46 1.94
C ASN A 88 6.38 -7.98 1.55
N VAL A 89 7.57 -7.40 1.68
CA VAL A 89 7.87 -5.99 1.33
C VAL A 89 8.91 -5.97 0.20
N THR A 90 8.53 -5.38 -0.94
CA THR A 90 9.38 -5.31 -2.14
C THR A 90 9.65 -3.84 -2.49
N TRP A 91 10.90 -3.40 -2.26
CA TRP A 91 11.38 -2.08 -2.69
C TRP A 91 11.57 -2.10 -4.23
N ASP A 92 10.76 -1.29 -4.95
CA ASP A 92 10.66 -1.34 -6.42
C ASP A 92 10.79 0.08 -7.01
N GLY A 93 12.02 0.61 -6.98
CA GLY A 93 12.37 1.91 -7.57
C GLY A 93 11.68 3.09 -6.89
N ASP A 94 10.67 3.64 -7.58
CA ASP A 94 9.92 4.83 -7.12
C ASP A 94 8.65 4.42 -6.34
N THR A 95 8.48 3.10 -6.08
CA THR A 95 7.31 2.55 -5.35
C THR A 95 7.74 1.40 -4.41
N VAL A 96 7.28 1.43 -3.16
CA VAL A 96 7.40 0.29 -2.23
C VAL A 96 6.10 -0.55 -2.30
N THR A 97 6.23 -1.77 -2.84
CA THR A 97 5.12 -2.70 -3.07
C THR A 97 5.08 -3.77 -1.97
N VAL A 98 4.13 -3.62 -1.04
CA VAL A 98 3.91 -4.58 0.05
C VAL A 98 2.67 -5.44 -0.29
N GLU A 99 2.82 -6.77 -0.20
CA GLU A 99 1.77 -7.74 -0.57
C GLU A 99 1.67 -8.84 0.50
N GLY A 100 0.42 -9.22 0.83
CA GLY A 100 0.14 -10.40 1.64
C GLY A 100 0.34 -11.65 0.82
N GLN A 101 1.18 -12.57 1.32
CA GLN A 101 1.64 -13.74 0.55
C GLN A 101 0.54 -14.82 0.41
N LEU A 102 0.82 -15.79 -0.47
CA LEU A 102 -0.08 -16.93 -0.70
C LEU A 102 0.29 -18.05 0.27
N GLU A 103 -0.51 -18.19 1.35
CA GLU A 103 -0.24 -19.14 2.44
C GLU A 103 -0.82 -20.52 2.04
N GLY A 104 0.09 -21.43 1.64
CA GLY A 104 -0.27 -22.77 1.20
C GLY A 104 0.93 -23.53 0.67
N VAL A 105 0.80 -24.85 0.51
CA VAL A 105 1.85 -25.71 -0.04
C VAL A 105 1.96 -25.52 -1.57
N ASP A 106 3.19 -25.57 -2.10
CA ASP A 106 3.44 -25.43 -3.54
C ASP A 106 4.80 -26.11 -3.89
N MET A 1 10.52 9.18 18.61
CA MET A 1 10.09 10.49 18.07
C MET A 1 9.96 10.40 16.54
N HIS A 2 8.71 10.35 16.04
CA HIS A 2 8.42 10.29 14.58
C HIS A 2 7.46 11.44 14.23
N HIS A 3 7.92 12.39 13.41
CA HIS A 3 7.12 13.52 12.91
C HIS A 3 6.88 13.36 11.42
N HIS A 4 5.76 13.92 10.94
CA HIS A 4 5.45 14.00 9.50
C HIS A 4 6.25 15.15 8.87
N HIS A 5 6.42 15.09 7.54
CA HIS A 5 7.11 16.13 6.78
C HIS A 5 6.17 16.64 5.69
N HIS A 6 5.82 17.93 5.77
CA HIS A 6 4.99 18.59 4.76
C HIS A 6 5.87 18.94 3.55
N HIS A 7 6.03 17.96 2.64
CA HIS A 7 6.78 18.15 1.39
C HIS A 7 6.00 17.54 0.22
N ARG A 8 5.93 18.31 -0.86
CA ARG A 8 5.25 17.93 -2.12
C ARG A 8 6.30 17.59 -3.19
N SER A 9 7.42 16.96 -2.75
CA SER A 9 8.49 16.47 -3.63
C SER A 9 7.92 15.56 -4.74
N GLY A 10 6.93 14.76 -4.33
CA GLY A 10 6.13 13.96 -5.24
C GLY A 10 4.80 13.60 -4.60
N ASP A 11 3.74 13.54 -5.42
CA ASP A 11 2.43 13.09 -4.97
C ASP A 11 2.47 11.56 -4.75
N ILE A 12 1.90 11.13 -3.63
CA ILE A 12 1.91 9.71 -3.23
C ILE A 12 0.77 8.98 -3.95
N GLN A 13 1.13 8.23 -5.01
CA GLN A 13 0.19 7.37 -5.74
C GLN A 13 0.11 6.00 -5.03
N VAL A 14 -1.09 5.66 -4.60
CA VAL A 14 -1.41 4.37 -3.97
C VAL A 14 -2.28 3.59 -4.94
N GLN A 15 -1.87 2.38 -5.31
CA GLN A 15 -2.64 1.50 -6.19
C GLN A 15 -2.64 0.10 -5.59
N ASN A 16 -3.80 -0.39 -5.17
CA ASN A 16 -3.94 -1.73 -4.58
C ASN A 16 -4.57 -2.68 -5.61
N ASN A 17 -4.17 -3.95 -5.57
CA ASN A 17 -4.74 -5.02 -6.40
C ASN A 17 -5.26 -6.11 -5.46
N ASN A 18 -6.58 -6.22 -5.36
CA ASN A 18 -7.26 -7.23 -4.55
C ASN A 18 -7.74 -8.35 -5.48
N THR A 19 -7.79 -9.58 -4.96
CA THR A 19 -8.07 -10.78 -5.76
C THR A 19 -9.58 -11.11 -5.71
N CYS A 20 -10.10 -11.61 -6.86
CA CYS A 20 -11.49 -12.10 -7.02
C CYS A 20 -12.52 -10.94 -6.95
N ASN A 21 -12.07 -9.75 -7.35
CA ASN A 21 -12.92 -8.55 -7.39
C ASN A 21 -12.84 -7.95 -8.82
N GLY A 22 -13.70 -8.48 -9.70
CA GLY A 22 -13.81 -8.00 -11.08
C GLY A 22 -14.47 -6.63 -11.18
N LYS A 23 -15.46 -6.39 -10.28
CA LYS A 23 -16.18 -5.11 -10.19
C LYS A 23 -15.54 -4.21 -9.11
N THR A 24 -14.25 -3.90 -9.33
CA THR A 24 -13.46 -3.01 -8.46
C THR A 24 -14.11 -1.62 -8.36
N PHE A 25 -14.44 -1.20 -7.12
CA PHE A 25 -14.97 0.14 -6.83
C PHE A 25 -13.89 1.17 -7.19
N ASP A 26 -12.81 1.17 -6.38
CA ASP A 26 -11.60 1.95 -6.64
C ASP A 26 -10.57 1.64 -5.54
N TYR A 27 -9.31 1.43 -5.94
CA TYR A 27 -8.18 1.13 -5.02
C TYR A 27 -6.99 2.08 -5.29
N THR A 28 -7.18 3.07 -6.19
CA THR A 28 -6.14 4.04 -6.54
C THR A 28 -6.45 5.42 -5.90
N TYR A 29 -5.56 5.89 -5.02
CA TYR A 29 -5.71 7.19 -4.32
C TYR A 29 -4.43 8.00 -4.48
N THR A 30 -4.54 9.32 -4.33
CA THR A 30 -3.40 10.23 -4.36
C THR A 30 -3.49 11.15 -3.14
N VAL A 31 -2.38 11.26 -2.38
CA VAL A 31 -2.24 12.20 -1.24
C VAL A 31 -0.90 12.95 -1.39
N THR A 32 -0.91 14.29 -1.23
CA THR A 32 0.30 15.13 -1.41
C THR A 32 1.10 15.27 -0.09
N THR A 33 0.60 14.63 1.00
CA THR A 33 1.22 14.69 2.34
C THR A 33 1.15 13.30 3.05
N GLU A 34 2.14 13.05 3.93
CA GLU A 34 2.39 11.74 4.59
C GLU A 34 1.28 11.31 5.58
N SER A 35 0.72 12.28 6.35
CA SER A 35 -0.28 11.98 7.38
C SER A 35 -1.61 11.56 6.77
N GLU A 36 -1.92 12.11 5.59
CA GLU A 36 -3.19 11.85 4.88
C GLU A 36 -3.26 10.37 4.45
N LEU A 37 -2.07 9.80 4.20
CA LEU A 37 -1.87 8.42 3.77
C LEU A 37 -2.29 7.40 4.85
N GLN A 38 -2.09 7.77 6.13
CA GLN A 38 -2.37 6.90 7.29
C GLN A 38 -3.88 6.53 7.35
N LYS A 39 -4.74 7.53 7.02
CA LYS A 39 -6.21 7.37 7.03
C LYS A 39 -6.67 6.42 5.91
N VAL A 40 -6.24 6.73 4.67
CA VAL A 40 -6.77 6.10 3.46
C VAL A 40 -6.43 4.59 3.39
N LEU A 41 -5.30 4.20 4.01
CA LEU A 41 -4.92 2.77 4.13
C LEU A 41 -5.82 2.04 5.14
N ASN A 42 -6.14 2.71 6.25
CA ASN A 42 -6.89 2.13 7.38
C ASN A 42 -8.37 1.85 6.97
N GLU A 43 -8.92 2.69 6.06
CA GLU A 43 -10.29 2.51 5.55
C GLU A 43 -10.32 1.55 4.35
N LEU A 44 -9.27 1.61 3.49
CA LEU A 44 -9.13 0.75 2.30
C LEU A 44 -9.03 -0.73 2.72
N LYS A 45 -8.37 -0.93 3.87
CA LYS A 45 -8.20 -2.22 4.55
C LYS A 45 -9.53 -3.02 4.62
N ASP A 46 -10.61 -2.33 5.02
CA ASP A 46 -11.95 -2.92 5.16
C ASP A 46 -12.57 -3.25 3.79
N TYR A 47 -12.28 -2.40 2.79
CA TYR A 47 -12.79 -2.56 1.41
C TYR A 47 -12.09 -3.71 0.67
N ILE A 48 -10.86 -4.06 1.12
CA ILE A 48 -10.09 -5.22 0.63
C ILE A 48 -10.58 -6.50 1.32
N LYS A 49 -10.69 -6.42 2.67
CA LYS A 49 -10.97 -7.58 3.54
C LYS A 49 -12.39 -8.12 3.33
N LYS A 50 -13.27 -7.26 2.80
CA LYS A 50 -14.65 -7.62 2.43
C LYS A 50 -14.66 -8.83 1.45
N GLN A 51 -13.65 -8.87 0.56
CA GLN A 51 -13.40 -10.02 -0.32
C GLN A 51 -12.31 -10.88 0.36
N GLY A 52 -11.05 -10.36 0.36
CA GLY A 52 -9.89 -11.05 0.97
C GLY A 52 -9.64 -12.45 0.41
N CYS A 53 -9.91 -12.60 -0.90
CA CYS A 53 -9.95 -13.91 -1.59
C CYS A 53 -8.59 -14.65 -1.49
N LYS A 54 -7.54 -14.09 -2.12
CA LYS A 54 -6.16 -14.58 -1.98
C LYS A 54 -5.29 -13.45 -1.41
N ARG A 55 -4.79 -12.57 -2.30
CA ARG A 55 -3.75 -11.59 -1.96
C ARG A 55 -4.25 -10.16 -2.21
N SER A 56 -3.49 -9.22 -1.67
CA SER A 56 -3.70 -7.79 -1.85
C SER A 56 -2.32 -7.17 -2.10
N ARG A 57 -2.13 -6.42 -3.19
CA ARG A 57 -0.80 -5.89 -3.56
C ARG A 57 -0.87 -4.36 -3.68
N THR A 58 -0.29 -3.64 -2.73
CA THR A 58 -0.27 -2.17 -2.74
C THR A 58 1.07 -1.66 -3.31
N SER A 59 0.97 -0.60 -4.12
CA SER A 59 2.11 0.15 -4.64
C SER A 59 1.95 1.60 -4.17
N ILE A 60 2.91 2.11 -3.38
CA ILE A 60 2.90 3.48 -2.83
C ILE A 60 4.16 4.22 -3.33
N THR A 61 3.97 5.40 -3.94
CA THR A 61 5.06 6.22 -4.46
C THR A 61 6.02 6.65 -3.34
N ALA A 62 7.31 6.41 -3.57
CA ALA A 62 8.39 6.74 -2.63
C ALA A 62 9.47 7.50 -3.40
N ARG A 63 9.68 8.78 -3.06
CA ARG A 63 10.70 9.62 -3.75
C ARG A 63 12.13 9.28 -3.31
N THR A 64 12.24 8.68 -2.12
CA THR A 64 13.48 8.11 -1.59
C THR A 64 13.15 6.73 -0.97
N LYS A 65 14.21 5.97 -0.61
CA LYS A 65 14.06 4.73 0.17
C LYS A 65 13.58 5.06 1.60
N LYS A 66 13.87 6.29 2.08
CA LYS A 66 13.40 6.78 3.39
C LYS A 66 11.86 6.96 3.39
N GLU A 67 11.29 7.34 2.24
CA GLU A 67 9.82 7.38 2.04
C GLU A 67 9.27 5.93 2.07
N ALA A 68 10.00 5.03 1.37
CA ALA A 68 9.64 3.62 1.25
C ALA A 68 9.68 2.88 2.61
N GLU A 69 10.56 3.34 3.53
CA GLU A 69 10.70 2.77 4.88
C GLU A 69 9.45 3.03 5.75
N LYS A 70 9.14 4.32 5.93
CA LYS A 70 8.05 4.75 6.83
C LYS A 70 6.67 4.34 6.29
N PHE A 71 6.54 4.23 4.96
CA PHE A 71 5.29 3.84 4.28
C PHE A 71 5.16 2.33 4.13
N ALA A 72 6.29 1.60 4.26
CA ALA A 72 6.26 0.15 4.43
C ALA A 72 5.49 -0.18 5.70
N ALA A 73 5.85 0.51 6.81
CA ALA A 73 5.20 0.32 8.13
C ALA A 73 3.67 0.55 8.08
N ILE A 74 3.23 1.51 7.22
CA ILE A 74 1.80 1.80 6.97
C ILE A 74 1.09 0.53 6.43
N LEU A 75 1.75 -0.13 5.47
CA LEU A 75 1.27 -1.36 4.83
C LEU A 75 1.36 -2.59 5.77
N ILE A 76 2.43 -2.69 6.59
CA ILE A 76 2.63 -3.78 7.56
C ILE A 76 1.44 -3.84 8.57
N LYS A 77 0.95 -2.65 8.97
CA LYS A 77 -0.23 -2.51 9.85
C LYS A 77 -1.49 -3.10 9.19
N VAL A 78 -1.80 -2.60 7.97
CA VAL A 78 -3.00 -2.96 7.19
C VAL A 78 -3.14 -4.48 7.02
N TYR A 79 -2.06 -5.11 6.52
CA TYR A 79 -2.03 -6.54 6.19
C TYR A 79 -2.10 -7.43 7.44
N ALA A 80 -1.47 -6.98 8.54
CA ALA A 80 -1.53 -7.68 9.84
C ALA A 80 -2.98 -7.68 10.41
N GLU A 81 -3.73 -6.60 10.10
CA GLU A 81 -5.15 -6.46 10.48
C GLU A 81 -6.08 -7.16 9.47
N LEU A 82 -5.55 -7.49 8.27
CA LEU A 82 -6.22 -8.40 7.31
C LEU A 82 -6.01 -9.86 7.77
N GLY A 83 -4.96 -10.08 8.57
CA GLY A 83 -4.62 -11.38 9.14
C GLY A 83 -3.25 -11.87 8.69
N TYR A 84 -2.75 -11.28 7.59
CA TYR A 84 -1.45 -11.65 6.98
C TYR A 84 -0.30 -11.12 7.85
N ASN A 85 0.23 -12.00 8.73
CA ASN A 85 1.32 -11.65 9.66
C ASN A 85 2.68 -11.67 8.94
N ASP A 86 2.88 -12.69 8.09
CA ASP A 86 4.02 -12.73 7.16
C ASP A 86 3.80 -11.67 6.08
N ILE A 87 4.77 -10.77 5.94
CA ILE A 87 4.69 -9.63 5.01
C ILE A 87 5.70 -9.81 3.88
N ASN A 88 5.22 -9.91 2.64
CA ASN A 88 6.08 -9.89 1.45
C ASN A 88 6.25 -8.42 1.05
N VAL A 89 7.46 -7.88 1.27
CA VAL A 89 7.77 -6.46 1.03
C VAL A 89 8.97 -6.34 0.07
N THR A 90 8.89 -5.38 -0.83
CA THR A 90 9.95 -5.03 -1.77
C THR A 90 10.19 -3.51 -1.72
N TRP A 91 11.40 -3.11 -1.35
CA TRP A 91 11.83 -1.72 -1.38
C TRP A 91 12.61 -1.46 -2.68
N ASP A 92 11.92 -0.89 -3.67
CA ASP A 92 12.53 -0.48 -4.96
C ASP A 92 13.23 0.88 -4.81
N GLY A 93 12.65 1.74 -3.97
CA GLY A 93 13.18 3.07 -3.71
C GLY A 93 12.34 4.14 -4.35
N ASP A 94 11.99 3.93 -5.63
CA ASP A 94 11.07 4.80 -6.39
C ASP A 94 9.61 4.44 -6.04
N THR A 95 9.40 3.17 -5.62
CA THR A 95 8.12 2.71 -5.08
C THR A 95 8.37 1.70 -3.94
N VAL A 96 7.53 1.72 -2.88
CA VAL A 96 7.44 0.63 -1.89
C VAL A 96 6.24 -0.25 -2.27
N THR A 97 6.43 -1.57 -2.18
CA THR A 97 5.41 -2.56 -2.53
C THR A 97 5.29 -3.60 -1.41
N VAL A 98 4.05 -3.93 -1.05
CA VAL A 98 3.74 -5.02 -0.10
C VAL A 98 2.60 -5.87 -0.70
N GLU A 99 2.67 -7.20 -0.54
CA GLU A 99 1.69 -8.14 -1.10
C GLU A 99 1.26 -9.14 -0.02
N GLY A 100 -0.04 -9.54 -0.08
CA GLY A 100 -0.66 -10.42 0.91
C GLY A 100 -0.14 -11.84 0.82
N GLN A 101 0.55 -12.28 1.87
CA GLN A 101 1.13 -13.63 1.95
C GLN A 101 0.03 -14.63 2.34
N LEU A 102 -0.09 -15.74 1.58
CA LEU A 102 -1.01 -16.85 1.89
C LEU A 102 -0.22 -17.95 2.59
N GLU A 103 -0.53 -18.20 3.87
CA GLU A 103 0.19 -19.19 4.69
C GLU A 103 -0.12 -20.61 4.19
N GLY A 104 0.67 -21.05 3.22
CA GLY A 104 0.57 -22.38 2.65
C GLY A 104 1.76 -22.65 1.75
N VAL A 105 2.95 -22.40 2.31
CA VAL A 105 4.23 -22.55 1.60
C VAL A 105 4.72 -24.01 1.62
N ASP A 106 5.75 -24.29 0.83
CA ASP A 106 6.34 -25.63 0.68
C ASP A 106 7.77 -25.49 0.13
N MET A 1 12.76 11.23 -22.00
CA MET A 1 13.44 12.42 -21.49
C MET A 1 13.17 13.63 -22.41
N HIS A 2 12.34 14.56 -21.94
CA HIS A 2 12.00 15.82 -22.64
C HIS A 2 11.87 16.93 -21.60
N HIS A 3 12.08 18.19 -22.04
CA HIS A 3 12.03 19.36 -21.16
C HIS A 3 10.57 19.66 -20.73
N HIS A 4 10.22 19.22 -19.51
CA HIS A 4 8.88 19.43 -18.92
C HIS A 4 8.75 20.83 -18.30
N HIS A 5 7.49 21.20 -18.03
CA HIS A 5 7.16 22.48 -17.34
C HIS A 5 7.54 22.36 -15.84
N HIS A 6 7.44 23.49 -15.11
CA HIS A 6 7.92 23.60 -13.70
C HIS A 6 7.31 22.49 -12.81
N HIS A 7 8.10 21.42 -12.58
CA HIS A 7 7.66 20.22 -11.88
C HIS A 7 7.43 20.51 -10.39
N ARG A 8 6.26 20.12 -9.89
CA ARG A 8 5.81 20.37 -8.51
C ARG A 8 6.20 19.19 -7.61
N SER A 9 5.59 19.15 -6.41
CA SER A 9 5.71 18.02 -5.47
C SER A 9 5.24 16.72 -6.17
N GLY A 10 6.16 15.73 -6.25
CA GLY A 10 5.85 14.39 -6.75
C GLY A 10 4.91 13.67 -5.79
N ASP A 11 3.60 13.81 -6.02
CA ASP A 11 2.55 13.42 -5.08
C ASP A 11 2.49 11.90 -4.91
N ILE A 12 2.06 11.48 -3.73
CA ILE A 12 2.02 10.08 -3.34
C ILE A 12 0.80 9.39 -3.99
N GLN A 13 1.05 8.60 -5.03
CA GLN A 13 0.04 7.75 -5.65
C GLN A 13 -0.04 6.42 -4.90
N VAL A 14 -1.19 6.19 -4.26
CA VAL A 14 -1.53 4.94 -3.58
C VAL A 14 -2.46 4.12 -4.51
N GLN A 15 -2.06 2.90 -4.84
CA GLN A 15 -2.86 1.96 -5.64
C GLN A 15 -2.94 0.62 -4.90
N ASN A 16 -4.01 -0.14 -5.12
CA ASN A 16 -4.19 -1.47 -4.51
C ASN A 16 -4.72 -2.42 -5.57
N ASN A 17 -3.93 -3.46 -5.87
CA ASN A 17 -4.24 -4.43 -6.93
C ASN A 17 -4.77 -5.68 -6.25
N ASN A 18 -6.07 -5.95 -6.43
CA ASN A 18 -6.72 -7.15 -5.89
C ASN A 18 -6.84 -8.15 -7.04
N THR A 19 -6.11 -9.27 -6.95
CA THR A 19 -5.99 -10.25 -8.03
C THR A 19 -6.42 -11.64 -7.52
N CYS A 20 -7.36 -12.25 -8.22
CA CYS A 20 -7.95 -13.56 -7.88
C CYS A 20 -8.72 -14.12 -9.08
N ASN A 21 -9.18 -15.38 -8.95
CA ASN A 21 -9.90 -16.09 -10.03
C ASN A 21 -11.27 -15.44 -10.30
N GLY A 22 -11.55 -15.16 -11.58
CA GLY A 22 -12.82 -14.54 -12.00
C GLY A 22 -12.84 -13.02 -11.81
N LYS A 23 -12.93 -12.59 -10.55
CA LYS A 23 -13.07 -11.15 -10.18
C LYS A 23 -11.71 -10.53 -9.83
N THR A 24 -11.59 -9.23 -10.15
CA THR A 24 -10.38 -8.42 -9.94
C THR A 24 -10.80 -6.95 -9.70
N PHE A 25 -10.19 -6.30 -8.69
CA PHE A 25 -10.46 -4.89 -8.34
C PHE A 25 -9.17 -4.08 -8.31
N ASP A 26 -9.30 -2.75 -8.33
CA ASP A 26 -8.19 -1.80 -8.15
C ASP A 26 -8.72 -0.55 -7.47
N TYR A 27 -8.03 -0.10 -6.42
CA TYR A 27 -8.35 1.14 -5.70
C TYR A 27 -7.21 2.13 -5.93
N THR A 28 -7.53 3.41 -6.20
CA THR A 28 -6.50 4.46 -6.40
C THR A 28 -6.89 5.75 -5.65
N TYR A 29 -5.93 6.25 -4.83
CA TYR A 29 -6.04 7.50 -4.06
C TYR A 29 -4.76 8.32 -4.28
N THR A 30 -4.88 9.62 -4.57
CA THR A 30 -3.72 10.52 -4.75
C THR A 30 -3.70 11.57 -3.63
N VAL A 31 -2.73 11.44 -2.73
CA VAL A 31 -2.54 12.37 -1.59
C VAL A 31 -1.20 13.11 -1.75
N THR A 32 -1.09 14.30 -1.15
CA THR A 32 0.16 15.10 -1.19
C THR A 32 0.80 15.16 0.22
N THR A 33 0.12 14.57 1.23
CA THR A 33 0.58 14.59 2.63
C THR A 33 0.47 13.17 3.23
N GLU A 34 1.44 12.81 4.09
CA GLU A 34 1.51 11.48 4.75
C GLU A 34 0.35 11.29 5.75
N SER A 35 -0.04 12.41 6.38
CA SER A 35 -1.17 12.45 7.31
C SER A 35 -2.47 11.98 6.64
N GLU A 36 -2.74 12.52 5.42
CA GLU A 36 -3.92 12.15 4.60
C GLU A 36 -3.88 10.64 4.28
N LEU A 37 -2.68 10.18 3.86
CA LEU A 37 -2.39 8.78 3.51
C LEU A 37 -2.73 7.82 4.65
N GLN A 38 -2.50 8.26 5.90
CA GLN A 38 -2.71 7.44 7.10
C GLN A 38 -4.15 6.89 7.18
N LYS A 39 -5.14 7.80 6.96
CA LYS A 39 -6.57 7.43 6.99
C LYS A 39 -6.97 6.65 5.72
N VAL A 40 -6.28 6.95 4.59
CA VAL A 40 -6.45 6.24 3.32
C VAL A 40 -6.13 4.73 3.48
N LEU A 41 -5.09 4.41 4.25
CA LEU A 41 -4.66 3.02 4.49
C LEU A 41 -5.65 2.26 5.41
N ASN A 42 -6.35 2.97 6.31
CA ASN A 42 -7.33 2.38 7.26
C ASN A 42 -8.65 2.00 6.53
N GLU A 43 -9.14 2.91 5.66
CA GLU A 43 -10.36 2.67 4.87
C GLU A 43 -10.12 1.59 3.81
N LEU A 44 -8.92 1.64 3.18
CA LEU A 44 -8.48 0.72 2.12
C LEU A 44 -8.41 -0.71 2.66
N LYS A 45 -7.84 -0.82 3.86
CA LYS A 45 -7.71 -2.06 4.65
C LYS A 45 -9.04 -2.84 4.71
N ASP A 46 -10.12 -2.08 5.00
CA ASP A 46 -11.50 -2.61 5.09
C ASP A 46 -11.95 -3.23 3.75
N TYR A 47 -11.65 -2.51 2.64
CA TYR A 47 -12.13 -2.89 1.28
C TYR A 47 -11.40 -4.13 0.73
N ILE A 48 -10.09 -4.23 1.05
CA ILE A 48 -9.24 -5.39 0.72
C ILE A 48 -9.81 -6.67 1.39
N LYS A 49 -10.18 -6.50 2.67
CA LYS A 49 -10.73 -7.55 3.55
C LYS A 49 -12.15 -7.98 3.11
N LYS A 50 -12.96 -6.97 2.81
CA LYS A 50 -14.42 -7.10 2.59
C LYS A 50 -14.72 -7.90 1.32
N GLN A 51 -13.87 -7.76 0.31
CA GLN A 51 -13.89 -8.65 -0.86
C GLN A 51 -13.10 -9.92 -0.53
N GLY A 52 -13.61 -11.09 -0.98
CA GLY A 52 -12.97 -12.38 -0.67
C GLY A 52 -11.88 -12.76 -1.67
N CYS A 53 -11.02 -11.78 -2.03
CA CYS A 53 -9.94 -11.99 -3.00
C CYS A 53 -8.81 -12.83 -2.38
N LYS A 54 -8.00 -13.47 -3.24
CA LYS A 54 -6.96 -14.42 -2.81
C LYS A 54 -5.72 -13.69 -2.31
N ARG A 55 -5.11 -12.87 -3.20
CA ARG A 55 -3.93 -12.06 -2.86
C ARG A 55 -4.13 -10.63 -3.39
N SER A 56 -3.80 -9.65 -2.55
CA SER A 56 -3.95 -8.23 -2.85
C SER A 56 -2.70 -7.49 -2.37
N ARG A 57 -2.11 -6.68 -3.25
CA ARG A 57 -0.87 -5.94 -2.96
C ARG A 57 -1.16 -4.45 -3.03
N THR A 58 -0.81 -3.69 -1.97
CA THR A 58 -0.93 -2.25 -1.95
C THR A 58 0.43 -1.65 -2.30
N SER A 59 0.43 -0.53 -3.02
CA SER A 59 1.62 0.05 -3.62
C SER A 59 1.59 1.59 -3.44
N ILE A 60 2.62 2.12 -2.75
CA ILE A 60 2.70 3.55 -2.36
C ILE A 60 3.97 4.18 -2.98
N THR A 61 3.82 5.39 -3.57
CA THR A 61 4.93 6.17 -4.12
C THR A 61 5.88 6.67 -2.98
N ALA A 62 7.20 6.61 -3.22
CA ALA A 62 8.24 6.99 -2.25
C ALA A 62 9.41 7.65 -2.99
N ARG A 63 9.83 8.84 -2.53
CA ARG A 63 10.81 9.68 -3.27
C ARG A 63 12.24 9.39 -2.78
N THR A 64 12.38 9.28 -1.45
CA THR A 64 13.65 8.89 -0.80
C THR A 64 13.55 7.44 -0.30
N LYS A 65 14.72 6.86 0.06
CA LYS A 65 14.81 5.50 0.61
C LYS A 65 14.07 5.40 1.94
N LYS A 66 14.11 6.48 2.73
CA LYS A 66 13.51 6.54 4.08
C LYS A 66 11.99 6.44 3.99
N GLU A 67 11.42 7.06 2.94
CA GLU A 67 9.98 6.97 2.61
C GLU A 67 9.65 5.55 2.12
N ALA A 68 10.56 4.96 1.33
CA ALA A 68 10.40 3.57 0.84
C ALA A 68 10.29 2.57 2.01
N GLU A 69 11.14 2.78 3.02
CA GLU A 69 11.25 1.90 4.19
C GLU A 69 10.07 2.10 5.18
N LYS A 70 9.60 3.36 5.33
CA LYS A 70 8.56 3.69 6.33
C LYS A 70 7.14 3.38 5.80
N PHE A 71 6.85 3.69 4.51
CA PHE A 71 5.54 3.38 3.89
C PHE A 71 5.38 1.87 3.67
N ALA A 72 6.53 1.17 3.53
CA ALA A 72 6.58 -0.30 3.56
C ALA A 72 6.00 -0.81 4.89
N ALA A 73 6.49 -0.23 6.01
CA ALA A 73 6.03 -0.57 7.38
C ALA A 73 4.55 -0.19 7.59
N ILE A 74 4.12 0.95 6.99
CA ILE A 74 2.71 1.44 7.01
C ILE A 74 1.77 0.39 6.36
N LEU A 75 2.24 -0.20 5.26
CA LEU A 75 1.56 -1.31 4.58
C LEU A 75 1.55 -2.62 5.42
N ILE A 76 2.70 -2.96 6.07
CA ILE A 76 2.81 -4.16 6.95
C ILE A 76 1.77 -4.11 8.10
N LYS A 77 1.51 -2.89 8.63
CA LYS A 77 0.50 -2.66 9.71
C LYS A 77 -0.93 -3.03 9.24
N VAL A 78 -1.25 -2.63 8.00
CA VAL A 78 -2.57 -2.88 7.38
C VAL A 78 -2.84 -4.38 7.23
N TYR A 79 -1.86 -5.12 6.68
CA TYR A 79 -1.96 -6.58 6.50
C TYR A 79 -1.84 -7.34 7.83
N ALA A 80 -1.21 -6.70 8.84
CA ALA A 80 -1.10 -7.22 10.20
C ALA A 80 -2.48 -7.25 10.89
N GLU A 81 -3.32 -6.25 10.54
CA GLU A 81 -4.72 -6.18 10.97
C GLU A 81 -5.56 -7.25 10.21
N LEU A 82 -5.27 -7.41 8.91
CA LEU A 82 -5.97 -8.37 8.02
C LEU A 82 -5.69 -9.83 8.39
N GLY A 83 -4.54 -10.06 9.05
CA GLY A 83 -4.18 -11.38 9.55
C GLY A 83 -3.00 -11.35 10.48
N TYR A 84 -3.06 -12.13 11.58
CA TYR A 84 -1.96 -12.25 12.54
C TYR A 84 -0.92 -13.28 12.00
N ASN A 85 -0.20 -12.84 10.97
CA ASN A 85 0.73 -13.66 10.16
C ASN A 85 1.94 -12.78 9.74
N ASP A 86 3.00 -13.41 9.20
CA ASP A 86 4.12 -12.70 8.56
C ASP A 86 3.63 -11.99 7.29
N ILE A 87 4.20 -10.80 7.02
CA ILE A 87 3.84 -9.99 5.84
C ILE A 87 5.11 -9.80 4.98
N ASN A 88 4.95 -9.90 3.65
CA ASN A 88 6.05 -9.73 2.67
C ASN A 88 6.10 -8.28 2.19
N VAL A 89 7.31 -7.75 2.01
CA VAL A 89 7.55 -6.42 1.45
C VAL A 89 8.42 -6.55 0.19
N THR A 90 8.00 -5.91 -0.90
CA THR A 90 8.75 -5.94 -2.16
C THR A 90 8.93 -4.50 -2.68
N TRP A 91 10.16 -3.97 -2.53
CA TRP A 91 10.54 -2.65 -3.04
C TRP A 91 10.81 -2.76 -4.55
N ASP A 92 9.91 -2.17 -5.36
CA ASP A 92 10.11 -2.05 -6.83
C ASP A 92 11.01 -0.84 -7.16
N GLY A 93 11.34 -0.03 -6.13
CA GLY A 93 12.24 1.12 -6.26
C GLY A 93 11.57 2.39 -5.75
N ASP A 94 11.13 3.24 -6.69
CA ASP A 94 10.46 4.54 -6.39
C ASP A 94 8.98 4.34 -6.00
N THR A 95 8.53 3.08 -5.98
CA THR A 95 7.21 2.69 -5.47
C THR A 95 7.36 1.35 -4.73
N VAL A 96 6.82 1.28 -3.51
CA VAL A 96 6.87 0.06 -2.66
C VAL A 96 5.59 -0.75 -2.89
N THR A 97 5.69 -2.09 -2.86
CA THR A 97 4.54 -2.99 -3.08
C THR A 97 4.59 -4.12 -2.04
N VAL A 98 3.69 -4.06 -1.06
CA VAL A 98 3.62 -5.04 0.04
C VAL A 98 2.44 -6.00 -0.16
N GLU A 99 2.71 -7.27 0.13
CA GLU A 99 1.81 -8.39 -0.08
C GLU A 99 1.60 -9.12 1.26
N GLY A 100 0.33 -9.46 1.56
CA GLY A 100 0.00 -10.21 2.78
C GLY A 100 -0.24 -11.67 2.45
N GLN A 101 0.77 -12.53 2.73
CA GLN A 101 0.74 -13.96 2.36
C GLN A 101 -0.21 -14.77 3.27
N LEU A 102 -0.45 -16.04 2.85
CA LEU A 102 -1.36 -16.98 3.54
C LEU A 102 -0.82 -17.32 4.93
N GLU A 103 -1.76 -17.62 5.84
CA GLU A 103 -1.47 -17.96 7.24
C GLU A 103 -1.33 -19.50 7.37
N GLY A 104 -0.25 -20.02 6.75
CA GLY A 104 0.11 -21.45 6.83
C GLY A 104 0.94 -21.79 8.05
N VAL A 105 1.15 -20.79 8.93
CA VAL A 105 1.92 -20.94 10.17
C VAL A 105 0.96 -21.12 11.38
N ASP A 106 1.35 -21.96 12.34
CA ASP A 106 0.57 -22.20 13.56
C ASP A 106 1.53 -22.69 14.67
N MET A 1 7.31 38.94 6.73
CA MET A 1 8.29 38.40 7.70
C MET A 1 8.80 37.05 7.18
N HIS A 2 7.90 36.04 7.13
CA HIS A 2 8.16 34.74 6.46
C HIS A 2 6.87 34.22 5.83
N HIS A 3 6.93 33.81 4.56
CA HIS A 3 5.78 33.28 3.82
C HIS A 3 6.23 32.07 2.98
N HIS A 4 5.92 30.86 3.48
CA HIS A 4 6.30 29.60 2.82
C HIS A 4 5.36 28.48 3.28
N HIS A 5 5.15 27.47 2.42
CA HIS A 5 4.22 26.35 2.68
C HIS A 5 4.92 24.99 2.46
N HIS A 6 4.45 23.96 3.17
CA HIS A 6 5.00 22.59 3.09
C HIS A 6 4.17 21.73 2.12
N HIS A 7 4.83 21.13 1.12
CA HIS A 7 4.16 20.31 0.08
C HIS A 7 5.08 19.17 -0.39
N ARG A 8 4.55 18.33 -1.31
CA ARG A 8 5.31 17.22 -1.90
C ARG A 8 5.19 17.24 -3.43
N SER A 9 6.29 17.68 -4.09
CA SER A 9 6.43 17.59 -5.54
C SER A 9 6.70 16.10 -5.91
N GLY A 10 5.70 15.47 -6.53
CA GLY A 10 5.66 14.02 -6.68
C GLY A 10 4.85 13.41 -5.57
N ASP A 11 3.53 13.56 -5.70
CA ASP A 11 2.55 13.17 -4.69
C ASP A 11 2.54 11.65 -4.46
N ILE A 12 2.24 11.26 -3.22
CA ILE A 12 2.23 9.85 -2.80
C ILE A 12 0.94 9.17 -3.32
N GLN A 13 1.08 8.35 -4.38
CA GLN A 13 -0.05 7.62 -4.97
C GLN A 13 -0.05 6.15 -4.49
N VAL A 14 -1.13 5.77 -3.80
CA VAL A 14 -1.36 4.39 -3.33
C VAL A 14 -2.20 3.64 -4.38
N GLN A 15 -1.73 2.44 -4.82
CA GLN A 15 -2.43 1.61 -5.82
C GLN A 15 -2.47 0.14 -5.34
N ASN A 16 -3.65 -0.36 -4.96
CA ASN A 16 -3.83 -1.79 -4.57
C ASN A 16 -4.53 -2.56 -5.70
N ASN A 17 -3.86 -3.62 -6.19
CA ASN A 17 -4.41 -4.55 -7.19
C ASN A 17 -4.83 -5.84 -6.48
N ASN A 18 -6.11 -6.21 -6.64
CA ASN A 18 -6.67 -7.43 -6.06
C ASN A 18 -7.04 -8.40 -7.21
N THR A 19 -6.49 -9.64 -7.17
CA THR A 19 -6.68 -10.65 -8.23
C THR A 19 -7.84 -11.60 -7.84
N CYS A 20 -8.95 -11.48 -8.59
CA CYS A 20 -10.23 -12.19 -8.36
C CYS A 20 -11.26 -11.73 -9.40
N ASN A 21 -12.39 -12.46 -9.52
CA ASN A 21 -13.48 -12.08 -10.44
C ASN A 21 -14.24 -10.86 -9.89
N GLY A 22 -13.80 -9.67 -10.34
CA GLY A 22 -14.36 -8.39 -9.92
C GLY A 22 -13.88 -7.25 -10.82
N LYS A 23 -14.36 -6.03 -10.54
CA LYS A 23 -14.09 -4.84 -11.39
C LYS A 23 -13.68 -3.63 -10.49
N THR A 24 -13.52 -3.86 -9.17
CA THR A 24 -13.21 -2.79 -8.20
C THR A 24 -11.69 -2.51 -8.18
N PHE A 25 -11.29 -1.46 -8.91
CA PHE A 25 -9.89 -0.95 -8.95
C PHE A 25 -9.84 0.50 -8.39
N ASP A 26 -10.85 0.80 -7.55
CA ASP A 26 -11.01 2.10 -6.86
C ASP A 26 -10.05 2.23 -5.64
N TYR A 27 -9.16 1.25 -5.50
CA TYR A 27 -8.12 1.20 -4.47
C TYR A 27 -6.95 2.18 -4.77
N THR A 28 -7.06 2.96 -5.86
CA THR A 28 -6.06 3.96 -6.26
C THR A 28 -6.43 5.37 -5.73
N TYR A 29 -5.54 5.95 -4.89
CA TYR A 29 -5.71 7.30 -4.30
C TYR A 29 -4.40 8.10 -4.48
N THR A 30 -4.50 9.44 -4.41
CA THR A 30 -3.32 10.33 -4.48
C THR A 30 -3.39 11.35 -3.32
N VAL A 31 -2.45 11.23 -2.35
CA VAL A 31 -2.33 12.15 -1.20
C VAL A 31 -0.96 12.85 -1.23
N THR A 32 -0.90 14.12 -0.82
CA THR A 32 0.36 14.89 -0.74
C THR A 32 0.90 14.90 0.70
N THR A 33 0.14 14.34 1.65
CA THR A 33 0.48 14.34 3.07
C THR A 33 0.54 12.89 3.62
N GLU A 34 1.57 12.63 4.45
CA GLU A 34 1.81 11.32 5.08
C GLU A 34 0.68 10.95 6.07
N SER A 35 0.08 12.00 6.67
CA SER A 35 -1.09 11.86 7.54
C SER A 35 -2.25 11.20 6.78
N GLU A 36 -2.60 11.82 5.64
CA GLU A 36 -3.75 11.40 4.81
C GLU A 36 -3.55 10.02 4.17
N LEU A 37 -2.27 9.60 4.06
CA LEU A 37 -1.90 8.23 3.65
C LEU A 37 -2.41 7.23 4.71
N GLN A 38 -2.07 7.53 5.98
CA GLN A 38 -2.41 6.68 7.15
C GLN A 38 -3.93 6.58 7.36
N LYS A 39 -4.66 7.69 7.05
CA LYS A 39 -6.14 7.69 7.03
C LYS A 39 -6.64 6.71 5.95
N VAL A 40 -6.26 6.99 4.69
CA VAL A 40 -6.87 6.36 3.51
C VAL A 40 -6.54 4.85 3.40
N LEU A 41 -5.43 4.43 4.03
CA LEU A 41 -5.02 3.02 4.11
C LEU A 41 -5.93 2.24 5.08
N ASN A 42 -6.23 2.88 6.22
CA ASN A 42 -7.10 2.32 7.27
C ASN A 42 -8.57 2.32 6.81
N GLU A 43 -8.91 3.26 5.91
CA GLU A 43 -10.24 3.29 5.25
C GLU A 43 -10.32 2.20 4.16
N LEU A 44 -9.21 2.03 3.41
CA LEU A 44 -9.13 1.05 2.32
C LEU A 44 -9.11 -0.38 2.87
N LYS A 45 -8.67 -0.50 4.15
CA LYS A 45 -8.69 -1.75 4.91
C LYS A 45 -10.10 -2.38 4.94
N ASP A 46 -11.12 -1.51 5.07
CA ASP A 46 -12.54 -1.91 5.04
C ASP A 46 -12.89 -2.63 3.72
N TYR A 47 -12.40 -2.06 2.60
CA TYR A 47 -12.63 -2.60 1.25
C TYR A 47 -11.93 -3.96 1.08
N ILE A 48 -10.60 -3.98 1.35
CA ILE A 48 -9.73 -5.18 1.15
C ILE A 48 -10.24 -6.39 1.99
N LYS A 49 -10.66 -6.10 3.23
CA LYS A 49 -11.12 -7.09 4.22
C LYS A 49 -12.46 -7.73 3.80
N LYS A 50 -13.39 -6.84 3.42
CA LYS A 50 -14.79 -7.19 3.11
C LYS A 50 -14.94 -7.75 1.68
N GLN A 51 -13.96 -7.45 0.82
CA GLN A 51 -13.93 -7.94 -0.57
C GLN A 51 -13.49 -9.41 -0.59
N GLY A 52 -14.36 -10.28 -1.15
CA GLY A 52 -14.06 -11.70 -1.30
C GLY A 52 -13.05 -11.94 -2.40
N CYS A 53 -11.77 -11.68 -2.08
CA CYS A 53 -10.67 -11.65 -3.05
C CYS A 53 -9.44 -12.37 -2.47
N LYS A 54 -8.78 -13.22 -3.29
CA LYS A 54 -7.66 -14.07 -2.84
C LYS A 54 -6.37 -13.24 -2.67
N ARG A 55 -5.86 -12.70 -3.79
CA ARG A 55 -4.54 -12.02 -3.84
C ARG A 55 -4.74 -10.50 -3.75
N SER A 56 -3.94 -9.84 -2.89
CA SER A 56 -3.96 -8.37 -2.76
C SER A 56 -2.52 -7.87 -2.61
N ARG A 57 -2.13 -6.87 -3.45
CA ARG A 57 -0.77 -6.30 -3.44
C ARG A 57 -0.85 -4.77 -3.65
N THR A 58 -0.29 -4.01 -2.69
CA THR A 58 -0.30 -2.54 -2.74
C THR A 58 1.06 -2.00 -3.22
N SER A 59 1.04 -0.81 -3.85
CA SER A 59 2.24 -0.16 -4.36
C SER A 59 2.09 1.37 -4.14
N ILE A 60 3.02 1.96 -3.35
CA ILE A 60 2.95 3.37 -2.91
C ILE A 60 4.16 4.17 -3.44
N THR A 61 3.91 5.31 -4.12
CA THR A 61 4.96 6.19 -4.66
C THR A 61 5.87 6.72 -3.52
N ALA A 62 7.18 6.47 -3.68
CA ALA A 62 8.20 6.77 -2.66
C ALA A 62 9.37 7.51 -3.34
N ARG A 63 9.42 8.85 -3.14
CA ARG A 63 10.46 9.72 -3.76
C ARG A 63 11.89 9.30 -3.35
N THR A 64 12.04 8.82 -2.11
CA THR A 64 13.29 8.25 -1.57
C THR A 64 13.02 6.86 -0.96
N LYS A 65 14.10 6.10 -0.69
CA LYS A 65 14.03 4.82 0.04
C LYS A 65 13.55 5.05 1.48
N LYS A 66 13.84 6.27 2.00
CA LYS A 66 13.34 6.78 3.29
C LYS A 66 11.81 6.64 3.36
N GLU A 67 11.14 7.06 2.27
CA GLU A 67 9.68 6.97 2.14
C GLU A 67 9.25 5.49 2.04
N ALA A 68 9.96 4.74 1.18
CA ALA A 68 9.65 3.33 0.86
C ALA A 68 9.63 2.42 2.10
N GLU A 69 10.54 2.69 3.04
CA GLU A 69 10.71 1.88 4.27
C GLU A 69 9.61 2.19 5.30
N LYS A 70 9.30 3.48 5.52
CA LYS A 70 8.32 3.89 6.54
C LYS A 70 6.87 3.69 6.08
N PHE A 71 6.67 3.68 4.76
CA PHE A 71 5.34 3.42 4.15
C PHE A 71 5.12 1.93 3.88
N ALA A 72 6.23 1.15 3.84
CA ALA A 72 6.17 -0.31 3.91
C ALA A 72 5.53 -0.71 5.25
N ALA A 73 5.97 -0.02 6.32
CA ALA A 73 5.45 -0.19 7.68
C ALA A 73 3.94 0.17 7.77
N ILE A 74 3.50 1.16 6.95
CA ILE A 74 2.06 1.53 6.83
C ILE A 74 1.24 0.33 6.27
N LEU A 75 1.81 -0.35 5.26
CA LEU A 75 1.15 -1.48 4.58
C LEU A 75 1.17 -2.77 5.45
N ILE A 76 2.25 -2.97 6.22
CA ILE A 76 2.35 -4.09 7.18
C ILE A 76 1.33 -3.89 8.32
N LYS A 77 1.16 -2.62 8.73
CA LYS A 77 0.28 -2.24 9.86
C LYS A 77 -1.18 -2.64 9.60
N VAL A 78 -1.65 -2.28 8.40
CA VAL A 78 -3.03 -2.53 7.96
C VAL A 78 -3.28 -4.03 7.68
N TYR A 79 -2.30 -4.70 7.04
CA TYR A 79 -2.40 -6.14 6.68
C TYR A 79 -2.19 -7.07 7.90
N ALA A 80 -1.59 -6.54 8.97
CA ALA A 80 -1.44 -7.27 10.25
C ALA A 80 -2.79 -7.38 10.98
N GLU A 81 -3.65 -6.37 10.76
CA GLU A 81 -5.02 -6.35 11.29
C GLU A 81 -5.91 -7.36 10.52
N LEU A 82 -5.60 -7.53 9.22
CA LEU A 82 -6.32 -8.46 8.34
C LEU A 82 -5.89 -9.92 8.58
N GLY A 83 -4.66 -10.08 9.08
CA GLY A 83 -4.12 -11.40 9.44
C GLY A 83 -2.86 -11.25 10.25
N TYR A 84 -2.81 -11.88 11.44
CA TYR A 84 -1.70 -11.71 12.40
C TYR A 84 -0.49 -12.56 11.95
N ASN A 85 0.14 -12.11 10.85
CA ASN A 85 1.27 -12.78 10.19
C ASN A 85 2.29 -11.73 9.77
N ASP A 86 3.52 -12.18 9.47
CA ASP A 86 4.54 -11.32 8.82
C ASP A 86 4.13 -11.08 7.35
N ILE A 87 4.42 -9.89 6.82
CA ILE A 87 4.00 -9.49 5.45
C ILE A 87 5.25 -9.31 4.56
N ASN A 88 5.10 -9.62 3.24
CA ASN A 88 6.24 -9.64 2.29
C ASN A 88 6.43 -8.24 1.68
N VAL A 89 7.63 -7.66 1.85
CA VAL A 89 7.97 -6.32 1.33
C VAL A 89 8.95 -6.44 0.15
N THR A 90 8.65 -5.75 -0.96
CA THR A 90 9.57 -5.59 -2.09
C THR A 90 9.85 -4.09 -2.28
N TRP A 91 11.06 -3.64 -1.92
CA TRP A 91 11.51 -2.27 -2.18
C TRP A 91 11.99 -2.17 -3.63
N ASP A 92 11.12 -1.63 -4.50
CA ASP A 92 11.43 -1.46 -5.94
C ASP A 92 12.42 -0.30 -6.16
N GLY A 93 12.16 0.83 -5.46
CA GLY A 93 13.05 2.00 -5.50
C GLY A 93 12.27 3.30 -5.44
N ASP A 94 11.75 3.73 -6.61
CA ASP A 94 10.90 4.95 -6.73
C ASP A 94 9.48 4.68 -6.18
N THR A 95 9.18 3.41 -5.91
CA THR A 95 7.92 2.94 -5.34
C THR A 95 8.20 1.74 -4.41
N VAL A 96 7.47 1.62 -3.29
CA VAL A 96 7.49 0.38 -2.46
C VAL A 96 6.28 -0.48 -2.85
N THR A 97 6.47 -1.79 -2.93
CA THR A 97 5.43 -2.74 -3.36
C THR A 97 5.34 -3.88 -2.33
N VAL A 98 4.30 -3.85 -1.48
CA VAL A 98 4.08 -4.86 -0.42
C VAL A 98 2.96 -5.82 -0.83
N GLU A 99 3.20 -7.11 -0.61
CA GLU A 99 2.30 -8.20 -1.03
C GLU A 99 1.84 -8.96 0.23
N GLY A 100 0.55 -9.34 0.25
CA GLY A 100 -0.06 -10.05 1.38
C GLY A 100 0.52 -11.45 1.59
N GLN A 101 1.52 -11.55 2.48
CA GLN A 101 2.21 -12.82 2.80
C GLN A 101 1.32 -13.70 3.68
N LEU A 102 0.81 -14.78 3.10
CA LEU A 102 0.09 -15.85 3.82
C LEU A 102 1.08 -16.99 4.04
N GLU A 103 1.41 -17.28 5.31
CA GLU A 103 2.17 -18.48 5.68
C GLU A 103 1.18 -19.56 6.12
N GLY A 104 1.32 -20.77 5.54
CA GLY A 104 0.46 -21.90 5.87
C GLY A 104 0.64 -23.09 4.92
N VAL A 105 1.82 -23.20 4.28
CA VAL A 105 2.17 -24.36 3.43
C VAL A 105 2.85 -25.45 4.30
N ASP A 106 2.05 -25.99 5.23
CA ASP A 106 2.51 -26.97 6.22
C ASP A 106 2.42 -28.38 5.58
N MET A 1 20.65 6.62 6.94
CA MET A 1 20.97 7.57 5.85
C MET A 1 20.86 9.01 6.37
N HIS A 2 21.95 9.51 6.99
CA HIS A 2 22.04 10.89 7.47
C HIS A 2 22.65 11.78 6.36
N HIS A 3 21.81 12.12 5.38
CA HIS A 3 22.14 13.05 4.30
C HIS A 3 20.89 13.85 3.95
N HIS A 4 21.04 15.18 3.84
CA HIS A 4 19.98 16.08 3.41
C HIS A 4 19.87 15.99 1.88
N HIS A 5 19.25 14.91 1.39
CA HIS A 5 19.12 14.64 -0.05
C HIS A 5 17.95 15.47 -0.61
N HIS A 6 18.25 16.70 -1.06
CA HIS A 6 17.26 17.59 -1.67
C HIS A 6 16.82 17.03 -3.03
N HIS A 7 15.50 16.88 -3.18
CA HIS A 7 14.87 16.34 -4.39
C HIS A 7 13.37 16.65 -4.33
N ARG A 8 12.79 17.05 -5.48
CA ARG A 8 11.34 17.32 -5.60
C ARG A 8 10.53 16.05 -5.30
N SER A 9 9.96 16.01 -4.09
CA SER A 9 9.12 14.91 -3.62
C SER A 9 7.83 14.83 -4.43
N GLY A 10 7.84 13.94 -5.44
CA GLY A 10 6.64 13.62 -6.22
C GLY A 10 5.54 13.08 -5.33
N ASP A 11 4.33 13.63 -5.48
CA ASP A 11 3.18 13.38 -4.59
C ASP A 11 2.79 11.90 -4.55
N ILE A 12 2.13 11.50 -3.45
CA ILE A 12 1.92 10.10 -3.08
C ILE A 12 0.76 9.50 -3.90
N GLN A 13 1.09 8.68 -4.90
CA GLN A 13 0.10 7.86 -5.62
C GLN A 13 0.07 6.46 -4.99
N VAL A 14 -1.13 5.97 -4.72
CA VAL A 14 -1.39 4.67 -4.12
C VAL A 14 -2.20 3.84 -5.12
N GLN A 15 -1.77 2.60 -5.38
CA GLN A 15 -2.50 1.64 -6.24
C GLN A 15 -2.73 0.35 -5.44
N ASN A 16 -3.88 -0.31 -5.65
CA ASN A 16 -4.19 -1.59 -4.98
C ASN A 16 -4.89 -2.55 -5.97
N ASN A 17 -4.35 -3.77 -6.06
CA ASN A 17 -4.80 -4.82 -6.99
C ASN A 17 -5.54 -5.91 -6.20
N ASN A 18 -6.86 -6.05 -6.43
CA ASN A 18 -7.70 -6.99 -5.66
C ASN A 18 -7.94 -8.28 -6.45
N THR A 19 -8.04 -9.40 -5.73
CA THR A 19 -8.59 -10.65 -6.27
C THR A 19 -10.08 -10.73 -5.88
N CYS A 20 -10.87 -11.51 -6.64
CA CYS A 20 -12.36 -11.50 -6.57
C CYS A 20 -12.92 -10.08 -6.84
N ASN A 21 -12.39 -9.43 -7.89
CA ASN A 21 -12.84 -8.10 -8.33
C ASN A 21 -13.87 -8.27 -9.46
N GLY A 22 -15.01 -7.57 -9.34
CA GLY A 22 -16.10 -7.66 -10.31
C GLY A 22 -16.67 -6.29 -10.66
N LYS A 23 -17.23 -5.61 -9.65
CA LYS A 23 -17.81 -4.27 -9.81
C LYS A 23 -17.67 -3.50 -8.48
N THR A 24 -16.73 -2.55 -8.49
CA THR A 24 -16.45 -1.65 -7.36
C THR A 24 -15.79 -0.37 -7.92
N PHE A 25 -15.40 0.56 -7.04
CA PHE A 25 -14.68 1.79 -7.43
C PHE A 25 -13.17 1.48 -7.56
N ASP A 26 -12.42 2.44 -8.08
CA ASP A 26 -10.97 2.30 -8.33
C ASP A 26 -10.17 2.61 -7.06
N TYR A 27 -9.32 1.65 -6.66
CA TYR A 27 -8.51 1.70 -5.41
C TYR A 27 -7.23 2.54 -5.57
N THR A 28 -7.14 3.33 -6.67
CA THR A 28 -6.04 4.29 -6.84
C THR A 28 -6.39 5.61 -6.13
N TYR A 29 -5.51 6.08 -5.25
CA TYR A 29 -5.68 7.33 -4.51
C TYR A 29 -4.49 8.24 -4.75
N THR A 30 -4.71 9.54 -4.57
CA THR A 30 -3.68 10.56 -4.70
C THR A 30 -3.76 11.49 -3.48
N VAL A 31 -2.80 11.34 -2.56
CA VAL A 31 -2.69 12.19 -1.35
C VAL A 31 -1.37 12.99 -1.43
N THR A 32 -1.37 14.22 -0.93
CA THR A 32 -0.16 15.08 -0.94
C THR A 32 0.52 15.02 0.44
N THR A 33 -0.28 14.84 1.48
CA THR A 33 0.17 14.83 2.88
C THR A 33 0.30 13.36 3.35
N GLU A 34 1.37 13.09 4.12
CA GLU A 34 1.67 11.76 4.65
C GLU A 34 0.62 11.31 5.70
N SER A 35 0.01 12.31 6.36
CA SER A 35 -1.08 12.09 7.34
C SER A 35 -2.31 11.48 6.65
N GLU A 36 -2.69 12.05 5.48
CA GLU A 36 -3.85 11.58 4.67
C GLU A 36 -3.69 10.11 4.28
N LEU A 37 -2.42 9.67 4.17
CA LEU A 37 -2.08 8.30 3.80
C LEU A 37 -2.42 7.30 4.93
N GLN A 38 -2.21 7.73 6.18
CA GLN A 38 -2.53 6.92 7.38
C GLN A 38 -4.06 6.74 7.53
N LYS A 39 -4.80 7.78 7.09
CA LYS A 39 -6.29 7.79 7.09
C LYS A 39 -6.85 6.88 5.98
N VAL A 40 -6.31 7.02 4.75
CA VAL A 40 -6.83 6.30 3.58
C VAL A 40 -6.61 4.79 3.73
N LEU A 41 -5.43 4.37 4.22
CA LEU A 41 -5.12 2.95 4.46
C LEU A 41 -6.02 2.34 5.56
N ASN A 42 -6.46 3.19 6.52
CA ASN A 42 -7.32 2.77 7.64
C ASN A 42 -8.68 2.28 7.12
N GLU A 43 -9.33 3.10 6.26
CA GLU A 43 -10.68 2.78 5.71
C GLU A 43 -10.61 1.85 4.48
N LEU A 44 -9.50 1.96 3.72
CA LEU A 44 -9.27 1.15 2.50
C LEU A 44 -9.04 -0.32 2.89
N LYS A 45 -8.41 -0.52 4.07
CA LYS A 45 -8.16 -1.84 4.69
C LYS A 45 -9.44 -2.70 4.75
N ASP A 46 -10.60 -2.04 5.01
CA ASP A 46 -11.93 -2.68 5.06
C ASP A 46 -12.33 -3.23 3.68
N TYR A 47 -12.09 -2.44 2.63
CA TYR A 47 -12.45 -2.79 1.24
C TYR A 47 -11.51 -3.89 0.69
N ILE A 48 -10.25 -3.82 1.14
CA ILE A 48 -9.18 -4.77 0.84
C ILE A 48 -9.47 -6.14 1.51
N LYS A 49 -10.16 -6.09 2.67
CA LYS A 49 -10.53 -7.27 3.47
C LYS A 49 -11.85 -7.87 2.94
N LYS A 50 -12.72 -6.98 2.42
CA LYS A 50 -14.01 -7.34 1.83
C LYS A 50 -13.80 -8.16 0.54
N GLN A 51 -12.87 -7.67 -0.30
CA GLN A 51 -12.39 -8.37 -1.49
C GLN A 51 -11.01 -9.00 -1.17
N GLY A 52 -10.27 -9.38 -2.22
CA GLY A 52 -8.92 -9.94 -2.08
C GLY A 52 -8.90 -11.31 -1.41
N CYS A 53 -9.60 -12.29 -2.04
CA CYS A 53 -9.73 -13.66 -1.52
C CYS A 53 -8.36 -14.32 -1.24
N LYS A 54 -7.49 -14.27 -2.25
CA LYS A 54 -6.08 -14.70 -2.12
C LYS A 54 -5.28 -13.56 -1.48
N ARG A 55 -5.16 -12.44 -2.22
CA ARG A 55 -4.45 -11.24 -1.76
C ARG A 55 -4.96 -9.97 -2.45
N SER A 56 -4.58 -8.82 -1.87
CA SER A 56 -4.69 -7.51 -2.51
C SER A 56 -3.36 -6.79 -2.31
N ARG A 57 -2.68 -6.42 -3.42
CA ARG A 57 -1.32 -5.86 -3.39
C ARG A 57 -1.35 -4.32 -3.50
N THR A 58 -0.76 -3.63 -2.52
CA THR A 58 -0.68 -2.16 -2.51
C THR A 58 0.73 -1.71 -2.93
N SER A 59 0.80 -0.61 -3.68
CA SER A 59 2.04 -0.07 -4.24
C SER A 59 1.97 1.47 -4.14
N ILE A 60 2.93 2.10 -3.41
CA ILE A 60 2.89 3.54 -3.06
C ILE A 60 4.19 4.25 -3.52
N THR A 61 4.05 5.48 -4.06
CA THR A 61 5.18 6.29 -4.55
C THR A 61 6.23 6.53 -3.44
N ALA A 62 7.51 6.28 -3.80
CA ALA A 62 8.66 6.50 -2.92
C ALA A 62 9.79 7.16 -3.73
N ARG A 63 10.42 8.20 -3.20
CA ARG A 63 11.52 8.88 -3.92
C ARG A 63 12.88 8.33 -3.48
N THR A 64 13.02 8.08 -2.17
CA THR A 64 14.20 7.41 -1.59
C THR A 64 13.74 6.15 -0.83
N LYS A 65 14.71 5.33 -0.38
CA LYS A 65 14.42 4.12 0.43
C LYS A 65 13.81 4.53 1.78
N LYS A 66 14.20 5.74 2.27
CA LYS A 66 13.73 6.28 3.54
C LYS A 66 12.22 6.61 3.47
N GLU A 67 11.76 6.99 2.25
CA GLU A 67 10.33 7.21 1.97
C GLU A 67 9.59 5.87 1.88
N ALA A 68 10.27 4.89 1.26
CA ALA A 68 9.74 3.56 1.00
C ALA A 68 9.54 2.76 2.32
N GLU A 69 10.47 2.93 3.28
CA GLU A 69 10.45 2.15 4.53
C GLU A 69 9.48 2.74 5.57
N LYS A 70 9.32 4.09 5.56
CA LYS A 70 8.40 4.77 6.49
C LYS A 70 6.93 4.43 6.13
N PHE A 71 6.66 4.31 4.82
CA PHE A 71 5.33 3.94 4.29
C PHE A 71 5.15 2.42 4.18
N ALA A 72 6.27 1.66 4.20
CA ALA A 72 6.23 0.20 4.33
C ALA A 72 5.51 -0.18 5.63
N ALA A 73 5.83 0.55 6.71
CA ALA A 73 5.21 0.37 8.04
C ALA A 73 3.68 0.56 7.98
N ILE A 74 3.23 1.57 7.19
CA ILE A 74 1.80 1.88 6.99
C ILE A 74 1.04 0.70 6.36
N LEU A 75 1.72 -0.02 5.44
CA LEU A 75 1.13 -1.14 4.70
C LEU A 75 1.16 -2.43 5.54
N ILE A 76 2.31 -2.70 6.17
CA ILE A 76 2.55 -3.94 6.96
C ILE A 76 1.57 -4.04 8.14
N LYS A 77 1.18 -2.87 8.70
CA LYS A 77 0.15 -2.77 9.77
C LYS A 77 -1.24 -3.21 9.27
N VAL A 78 -1.61 -2.73 8.05
CA VAL A 78 -2.88 -3.07 7.38
C VAL A 78 -3.01 -4.59 7.19
N TYR A 79 -1.98 -5.17 6.53
CA TYR A 79 -1.95 -6.60 6.16
C TYR A 79 -1.87 -7.51 7.40
N ALA A 80 -1.26 -6.98 8.48
CA ALA A 80 -1.16 -7.70 9.76
C ALA A 80 -2.54 -7.87 10.41
N GLU A 81 -3.38 -6.82 10.30
CA GLU A 81 -4.77 -6.83 10.79
C GLU A 81 -5.67 -7.72 9.93
N LEU A 82 -5.30 -7.88 8.63
CA LEU A 82 -6.01 -8.79 7.70
C LEU A 82 -5.67 -10.25 8.04
N GLY A 83 -4.43 -10.44 8.57
CA GLY A 83 -3.96 -11.70 9.15
C GLY A 83 -4.20 -12.94 8.30
N TYR A 84 -3.80 -12.91 7.02
CA TYR A 84 -3.86 -14.09 6.14
C TYR A 84 -2.85 -15.16 6.63
N ASN A 85 -1.58 -14.79 6.65
CA ASN A 85 -0.50 -15.62 7.21
C ASN A 85 0.67 -14.71 7.65
N ASP A 86 1.45 -14.23 6.66
CA ASP A 86 2.65 -13.41 6.89
C ASP A 86 2.64 -12.21 5.92
N ILE A 87 3.56 -11.26 6.11
CA ILE A 87 3.63 -10.01 5.32
C ILE A 87 4.84 -10.07 4.37
N ASN A 88 4.61 -9.90 3.06
CA ASN A 88 5.68 -9.75 2.05
C ASN A 88 5.88 -8.26 1.75
N VAL A 89 7.02 -7.71 2.15
CA VAL A 89 7.41 -6.33 1.80
C VAL A 89 8.55 -6.37 0.78
N THR A 90 8.48 -5.50 -0.23
CA THR A 90 9.51 -5.38 -1.27
C THR A 90 9.64 -3.90 -1.66
N TRP A 91 10.87 -3.39 -1.59
CA TRP A 91 11.18 -2.01 -1.97
C TRP A 91 11.80 -2.00 -3.38
N ASP A 92 11.02 -1.53 -4.36
CA ASP A 92 11.49 -1.32 -5.76
C ASP A 92 12.53 -0.19 -5.81
N GLY A 93 12.45 0.70 -4.80
CA GLY A 93 13.27 1.90 -4.73
C GLY A 93 12.43 3.13 -5.01
N ASP A 94 11.88 3.15 -6.23
CA ASP A 94 11.02 4.25 -6.71
C ASP A 94 9.56 4.02 -6.27
N THR A 95 9.27 2.81 -5.77
CA THR A 95 7.96 2.45 -5.21
C THR A 95 8.15 1.44 -4.03
N VAL A 96 7.31 1.52 -3.00
CA VAL A 96 7.19 0.46 -1.96
C VAL A 96 5.97 -0.41 -2.28
N THR A 97 6.14 -1.73 -2.23
CA THR A 97 5.09 -2.70 -2.62
C THR A 97 4.99 -3.81 -1.59
N VAL A 98 3.79 -3.98 -0.99
CA VAL A 98 3.49 -5.03 0.00
C VAL A 98 2.36 -5.94 -0.52
N GLU A 99 2.46 -7.24 -0.21
CA GLU A 99 1.56 -8.29 -0.71
C GLU A 99 1.48 -9.41 0.36
N GLY A 100 0.52 -10.35 0.21
CA GLY A 100 0.33 -11.43 1.17
C GLY A 100 1.38 -12.54 1.06
N GLN A 101 2.13 -12.80 2.15
CA GLN A 101 3.17 -13.85 2.18
C GLN A 101 2.62 -15.11 2.86
N LEU A 102 2.95 -16.27 2.31
CA LEU A 102 2.72 -17.56 2.97
C LEU A 102 4.10 -18.09 3.42
N GLU A 103 4.38 -17.96 4.72
CA GLU A 103 5.69 -18.35 5.31
C GLU A 103 5.45 -18.97 6.71
N GLY A 104 6.51 -18.99 7.55
CA GLY A 104 6.46 -19.57 8.89
C GLY A 104 7.12 -20.93 8.95
N VAL A 105 8.08 -21.19 8.05
CA VAL A 105 8.86 -22.44 8.05
C VAL A 105 9.84 -22.44 9.24
N ASP A 106 9.40 -23.07 10.34
CA ASP A 106 10.16 -23.16 11.59
C ASP A 106 10.88 -24.54 11.66
N MET A 1 0.29 19.27 -22.56
CA MET A 1 1.56 18.91 -21.89
C MET A 1 1.77 17.38 -21.86
N HIS A 2 1.35 16.70 -22.95
CA HIS A 2 1.50 15.22 -23.10
C HIS A 2 2.96 14.87 -23.46
N HIS A 3 3.81 14.89 -22.43
CA HIS A 3 5.25 14.65 -22.52
C HIS A 3 5.75 14.29 -21.12
N HIS A 4 6.84 13.51 -21.02
CA HIS A 4 7.45 13.13 -19.72
C HIS A 4 8.06 14.36 -19.03
N HIS A 5 7.23 15.00 -18.19
CA HIS A 5 7.60 16.17 -17.38
C HIS A 5 7.66 15.76 -15.89
N HIS A 6 8.60 16.35 -15.14
CA HIS A 6 8.81 16.03 -13.72
C HIS A 6 8.99 17.34 -12.92
N HIS A 7 8.13 17.54 -11.91
CA HIS A 7 8.23 18.66 -10.96
C HIS A 7 8.99 18.21 -9.71
N ARG A 8 9.38 19.20 -8.89
CA ARG A 8 9.99 18.98 -7.56
C ARG A 8 8.96 18.24 -6.65
N SER A 9 7.68 18.65 -6.79
CA SER A 9 6.54 17.96 -6.16
C SER A 9 6.27 16.61 -6.87
N GLY A 10 6.55 15.51 -6.17
CA GLY A 10 6.26 14.15 -6.65
C GLY A 10 5.24 13.50 -5.76
N ASP A 11 3.96 13.75 -6.07
CA ASP A 11 2.82 13.34 -5.22
C ASP A 11 2.71 11.81 -5.09
N ILE A 12 2.27 11.39 -3.90
CA ILE A 12 2.25 10.00 -3.48
C ILE A 12 1.05 9.29 -4.13
N GLN A 13 1.34 8.49 -5.17
CA GLN A 13 0.34 7.68 -5.86
C GLN A 13 0.30 6.29 -5.20
N VAL A 14 -0.88 5.90 -4.73
CA VAL A 14 -1.08 4.64 -3.98
C VAL A 14 -2.02 3.74 -4.77
N GLN A 15 -1.47 2.69 -5.41
CA GLN A 15 -2.26 1.75 -6.22
C GLN A 15 -2.32 0.41 -5.50
N ASN A 16 -3.50 0.08 -4.95
CA ASN A 16 -3.74 -1.20 -4.27
C ASN A 16 -4.51 -2.09 -5.23
N ASN A 17 -3.84 -3.14 -5.73
CA ASN A 17 -4.38 -4.03 -6.77
C ASN A 17 -4.82 -5.34 -6.10
N ASN A 18 -6.11 -5.63 -6.20
CA ASN A 18 -6.75 -6.71 -5.43
C ASN A 18 -6.91 -7.94 -6.31
N THR A 19 -6.29 -9.05 -5.87
CA THR A 19 -6.41 -10.34 -6.55
C THR A 19 -7.57 -11.10 -5.90
N CYS A 20 -8.68 -11.26 -6.65
CA CYS A 20 -9.97 -11.66 -6.10
C CYS A 20 -10.59 -12.79 -6.94
N ASN A 21 -11.11 -13.82 -6.26
CA ASN A 21 -11.82 -14.94 -6.91
C ASN A 21 -13.15 -14.44 -7.50
N GLY A 22 -13.74 -13.44 -6.81
CA GLY A 22 -14.93 -12.74 -7.29
C GLY A 22 -14.55 -11.45 -8.03
N LYS A 23 -15.32 -10.38 -7.81
CA LYS A 23 -15.15 -9.09 -8.50
C LYS A 23 -13.84 -8.38 -8.05
N THR A 24 -12.98 -8.06 -9.03
CA THR A 24 -11.67 -7.42 -8.82
C THR A 24 -11.76 -5.89 -9.05
N PHE A 25 -10.85 -5.16 -8.38
CA PHE A 25 -10.57 -3.72 -8.62
C PHE A 25 -9.12 -3.40 -8.28
N ASP A 26 -8.70 -2.17 -8.59
CA ASP A 26 -7.49 -1.55 -8.03
C ASP A 26 -7.92 -0.23 -7.36
N TYR A 27 -7.78 -0.15 -6.03
CA TYR A 27 -8.05 1.06 -5.27
C TYR A 27 -6.84 2.01 -5.35
N THR A 28 -6.80 2.84 -6.41
CA THR A 28 -5.76 3.86 -6.57
C THR A 28 -6.25 5.21 -6.02
N TYR A 29 -5.46 5.77 -5.09
CA TYR A 29 -5.70 7.09 -4.48
C TYR A 29 -4.50 7.98 -4.79
N THR A 30 -4.68 9.30 -4.60
CA THR A 30 -3.62 10.29 -4.73
C THR A 30 -3.59 11.15 -3.47
N VAL A 31 -2.60 10.89 -2.61
CA VAL A 31 -2.33 11.70 -1.42
C VAL A 31 -1.03 12.49 -1.65
N THR A 32 -0.88 13.60 -0.92
CA THR A 32 0.32 14.45 -0.98
C THR A 32 1.06 14.42 0.37
N THR A 33 0.40 13.81 1.39
CA THR A 33 0.87 13.81 2.79
C THR A 33 0.59 12.42 3.44
N GLU A 34 1.45 12.02 4.42
CA GLU A 34 1.40 10.70 5.09
C GLU A 34 0.17 10.55 6.00
N SER A 35 -0.26 11.67 6.62
CA SER A 35 -1.44 11.70 7.50
C SER A 35 -2.69 11.24 6.73
N GLU A 36 -2.88 11.83 5.54
CA GLU A 36 -4.01 11.53 4.65
C GLU A 36 -3.94 10.07 4.18
N LEU A 37 -2.71 9.61 3.89
CA LEU A 37 -2.41 8.24 3.47
C LEU A 37 -2.87 7.20 4.51
N GLN A 38 -2.56 7.44 5.79
CA GLN A 38 -2.84 6.51 6.89
C GLN A 38 -4.35 6.38 7.14
N LYS A 39 -5.10 7.48 6.90
CA LYS A 39 -6.58 7.46 6.97
C LYS A 39 -7.15 6.65 5.78
N VAL A 40 -6.50 6.78 4.61
CA VAL A 40 -6.79 5.95 3.43
C VAL A 40 -6.53 4.46 3.74
N LEU A 41 -5.46 4.18 4.50
CA LEU A 41 -5.09 2.80 4.89
C LEU A 41 -6.11 2.19 5.89
N ASN A 42 -6.69 3.05 6.75
CA ASN A 42 -7.72 2.65 7.74
C ASN A 42 -9.00 2.15 7.06
N GLU A 43 -9.48 2.95 6.07
CA GLU A 43 -10.69 2.61 5.30
C GLU A 43 -10.41 1.46 4.32
N LEU A 44 -9.22 1.47 3.69
CA LEU A 44 -8.81 0.52 2.63
C LEU A 44 -8.76 -0.92 3.18
N LYS A 45 -8.27 -1.03 4.42
CA LYS A 45 -8.24 -2.26 5.23
C LYS A 45 -9.62 -2.98 5.23
N ASP A 46 -10.67 -2.15 5.41
CA ASP A 46 -12.07 -2.60 5.46
C ASP A 46 -12.52 -3.16 4.09
N TYR A 47 -12.18 -2.44 3.00
CA TYR A 47 -12.56 -2.81 1.61
C TYR A 47 -11.93 -4.16 1.20
N ILE A 48 -10.59 -4.25 1.31
CA ILE A 48 -9.80 -5.43 0.91
C ILE A 48 -10.29 -6.71 1.62
N LYS A 49 -10.54 -6.58 2.94
CA LYS A 49 -10.94 -7.69 3.80
C LYS A 49 -12.35 -8.17 3.46
N LYS A 50 -13.24 -7.20 3.18
CA LYS A 50 -14.66 -7.45 2.89
C LYS A 50 -14.84 -8.14 1.53
N GLN A 51 -14.10 -7.66 0.52
CA GLN A 51 -14.13 -8.20 -0.83
C GLN A 51 -13.63 -9.66 -0.84
N GLY A 52 -14.20 -10.47 -1.76
CA GLY A 52 -13.79 -11.87 -1.95
C GLY A 52 -12.45 -11.95 -2.66
N CYS A 53 -11.40 -11.55 -1.95
CA CYS A 53 -10.04 -11.42 -2.46
C CYS A 53 -9.10 -12.24 -1.60
N LYS A 54 -8.21 -12.98 -2.27
CA LYS A 54 -7.17 -13.78 -1.63
C LYS A 54 -6.16 -12.85 -0.93
N ARG A 55 -5.63 -11.88 -1.71
CA ARG A 55 -4.72 -10.84 -1.18
C ARG A 55 -4.79 -9.58 -2.06
N SER A 56 -4.21 -8.49 -1.55
CA SER A 56 -4.03 -7.23 -2.31
C SER A 56 -2.54 -6.83 -2.30
N ARG A 57 -2.14 -6.02 -3.28
CA ARG A 57 -0.76 -5.54 -3.44
C ARG A 57 -0.76 -4.01 -3.56
N THR A 58 -0.25 -3.30 -2.52
CA THR A 58 -0.18 -1.83 -2.53
C THR A 58 1.19 -1.39 -3.05
N SER A 59 1.17 -0.40 -3.95
CA SER A 59 2.36 0.19 -4.56
C SER A 59 2.31 1.70 -4.36
N ILE A 60 3.31 2.25 -3.66
CA ILE A 60 3.35 3.67 -3.24
C ILE A 60 4.60 4.34 -3.82
N THR A 61 4.42 5.55 -4.39
CA THR A 61 5.51 6.34 -4.96
C THR A 61 6.57 6.67 -3.89
N ALA A 62 7.82 6.26 -4.15
CA ALA A 62 8.97 6.39 -3.23
C ALA A 62 10.14 7.01 -4.01
N ARG A 63 10.32 8.32 -3.82
CA ARG A 63 11.38 9.11 -4.48
C ARG A 63 12.67 9.02 -3.67
N THR A 64 12.50 9.11 -2.34
CA THR A 64 13.57 8.85 -1.36
C THR A 64 13.36 7.48 -0.71
N LYS A 65 14.46 6.89 -0.21
CA LYS A 65 14.43 5.60 0.52
C LYS A 65 13.64 5.75 1.82
N LYS A 66 13.61 6.98 2.39
CA LYS A 66 12.87 7.26 3.64
C LYS A 66 11.36 7.08 3.46
N GLU A 67 10.83 7.46 2.28
CA GLU A 67 9.44 7.20 1.91
C GLU A 67 9.22 5.68 1.77
N ALA A 68 10.14 5.03 1.06
CA ALA A 68 10.10 3.56 0.84
C ALA A 68 10.08 2.78 2.18
N GLU A 69 10.82 3.28 3.18
CA GLU A 69 10.93 2.66 4.52
C GLU A 69 9.64 2.87 5.34
N LYS A 70 9.28 4.15 5.56
CA LYS A 70 8.21 4.52 6.51
C LYS A 70 6.83 4.08 6.02
N PHE A 71 6.56 4.20 4.70
CA PHE A 71 5.28 3.73 4.10
C PHE A 71 5.18 2.20 4.14
N ALA A 72 6.35 1.50 4.02
CA ALA A 72 6.42 0.02 4.14
C ALA A 72 5.88 -0.43 5.50
N ALA A 73 6.29 0.28 6.56
CA ALA A 73 5.82 0.04 7.95
C ALA A 73 4.30 0.22 8.05
N ILE A 74 3.81 1.36 7.49
CA ILE A 74 2.37 1.74 7.47
C ILE A 74 1.51 0.64 6.78
N LEU A 75 2.08 0.02 5.73
CA LEU A 75 1.41 -1.05 4.98
C LEU A 75 1.41 -2.37 5.79
N ILE A 76 2.57 -2.76 6.38
CA ILE A 76 2.71 -4.02 7.16
C ILE A 76 1.71 -4.06 8.34
N LYS A 77 1.46 -2.90 8.98
CA LYS A 77 0.51 -2.77 10.10
C LYS A 77 -0.93 -3.14 9.67
N VAL A 78 -1.35 -2.57 8.54
CA VAL A 78 -2.70 -2.75 7.98
C VAL A 78 -2.90 -4.19 7.45
N TYR A 79 -1.87 -4.70 6.77
CA TYR A 79 -1.85 -6.07 6.21
C TYR A 79 -1.77 -7.14 7.34
N ALA A 80 -1.21 -6.77 8.50
CA ALA A 80 -1.14 -7.67 9.68
C ALA A 80 -2.54 -7.96 10.23
N GLU A 81 -3.42 -6.95 10.12
CA GLU A 81 -4.84 -7.05 10.51
C GLU A 81 -5.62 -7.99 9.54
N LEU A 82 -5.11 -8.11 8.29
CA LEU A 82 -5.76 -8.88 7.21
C LEU A 82 -5.21 -10.31 7.09
N GLY A 83 -3.95 -10.49 7.53
CA GLY A 83 -3.27 -11.77 7.43
C GLY A 83 -2.98 -12.34 8.81
N TYR A 84 -1.91 -11.82 9.43
CA TYR A 84 -1.45 -12.25 10.76
C TYR A 84 -0.34 -11.30 11.24
N ASN A 85 0.81 -11.35 10.54
CA ASN A 85 2.06 -10.65 10.91
C ASN A 85 3.11 -10.88 9.81
N ASP A 86 3.12 -12.12 9.28
CA ASP A 86 3.99 -12.52 8.16
C ASP A 86 3.48 -11.91 6.85
N ILE A 87 4.02 -10.73 6.51
CA ILE A 87 3.63 -9.95 5.32
C ILE A 87 4.84 -9.80 4.38
N ASN A 88 4.60 -9.78 3.06
CA ASN A 88 5.66 -9.64 2.05
C ASN A 88 5.91 -8.14 1.79
N VAL A 89 7.08 -7.65 2.22
CA VAL A 89 7.57 -6.29 1.86
C VAL A 89 8.70 -6.43 0.82
N THR A 90 8.56 -5.73 -0.30
CA THR A 90 9.55 -5.72 -1.38
C THR A 90 9.65 -4.29 -1.94
N TRP A 91 10.82 -3.68 -1.74
CA TRP A 91 11.10 -2.32 -2.24
C TRP A 91 11.50 -2.41 -3.72
N ASP A 92 10.56 -2.00 -4.60
CA ASP A 92 10.76 -1.95 -6.07
C ASP A 92 11.86 -0.91 -6.45
N GLY A 93 12.04 0.11 -5.60
CA GLY A 93 13.06 1.14 -5.79
C GLY A 93 12.41 2.51 -5.87
N ASP A 94 11.88 2.83 -7.06
CA ASP A 94 11.09 4.07 -7.30
C ASP A 94 9.70 3.96 -6.65
N THR A 95 9.37 2.75 -6.17
CA THR A 95 8.09 2.43 -5.53
C THR A 95 8.36 1.45 -4.37
N VAL A 96 7.59 1.56 -3.26
CA VAL A 96 7.54 0.51 -2.23
C VAL A 96 6.29 -0.36 -2.46
N THR A 97 6.45 -1.68 -2.45
CA THR A 97 5.39 -2.65 -2.72
C THR A 97 5.23 -3.60 -1.54
N VAL A 98 4.00 -3.76 -1.05
CA VAL A 98 3.66 -4.68 0.05
C VAL A 98 2.41 -5.49 -0.34
N GLU A 99 2.49 -6.82 -0.18
CA GLU A 99 1.41 -7.74 -0.54
C GLU A 99 1.17 -8.74 0.62
N GLY A 100 -0.11 -9.11 0.83
CA GLY A 100 -0.49 -10.12 1.84
C GLY A 100 -0.17 -11.53 1.35
N GLN A 101 0.05 -12.47 2.30
CA GLN A 101 0.43 -13.86 1.98
C GLN A 101 -0.68 -14.83 2.40
N LEU A 102 -0.98 -15.79 1.50
CA LEU A 102 -1.96 -16.86 1.73
C LEU A 102 -1.31 -17.91 2.62
N GLU A 103 -1.69 -17.92 3.91
CA GLU A 103 -1.05 -18.76 4.93
C GLU A 103 -2.12 -19.59 5.68
N GLY A 104 -1.77 -20.83 6.07
CA GLY A 104 -2.68 -21.73 6.77
C GLY A 104 -1.92 -22.81 7.55
N VAL A 105 -1.00 -22.37 8.43
CA VAL A 105 -0.30 -23.26 9.37
C VAL A 105 -1.19 -23.53 10.62
N ASP A 106 -1.48 -24.80 10.89
CA ASP A 106 -2.31 -25.23 12.03
C ASP A 106 -1.58 -26.37 12.76
N MET A 1 3.45 31.31 -1.58
CA MET A 1 4.52 32.18 -2.12
C MET A 1 5.37 31.37 -3.13
N HIS A 2 4.74 31.04 -4.28
CA HIS A 2 5.37 30.35 -5.41
C HIS A 2 5.97 28.99 -4.99
N HIS A 3 5.21 28.25 -4.17
CA HIS A 3 5.64 26.96 -3.59
C HIS A 3 4.80 25.79 -4.15
N HIS A 4 3.89 26.09 -5.09
CA HIS A 4 2.97 25.08 -5.70
C HIS A 4 3.75 24.01 -6.49
N HIS A 5 4.87 24.43 -7.10
CA HIS A 5 5.74 23.52 -7.86
C HIS A 5 6.48 22.58 -6.89
N HIS A 6 6.54 21.29 -7.25
CA HIS A 6 7.09 20.24 -6.39
C HIS A 6 8.38 19.67 -6.98
N HIS A 7 9.40 19.51 -6.13
CA HIS A 7 10.74 19.04 -6.54
C HIS A 7 11.37 18.24 -5.39
N ARG A 8 10.95 18.56 -4.14
CA ARG A 8 11.34 17.80 -2.93
C ARG A 8 10.80 16.37 -3.03
N SER A 9 9.50 16.27 -3.32
CA SER A 9 8.78 15.00 -3.51
C SER A 9 7.58 15.23 -4.44
N GLY A 10 6.96 14.14 -4.91
CA GLY A 10 5.76 14.20 -5.77
C GLY A 10 4.50 13.81 -5.01
N ASP A 11 3.36 13.79 -5.72
CA ASP A 11 2.07 13.36 -5.13
C ASP A 11 2.11 11.84 -4.94
N ILE A 12 1.95 11.41 -3.68
CA ILE A 12 2.12 10.02 -3.28
C ILE A 12 0.93 9.17 -3.78
N GLN A 13 1.19 8.38 -4.83
CA GLN A 13 0.21 7.47 -5.42
C GLN A 13 0.23 6.14 -4.64
N VAL A 14 -0.86 5.86 -3.92
CA VAL A 14 -1.08 4.60 -3.21
C VAL A 14 -1.86 3.66 -4.16
N GLN A 15 -1.16 2.63 -4.65
CA GLN A 15 -1.69 1.70 -5.66
C GLN A 15 -2.12 0.39 -5.00
N ASN A 16 -3.42 0.13 -4.95
CA ASN A 16 -3.96 -1.13 -4.42
C ASN A 16 -4.37 -2.03 -5.59
N ASN A 17 -3.68 -3.15 -5.74
CA ASN A 17 -4.00 -4.17 -6.72
C ASN A 17 -4.69 -5.34 -6.02
N ASN A 18 -5.87 -5.69 -6.51
CA ASN A 18 -6.64 -6.84 -6.02
C ASN A 18 -7.35 -7.50 -7.20
N THR A 19 -7.10 -8.79 -7.43
CA THR A 19 -7.72 -9.57 -8.52
C THR A 19 -8.26 -10.87 -7.92
N CYS A 20 -9.59 -11.02 -7.93
CA CYS A 20 -10.30 -12.09 -7.23
C CYS A 20 -10.73 -13.20 -8.22
N ASN A 21 -11.44 -12.78 -9.27
CA ASN A 21 -11.98 -13.68 -10.32
C ASN A 21 -11.60 -13.12 -11.70
N GLY A 22 -12.25 -12.00 -12.10
CA GLY A 22 -11.99 -11.36 -13.39
C GLY A 22 -12.02 -9.85 -13.26
N LYS A 23 -13.23 -9.26 -13.37
CA LYS A 23 -13.42 -7.80 -13.22
C LYS A 23 -13.36 -7.41 -11.74
N THR A 24 -12.74 -6.26 -11.48
CA THR A 24 -12.47 -5.81 -10.11
C THR A 24 -12.08 -4.32 -10.13
N PHE A 25 -12.12 -3.69 -8.94
CA PHE A 25 -11.80 -2.27 -8.77
C PHE A 25 -10.56 -2.13 -7.89
N ASP A 26 -9.46 -1.68 -8.50
CA ASP A 26 -8.20 -1.40 -7.82
C ASP A 26 -8.33 -0.06 -7.10
N TYR A 27 -8.43 -0.09 -5.76
CA TYR A 27 -8.74 1.10 -4.94
C TYR A 27 -7.49 1.99 -4.83
N THR A 28 -7.24 2.76 -5.89
CA THR A 28 -6.07 3.65 -5.99
C THR A 28 -6.39 5.01 -5.35
N TYR A 29 -5.50 5.45 -4.46
CA TYR A 29 -5.58 6.75 -3.81
C TYR A 29 -4.43 7.63 -4.30
N THR A 30 -4.65 8.94 -4.34
CA THR A 30 -3.59 9.91 -4.65
C THR A 30 -3.63 11.00 -3.56
N VAL A 31 -2.63 10.95 -2.66
CA VAL A 31 -2.53 11.84 -1.50
C VAL A 31 -1.35 12.80 -1.70
N THR A 32 -1.59 14.10 -1.46
CA THR A 32 -0.56 15.14 -1.62
C THR A 32 0.22 15.33 -0.30
N THR A 33 -0.35 14.82 0.81
CA THR A 33 0.23 14.91 2.16
C THR A 33 0.28 13.52 2.82
N GLU A 34 1.35 13.28 3.62
CA GLU A 34 1.60 11.99 4.30
C GLU A 34 0.55 11.67 5.37
N SER A 35 -0.12 12.72 5.90
CA SER A 35 -1.20 12.57 6.89
C SER A 35 -2.36 11.77 6.28
N GLU A 36 -2.84 12.20 5.10
CA GLU A 36 -3.96 11.58 4.38
C GLU A 36 -3.62 10.17 3.90
N LEU A 37 -2.30 9.93 3.67
CA LEU A 37 -1.77 8.60 3.32
C LEU A 37 -2.12 7.59 4.43
N GLN A 38 -1.87 8.01 5.67
CA GLN A 38 -2.10 7.18 6.87
C GLN A 38 -3.58 6.73 6.91
N LYS A 39 -4.51 7.71 6.70
CA LYS A 39 -5.96 7.46 6.75
C LYS A 39 -6.39 6.46 5.66
N VAL A 40 -5.97 6.71 4.39
CA VAL A 40 -6.46 5.95 3.23
C VAL A 40 -6.14 4.45 3.33
N LEU A 41 -5.10 4.08 4.10
CA LEU A 41 -4.73 2.66 4.35
C LEU A 41 -5.64 2.01 5.40
N ASN A 42 -6.04 2.79 6.43
CA ASN A 42 -7.00 2.32 7.47
C ASN A 42 -8.37 2.04 6.83
N GLU A 43 -8.78 2.94 5.91
CA GLU A 43 -10.05 2.80 5.19
C GLU A 43 -9.96 1.65 4.18
N LEU A 44 -8.82 1.59 3.45
CA LEU A 44 -8.56 0.58 2.40
C LEU A 44 -8.65 -0.85 2.96
N LYS A 45 -8.12 -1.03 4.19
CA LYS A 45 -8.13 -2.33 4.88
C LYS A 45 -9.56 -2.90 5.00
N ASP A 46 -10.53 -2.01 5.21
CA ASP A 46 -11.96 -2.36 5.31
C ASP A 46 -12.46 -2.96 3.99
N TYR A 47 -12.13 -2.27 2.87
CA TYR A 47 -12.57 -2.67 1.52
C TYR A 47 -11.95 -4.03 1.11
N ILE A 48 -10.66 -4.21 1.41
CA ILE A 48 -9.91 -5.44 1.09
C ILE A 48 -10.43 -6.63 1.92
N LYS A 49 -10.69 -6.39 3.22
CA LYS A 49 -11.11 -7.45 4.16
C LYS A 49 -12.61 -7.77 4.01
N LYS A 50 -13.36 -6.82 3.41
CA LYS A 50 -14.78 -7.03 3.06
C LYS A 50 -14.88 -8.06 1.93
N GLN A 51 -13.98 -7.93 0.95
CA GLN A 51 -13.90 -8.81 -0.22
C GLN A 51 -13.00 -10.01 0.08
N GLY A 52 -13.56 -11.23 0.08
CA GLY A 52 -12.76 -12.46 0.21
C GLY A 52 -11.97 -12.76 -1.05
N CYS A 53 -10.95 -11.92 -1.30
CA CYS A 53 -10.22 -11.88 -2.57
C CYS A 53 -8.98 -12.78 -2.52
N LYS A 54 -8.51 -13.20 -3.71
CA LYS A 54 -7.39 -14.16 -3.83
C LYS A 54 -6.05 -13.43 -4.03
N ARG A 55 -6.10 -12.09 -4.20
CA ARG A 55 -4.91 -11.23 -4.32
C ARG A 55 -5.12 -9.97 -3.47
N SER A 56 -4.19 -9.72 -2.54
CA SER A 56 -4.12 -8.47 -1.79
C SER A 56 -2.70 -7.88 -1.98
N ARG A 57 -2.62 -6.80 -2.73
CA ARG A 57 -1.37 -6.07 -3.00
C ARG A 57 -1.63 -4.58 -2.81
N THR A 58 -0.75 -3.90 -2.08
CA THR A 58 -0.84 -2.45 -1.90
C THR A 58 0.59 -1.87 -1.95
N SER A 59 0.69 -0.67 -2.49
CA SER A 59 1.96 -0.06 -2.85
C SER A 59 1.88 1.46 -2.62
N ILE A 60 3.03 2.12 -2.43
CA ILE A 60 3.12 3.56 -2.09
C ILE A 60 4.33 4.19 -2.81
N THR A 61 4.12 5.35 -3.48
CA THR A 61 5.21 6.10 -4.14
C THR A 61 6.26 6.57 -3.09
N ALA A 62 7.54 6.42 -3.45
CA ALA A 62 8.68 6.77 -2.60
C ALA A 62 9.78 7.42 -3.46
N ARG A 63 9.91 8.76 -3.39
CA ARG A 63 10.94 9.50 -4.14
C ARG A 63 12.34 9.14 -3.65
N THR A 64 12.42 8.75 -2.37
CA THR A 64 13.64 8.21 -1.75
C THR A 64 13.30 6.92 -1.00
N LYS A 65 14.33 6.09 -0.71
CA LYS A 65 14.16 4.86 0.06
C LYS A 65 13.72 5.16 1.50
N LYS A 66 14.12 6.34 2.06
CA LYS A 66 13.70 6.76 3.42
C LYS A 66 12.15 6.86 3.49
N GLU A 67 11.53 7.28 2.37
CA GLU A 67 10.08 7.29 2.21
C GLU A 67 9.52 5.86 2.15
N ALA A 68 10.22 4.99 1.39
CA ALA A 68 9.86 3.56 1.27
C ALA A 68 9.91 2.82 2.63
N GLU A 69 10.79 3.29 3.54
CA GLU A 69 10.97 2.66 4.86
C GLU A 69 9.85 3.06 5.83
N LYS A 70 9.61 4.39 5.96
CA LYS A 70 8.61 4.93 6.91
C LYS A 70 7.17 4.55 6.49
N PHE A 71 6.97 4.39 5.18
CA PHE A 71 5.67 4.02 4.59
C PHE A 71 5.48 2.51 4.50
N ALA A 72 6.58 1.75 4.57
CA ALA A 72 6.52 0.27 4.66
C ALA A 72 5.67 -0.12 5.87
N ALA A 73 5.92 0.58 7.00
CA ALA A 73 5.17 0.40 8.26
C ALA A 73 3.66 0.66 8.09
N ILE A 74 3.31 1.65 7.23
CA ILE A 74 1.90 2.03 6.92
C ILE A 74 1.16 0.85 6.24
N LEU A 75 1.88 0.11 5.37
CA LEU A 75 1.34 -1.06 4.65
C LEU A 75 1.22 -2.29 5.58
N ILE A 76 2.24 -2.46 6.44
CA ILE A 76 2.35 -3.59 7.37
C ILE A 76 1.17 -3.58 8.38
N LYS A 77 0.74 -2.37 8.80
CA LYS A 77 -0.42 -2.20 9.71
C LYS A 77 -1.71 -2.80 9.14
N VAL A 78 -1.85 -2.75 7.81
CA VAL A 78 -3.01 -3.29 7.10
C VAL A 78 -2.96 -4.83 7.09
N TYR A 79 -1.86 -5.40 6.56
CA TYR A 79 -1.71 -6.86 6.35
C TYR A 79 -1.54 -7.64 7.66
N ALA A 80 -1.11 -6.94 8.72
CA ALA A 80 -0.99 -7.51 10.07
C ALA A 80 -2.37 -7.85 10.63
N GLU A 81 -3.38 -7.05 10.25
CA GLU A 81 -4.79 -7.27 10.62
C GLU A 81 -5.50 -8.21 9.62
N LEU A 82 -4.90 -8.37 8.42
CA LEU A 82 -5.42 -9.27 7.38
C LEU A 82 -4.88 -10.71 7.54
N GLY A 83 -3.85 -10.89 8.40
CA GLY A 83 -3.29 -12.23 8.67
C GLY A 83 -2.49 -12.30 9.95
N TYR A 84 -1.55 -13.26 10.03
CA TYR A 84 -0.64 -13.44 11.18
C TYR A 84 0.70 -12.75 10.90
N ASN A 85 1.37 -13.22 9.83
CA ASN A 85 2.69 -12.71 9.40
C ASN A 85 2.74 -12.78 7.88
N ASP A 86 1.62 -12.34 7.28
CA ASP A 86 1.39 -12.39 5.82
C ASP A 86 1.98 -11.17 5.11
N ILE A 87 3.05 -10.61 5.71
CA ILE A 87 3.75 -9.45 5.19
C ILE A 87 4.77 -9.92 4.14
N ASN A 88 4.64 -9.46 2.90
CA ASN A 88 5.65 -9.68 1.86
C ASN A 88 6.07 -8.32 1.31
N VAL A 89 7.25 -7.85 1.70
CA VAL A 89 7.74 -6.51 1.34
C VAL A 89 8.79 -6.63 0.23
N THR A 90 8.70 -5.71 -0.75
CA THR A 90 9.57 -5.67 -1.92
C THR A 90 9.79 -4.19 -2.29
N TRP A 91 11.06 -3.79 -2.47
CA TRP A 91 11.44 -2.41 -2.80
C TRP A 91 11.78 -2.33 -4.31
N ASP A 92 10.92 -1.61 -5.05
CA ASP A 92 11.11 -1.37 -6.50
C ASP A 92 11.96 -0.11 -6.73
N GLY A 93 12.40 0.54 -5.64
CA GLY A 93 13.20 1.76 -5.71
C GLY A 93 12.31 2.98 -5.63
N ASP A 94 11.67 3.32 -6.76
CA ASP A 94 10.78 4.50 -6.89
C ASP A 94 9.45 4.29 -6.14
N THR A 95 9.14 3.02 -5.82
CA THR A 95 7.91 2.63 -5.11
C THR A 95 8.19 1.44 -4.16
N VAL A 96 7.50 1.38 -3.01
CA VAL A 96 7.53 0.21 -2.09
C VAL A 96 6.21 -0.57 -2.22
N THR A 97 6.28 -1.90 -2.19
CA THR A 97 5.12 -2.78 -2.41
C THR A 97 5.07 -3.88 -1.34
N VAL A 98 3.93 -3.99 -0.63
CA VAL A 98 3.66 -5.12 0.29
C VAL A 98 2.42 -5.89 -0.21
N GLU A 99 2.61 -7.21 -0.43
CA GLU A 99 1.54 -8.14 -0.84
C GLU A 99 1.33 -9.17 0.30
N GLY A 100 0.21 -9.92 0.24
CA GLY A 100 -0.12 -10.94 1.25
C GLY A 100 0.35 -12.34 0.86
N GLN A 101 1.04 -13.04 1.79
CA GLN A 101 1.41 -14.47 1.61
C GLN A 101 0.71 -15.30 2.69
N LEU A 102 -0.30 -16.08 2.28
CA LEU A 102 -0.98 -17.04 3.18
C LEU A 102 -0.12 -18.31 3.22
N GLU A 103 0.61 -18.48 4.33
CA GLU A 103 1.39 -19.70 4.59
C GLU A 103 0.42 -20.80 5.05
N GLY A 104 0.39 -21.92 4.29
CA GLY A 104 -0.49 -23.05 4.56
C GLY A 104 -0.10 -23.80 5.84
N VAL A 105 -0.69 -23.36 6.97
CA VAL A 105 -0.47 -23.98 8.29
C VAL A 105 -1.07 -25.40 8.34
N ASP A 106 -0.53 -26.26 9.21
CA ASP A 106 -1.00 -27.64 9.38
C ASP A 106 -1.94 -27.73 10.61
N MET A 1 11.58 2.17 -14.14
CA MET A 1 11.99 3.42 -14.81
C MET A 1 12.38 4.45 -13.73
N HIS A 2 13.69 4.72 -13.59
CA HIS A 2 14.20 5.75 -12.65
C HIS A 2 13.99 7.14 -13.27
N HIS A 3 13.52 8.09 -12.46
CA HIS A 3 13.22 9.47 -12.92
C HIS A 3 14.34 10.42 -12.51
N HIS A 4 14.11 11.73 -12.76
CA HIS A 4 14.99 12.81 -12.28
C HIS A 4 14.95 12.85 -10.73
N HIS A 5 16.10 13.11 -10.11
CA HIS A 5 16.25 13.14 -8.63
C HIS A 5 15.53 14.38 -8.03
N HIS A 6 15.41 15.44 -8.83
CA HIS A 6 14.65 16.66 -8.46
C HIS A 6 13.13 16.43 -8.66
N HIS A 7 12.78 15.47 -9.54
CA HIS A 7 11.37 15.09 -9.82
C HIS A 7 10.78 14.26 -8.66
N ARG A 8 11.64 13.85 -7.71
CA ARG A 8 11.20 13.17 -6.46
C ARG A 8 10.45 14.12 -5.51
N SER A 9 10.38 15.42 -5.86
CA SER A 9 9.50 16.38 -5.19
C SER A 9 8.12 16.33 -5.88
N GLY A 10 7.20 15.50 -5.32
CA GLY A 10 5.86 15.33 -5.88
C GLY A 10 4.93 14.52 -4.99
N ASP A 11 3.64 14.48 -5.35
CA ASP A 11 2.57 13.82 -4.57
C ASP A 11 2.73 12.29 -4.53
N ILE A 12 2.21 11.68 -3.46
CA ILE A 12 2.32 10.24 -3.21
C ILE A 12 1.13 9.51 -3.88
N GLN A 13 1.41 8.79 -4.97
CA GLN A 13 0.40 7.97 -5.69
C GLN A 13 0.20 6.63 -4.98
N VAL A 14 -1.06 6.16 -4.94
CA VAL A 14 -1.45 4.91 -4.25
C VAL A 14 -2.28 4.04 -5.22
N GLN A 15 -1.87 2.77 -5.40
CA GLN A 15 -2.62 1.78 -6.17
C GLN A 15 -2.70 0.45 -5.42
N ASN A 16 -3.92 0.01 -5.07
CA ASN A 16 -4.16 -1.35 -4.58
C ASN A 16 -4.82 -2.15 -5.71
N ASN A 17 -4.10 -3.14 -6.23
CA ASN A 17 -4.60 -4.06 -7.27
C ASN A 17 -4.87 -5.42 -6.62
N ASN A 18 -6.11 -5.89 -6.76
CA ASN A 18 -6.58 -7.14 -6.15
C ASN A 18 -7.40 -7.89 -7.20
N THR A 19 -6.91 -9.08 -7.61
CA THR A 19 -7.56 -9.89 -8.65
C THR A 19 -8.51 -10.88 -7.95
N CYS A 20 -9.83 -10.65 -8.12
CA CYS A 20 -10.88 -11.38 -7.39
C CYS A 20 -12.25 -10.99 -7.98
N ASN A 21 -12.87 -11.94 -8.72
CA ASN A 21 -14.22 -11.76 -9.31
C ASN A 21 -15.28 -11.66 -8.19
N GLY A 22 -16.39 -10.98 -8.49
CA GLY A 22 -17.37 -10.57 -7.48
C GLY A 22 -17.30 -9.07 -7.26
N LYS A 23 -16.05 -8.55 -7.27
CA LYS A 23 -15.75 -7.11 -7.29
C LYS A 23 -14.27 -6.92 -7.67
N THR A 24 -14.01 -6.60 -8.95
CA THR A 24 -12.66 -6.33 -9.48
C THR A 24 -12.41 -4.80 -9.51
N PHE A 25 -12.41 -4.19 -8.31
CA PHE A 25 -12.31 -2.71 -8.15
C PHE A 25 -10.87 -2.30 -7.79
N ASP A 26 -10.38 -1.23 -8.45
CA ASP A 26 -9.01 -0.69 -8.25
C ASP A 26 -9.06 0.48 -7.26
N TYR A 27 -8.31 0.38 -6.17
CA TYR A 27 -8.25 1.42 -5.15
C TYR A 27 -7.13 2.43 -5.47
N THR A 28 -7.47 3.36 -6.38
CA THR A 28 -6.55 4.42 -6.83
C THR A 28 -6.77 5.68 -5.98
N TYR A 29 -5.72 6.15 -5.31
CA TYR A 29 -5.74 7.39 -4.51
C TYR A 29 -4.50 8.23 -4.86
N THR A 30 -4.59 9.55 -4.63
CA THR A 30 -3.43 10.45 -4.69
C THR A 30 -3.45 11.31 -3.42
N VAL A 31 -2.53 11.02 -2.50
CA VAL A 31 -2.42 11.74 -1.22
C VAL A 31 -1.24 12.71 -1.28
N THR A 32 -1.49 13.95 -0.84
CA THR A 32 -0.51 15.04 -0.87
C THR A 32 0.39 15.03 0.39
N THR A 33 0.00 14.24 1.41
CA THR A 33 0.68 14.20 2.71
C THR A 33 0.75 12.75 3.24
N GLU A 34 1.81 12.44 4.00
CA GLU A 34 2.05 11.10 4.59
C GLU A 34 1.00 10.78 5.67
N SER A 35 0.48 11.86 6.30
CA SER A 35 -0.60 11.79 7.30
C SER A 35 -1.89 11.28 6.63
N GLU A 36 -2.23 11.89 5.47
CA GLU A 36 -3.41 11.49 4.67
C GLU A 36 -3.25 10.07 4.12
N LEU A 37 -2.00 9.66 3.88
CA LEU A 37 -1.64 8.31 3.41
C LEU A 37 -1.93 7.26 4.49
N GLN A 38 -1.64 7.62 5.76
CA GLN A 38 -1.91 6.75 6.91
C GLN A 38 -3.43 6.55 7.04
N LYS A 39 -4.16 7.69 7.06
CA LYS A 39 -5.63 7.75 7.24
C LYS A 39 -6.38 6.94 6.17
N VAL A 40 -5.98 7.11 4.88
CA VAL A 40 -6.66 6.45 3.77
C VAL A 40 -6.42 4.93 3.80
N LEU A 41 -5.20 4.49 4.23
CA LEU A 41 -4.87 3.06 4.40
C LEU A 41 -5.55 2.45 5.64
N ASN A 42 -5.78 3.29 6.68
CA ASN A 42 -6.47 2.86 7.92
C ASN A 42 -7.87 2.33 7.59
N GLU A 43 -8.62 3.11 6.77
CA GLU A 43 -9.96 2.69 6.31
C GLU A 43 -9.87 1.70 5.12
N LEU A 44 -8.83 1.85 4.27
CA LEU A 44 -8.65 1.02 3.05
C LEU A 44 -8.50 -0.46 3.41
N LYS A 45 -7.96 -0.70 4.61
CA LYS A 45 -7.85 -2.04 5.23
C LYS A 45 -9.17 -2.86 5.12
N ASP A 46 -10.29 -2.18 5.46
CA ASP A 46 -11.66 -2.75 5.43
C ASP A 46 -12.07 -3.10 3.99
N TYR A 47 -11.76 -2.19 3.04
CA TYR A 47 -12.09 -2.34 1.60
C TYR A 47 -11.32 -3.52 0.95
N ILE A 48 -10.02 -3.60 1.27
CA ILE A 48 -9.09 -4.65 0.80
C ILE A 48 -9.60 -6.03 1.25
N LYS A 49 -10.10 -6.07 2.50
CA LYS A 49 -10.61 -7.30 3.14
C LYS A 49 -11.89 -7.82 2.45
N LYS A 50 -12.69 -6.89 1.87
CA LYS A 50 -13.91 -7.22 1.09
C LYS A 50 -13.55 -8.09 -0.14
N GLN A 51 -12.47 -7.67 -0.84
CA GLN A 51 -12.02 -8.29 -2.10
C GLN A 51 -10.81 -9.23 -1.86
N GLY A 52 -10.37 -9.36 -0.59
CA GLY A 52 -9.17 -10.13 -0.23
C GLY A 52 -9.45 -11.62 -0.07
N CYS A 53 -9.96 -12.25 -1.15
CA CYS A 53 -10.29 -13.67 -1.18
C CYS A 53 -9.01 -14.52 -1.25
N LYS A 54 -8.06 -14.09 -2.11
CA LYS A 54 -6.78 -14.78 -2.31
C LYS A 54 -5.63 -13.88 -1.80
N ARG A 55 -5.36 -12.78 -2.53
CA ARG A 55 -4.30 -11.82 -2.18
C ARG A 55 -4.61 -10.43 -2.75
N SER A 56 -3.98 -9.40 -2.17
CA SER A 56 -4.01 -8.03 -2.68
C SER A 56 -2.59 -7.47 -2.72
N ARG A 57 -2.28 -6.67 -3.74
CA ARG A 57 -0.95 -6.12 -3.99
C ARG A 57 -1.05 -4.59 -3.99
N THR A 58 -0.48 -3.94 -2.96
CA THR A 58 -0.53 -2.46 -2.83
C THR A 58 0.84 -1.87 -3.13
N SER A 59 0.93 -1.03 -4.18
CA SER A 59 2.15 -0.30 -4.54
C SER A 59 1.93 1.20 -4.24
N ILE A 60 2.79 1.76 -3.37
CA ILE A 60 2.77 3.19 -3.01
C ILE A 60 4.04 3.85 -3.55
N THR A 61 3.87 4.97 -4.30
CA THR A 61 4.99 5.79 -4.77
C THR A 61 5.68 6.47 -3.58
N ALA A 62 6.82 5.89 -3.18
CA ALA A 62 7.67 6.45 -2.15
C ALA A 62 8.82 7.18 -2.85
N ARG A 63 8.95 8.49 -2.57
CA ARG A 63 9.86 9.39 -3.30
C ARG A 63 11.33 9.06 -3.05
N THR A 64 11.63 8.54 -1.85
CA THR A 64 12.95 8.02 -1.49
C THR A 64 12.77 6.64 -0.84
N LYS A 65 13.88 5.93 -0.62
CA LYS A 65 13.91 4.69 0.16
C LYS A 65 13.52 4.96 1.64
N LYS A 66 13.81 6.19 2.10
CA LYS A 66 13.40 6.70 3.42
C LYS A 66 11.86 6.68 3.55
N GLU A 67 11.18 7.13 2.48
CA GLU A 67 9.72 7.08 2.40
C GLU A 67 9.23 5.61 2.38
N ALA A 68 9.94 4.76 1.60
CA ALA A 68 9.56 3.35 1.38
C ALA A 68 9.63 2.49 2.66
N GLU A 69 10.43 2.92 3.64
CA GLU A 69 10.56 2.24 4.93
C GLU A 69 9.32 2.47 5.82
N LYS A 70 8.90 3.73 5.94
CA LYS A 70 7.78 4.13 6.81
C LYS A 70 6.42 3.78 6.17
N PHE A 71 6.40 3.69 4.83
CA PHE A 71 5.18 3.32 4.07
C PHE A 71 5.06 1.80 3.96
N ALA A 72 6.20 1.10 4.16
CA ALA A 72 6.19 -0.34 4.41
C ALA A 72 5.38 -0.59 5.69
N ALA A 73 5.63 0.20 6.74
CA ALA A 73 4.90 0.11 8.01
C ALA A 73 3.39 0.42 7.84
N ILE A 74 3.06 1.40 6.95
CA ILE A 74 1.67 1.77 6.61
C ILE A 74 0.88 0.55 6.07
N LEU A 75 1.49 -0.15 5.10
CA LEU A 75 0.90 -1.36 4.48
C LEU A 75 0.91 -2.57 5.43
N ILE A 76 2.01 -2.75 6.19
CA ILE A 76 2.18 -3.89 7.12
C ILE A 76 1.14 -3.82 8.24
N LYS A 77 0.77 -2.58 8.66
CA LYS A 77 -0.30 -2.35 9.65
C LYS A 77 -1.64 -2.91 9.15
N VAL A 78 -1.96 -2.59 7.88
CA VAL A 78 -3.17 -3.05 7.19
C VAL A 78 -3.25 -4.59 7.17
N TYR A 79 -2.26 -5.24 6.55
CA TYR A 79 -2.24 -6.70 6.35
C TYR A 79 -2.10 -7.48 7.68
N ALA A 80 -1.42 -6.89 8.68
CA ALA A 80 -1.23 -7.52 10.01
C ALA A 80 -2.58 -7.64 10.75
N GLU A 81 -3.36 -6.56 10.67
CA GLU A 81 -4.75 -6.52 11.16
C GLU A 81 -5.62 -7.54 10.40
N LEU A 82 -5.36 -7.70 9.09
CA LEU A 82 -6.11 -8.63 8.22
C LEU A 82 -5.83 -10.11 8.55
N GLY A 83 -4.64 -10.39 9.13
CA GLY A 83 -4.27 -11.76 9.51
C GLY A 83 -3.24 -11.80 10.63
N TYR A 84 -2.00 -12.17 10.31
CA TYR A 84 -0.89 -12.26 11.27
C TYR A 84 0.12 -11.12 11.02
N ASN A 85 0.87 -10.73 12.07
CA ASN A 85 1.92 -9.70 12.02
C ASN A 85 3.24 -10.27 11.43
N ASP A 86 3.18 -10.67 10.15
CA ASP A 86 4.33 -11.21 9.40
C ASP A 86 3.98 -11.11 7.91
N ILE A 87 4.44 -10.03 7.27
CA ILE A 87 3.92 -9.59 5.95
C ILE A 87 5.05 -9.59 4.89
N ASN A 88 4.70 -9.88 3.62
CA ASN A 88 5.67 -9.98 2.51
C ASN A 88 5.86 -8.59 1.86
N VAL A 89 7.10 -8.06 1.92
CA VAL A 89 7.47 -6.73 1.39
C VAL A 89 8.48 -6.90 0.25
N THR A 90 8.26 -6.18 -0.86
CA THR A 90 9.18 -6.11 -2.00
C THR A 90 9.19 -4.68 -2.55
N TRP A 91 10.36 -4.07 -2.63
CA TRP A 91 10.53 -2.74 -3.24
C TRP A 91 11.04 -2.89 -4.67
N ASP A 92 10.63 -1.95 -5.53
CA ASP A 92 11.05 -1.87 -6.94
C ASP A 92 10.98 -0.41 -7.39
N GLY A 93 12.16 0.19 -7.67
CA GLY A 93 12.26 1.59 -8.09
C GLY A 93 11.68 2.56 -7.07
N ASP A 94 12.03 2.34 -5.78
CA ASP A 94 11.58 3.15 -4.62
C ASP A 94 10.07 3.04 -4.34
N THR A 95 9.37 2.13 -5.06
CA THR A 95 7.94 1.90 -4.86
C THR A 95 7.77 0.69 -3.93
N VAL A 96 7.00 0.86 -2.83
CA VAL A 96 6.81 -0.20 -1.84
C VAL A 96 5.58 -1.05 -2.21
N THR A 97 5.86 -2.29 -2.66
CA THR A 97 4.86 -3.25 -3.10
C THR A 97 4.73 -4.36 -2.06
N VAL A 98 3.62 -4.31 -1.31
CA VAL A 98 3.30 -5.29 -0.26
C VAL A 98 2.08 -6.11 -0.72
N GLU A 99 2.33 -7.39 -1.02
CA GLU A 99 1.30 -8.32 -1.52
C GLU A 99 1.08 -9.46 -0.50
N GLY A 100 -0.16 -9.53 0.05
CA GLY A 100 -0.55 -10.55 1.03
C GLY A 100 0.29 -10.52 2.31
N GLN A 101 0.36 -11.66 3.00
CA GLN A 101 1.27 -11.87 4.14
C GLN A 101 2.41 -12.80 3.72
N LEU A 102 3.49 -12.85 4.53
CA LEU A 102 4.67 -13.66 4.23
C LEU A 102 4.32 -15.15 4.37
N GLU A 103 4.15 -15.81 3.21
CA GLU A 103 3.89 -17.26 3.12
C GLU A 103 5.22 -18.03 3.23
N GLY A 104 6.30 -17.45 2.66
CA GLY A 104 7.64 -18.01 2.72
C GLY A 104 8.34 -17.62 4.02
N VAL A 105 8.05 -18.38 5.09
CA VAL A 105 8.50 -18.10 6.46
C VAL A 105 10.02 -18.37 6.57
N ASP A 106 10.81 -17.41 6.06
CA ASP A 106 12.27 -17.52 5.93
C ASP A 106 12.81 -16.15 5.48
N MET A 1 10.67 24.94 -25.78
CA MET A 1 9.82 23.76 -25.46
C MET A 1 9.64 23.65 -23.94
N HIS A 2 8.37 23.71 -23.48
CA HIS A 2 8.03 23.63 -22.04
C HIS A 2 8.31 22.21 -21.51
N HIS A 3 9.50 22.06 -20.89
CA HIS A 3 10.02 20.76 -20.44
C HIS A 3 9.25 20.20 -19.24
N HIS A 4 9.17 18.87 -19.17
CA HIS A 4 8.48 18.15 -18.09
C HIS A 4 9.48 17.23 -17.39
N HIS A 5 9.76 17.48 -16.10
CA HIS A 5 10.56 16.59 -15.23
C HIS A 5 10.05 16.69 -13.78
N HIS A 6 10.14 17.89 -13.19
CA HIS A 6 9.65 18.17 -11.82
C HIS A 6 8.72 19.38 -11.82
N HIS A 7 7.73 19.35 -12.73
CA HIS A 7 6.64 20.34 -12.79
C HIS A 7 5.37 19.75 -12.11
N ARG A 8 5.62 18.87 -11.11
CA ARG A 8 4.57 18.19 -10.34
C ARG A 8 5.17 17.76 -8.99
N SER A 9 4.39 17.88 -7.91
CA SER A 9 4.83 17.60 -6.53
C SER A 9 5.12 16.08 -6.33
N GLY A 10 5.69 15.75 -5.15
CA GLY A 10 5.88 14.36 -4.73
C GLY A 10 4.57 13.73 -4.26
N ASP A 11 3.63 13.57 -5.22
CA ASP A 11 2.31 13.00 -4.98
C ASP A 11 2.44 11.49 -4.76
N ILE A 12 2.01 11.06 -3.59
CA ILE A 12 2.01 9.67 -3.16
C ILE A 12 0.77 8.96 -3.75
N GLN A 13 1.00 8.16 -4.80
CA GLN A 13 -0.05 7.38 -5.47
C GLN A 13 -0.19 6.02 -4.77
N VAL A 14 -1.35 5.83 -4.12
CA VAL A 14 -1.70 4.60 -3.41
C VAL A 14 -2.46 3.68 -4.39
N GLN A 15 -1.79 2.63 -4.84
CA GLN A 15 -2.36 1.63 -5.77
C GLN A 15 -2.60 0.33 -5.02
N ASN A 16 -3.69 -0.36 -5.35
CA ASN A 16 -4.02 -1.67 -4.79
C ASN A 16 -4.72 -2.49 -5.86
N ASN A 17 -4.09 -3.59 -6.27
CA ASN A 17 -4.55 -4.46 -7.34
C ASN A 17 -5.19 -5.70 -6.73
N ASN A 18 -6.49 -5.83 -6.88
CA ASN A 18 -7.28 -6.89 -6.26
C ASN A 18 -7.48 -7.99 -7.29
N THR A 19 -6.94 -9.18 -7.01
CA THR A 19 -6.97 -10.30 -7.97
C THR A 19 -8.04 -11.34 -7.54
N CYS A 20 -9.10 -11.48 -8.37
CA CYS A 20 -10.23 -12.41 -8.10
C CYS A 20 -10.51 -13.28 -9.35
N ASN A 21 -11.19 -12.69 -10.35
CA ASN A 21 -11.53 -13.39 -11.61
C ASN A 21 -12.02 -12.35 -12.63
N GLY A 22 -11.51 -12.44 -13.88
CA GLY A 22 -11.86 -11.51 -14.95
C GLY A 22 -11.34 -10.10 -14.68
N LYS A 23 -12.16 -9.26 -14.01
CA LYS A 23 -11.85 -7.86 -13.73
C LYS A 23 -12.52 -7.40 -12.42
N THR A 24 -11.82 -6.57 -11.64
CA THR A 24 -12.27 -6.03 -10.35
C THR A 24 -12.10 -4.50 -10.31
N PHE A 25 -12.62 -3.89 -9.25
CA PHE A 25 -12.50 -2.45 -9.01
C PHE A 25 -11.27 -2.18 -8.12
N ASP A 26 -10.12 -1.97 -8.79
CA ASP A 26 -8.81 -1.77 -8.13
C ASP A 26 -8.76 -0.37 -7.49
N TYR A 27 -8.26 -0.30 -6.25
CA TYR A 27 -8.25 0.93 -5.44
C TYR A 27 -7.08 1.84 -5.83
N THR A 28 -7.37 3.12 -6.08
CA THR A 28 -6.36 4.13 -6.39
C THR A 28 -6.70 5.47 -5.69
N TYR A 29 -5.77 5.95 -4.86
CA TYR A 29 -5.84 7.26 -4.20
C TYR A 29 -4.58 8.07 -4.56
N THR A 30 -4.67 9.40 -4.50
CA THR A 30 -3.52 10.29 -4.65
C THR A 30 -3.53 11.32 -3.51
N VAL A 31 -2.55 11.24 -2.60
CA VAL A 31 -2.39 12.20 -1.49
C VAL A 31 -1.06 12.95 -1.66
N THR A 32 -1.04 14.24 -1.32
CA THR A 32 0.17 15.06 -1.36
C THR A 32 0.70 15.28 0.08
N THR A 33 0.22 14.46 1.04
CA THR A 33 0.61 14.56 2.45
C THR A 33 0.65 13.15 3.10
N GLU A 34 1.64 12.93 3.99
CA GLU A 34 1.96 11.59 4.58
C GLU A 34 0.93 11.23 5.67
N SER A 35 0.42 12.27 6.36
CA SER A 35 -0.61 12.12 7.40
C SER A 35 -1.90 11.54 6.80
N GLU A 36 -2.22 11.99 5.57
CA GLU A 36 -3.46 11.60 4.87
C GLU A 36 -3.45 10.11 4.49
N LEU A 37 -2.24 9.52 4.37
CA LEU A 37 -2.05 8.06 4.19
C LEU A 37 -2.66 7.28 5.38
N GLN A 38 -2.44 7.79 6.60
CA GLN A 38 -2.88 7.13 7.84
C GLN A 38 -4.42 6.97 7.84
N LYS A 39 -5.16 8.07 7.63
CA LYS A 39 -6.65 8.04 7.59
C LYS A 39 -7.16 7.19 6.40
N VAL A 40 -6.56 7.39 5.20
CA VAL A 40 -7.07 6.79 3.96
C VAL A 40 -6.78 5.27 3.92
N LEU A 41 -5.77 4.83 4.70
CA LEU A 41 -5.45 3.38 4.87
C LEU A 41 -6.32 2.74 5.97
N ASN A 42 -6.85 3.56 6.91
CA ASN A 42 -7.79 3.07 7.97
C ASN A 42 -9.10 2.57 7.33
N GLU A 43 -9.66 3.41 6.43
CA GLU A 43 -10.87 3.05 5.65
C GLU A 43 -10.54 1.94 4.63
N LEU A 44 -9.40 2.12 3.90
CA LEU A 44 -9.00 1.22 2.78
C LEU A 44 -8.71 -0.20 3.26
N LYS A 45 -8.27 -0.32 4.53
CA LYS A 45 -8.03 -1.60 5.22
C LYS A 45 -9.23 -2.57 5.09
N ASP A 46 -10.42 -2.05 5.42
CA ASP A 46 -11.67 -2.83 5.42
C ASP A 46 -12.16 -3.12 3.99
N TYR A 47 -11.87 -2.19 3.06
CA TYR A 47 -12.25 -2.32 1.65
C TYR A 47 -11.43 -3.43 0.94
N ILE A 48 -10.12 -3.43 1.22
CA ILE A 48 -9.15 -4.43 0.72
C ILE A 48 -9.49 -5.81 1.30
N LYS A 49 -9.85 -5.83 2.60
CA LYS A 49 -10.18 -7.06 3.35
C LYS A 49 -11.31 -7.85 2.66
N LYS A 50 -12.37 -7.12 2.31
CA LYS A 50 -13.59 -7.67 1.69
C LYS A 50 -13.33 -8.07 0.21
N GLN A 51 -12.63 -7.18 -0.52
CA GLN A 51 -12.31 -7.36 -1.96
C GLN A 51 -11.07 -8.28 -2.15
N GLY A 52 -10.43 -8.65 -1.02
CA GLY A 52 -9.28 -9.56 -1.02
C GLY A 52 -9.73 -11.01 -1.16
N CYS A 53 -10.12 -11.36 -2.40
CA CYS A 53 -10.62 -12.68 -2.75
C CYS A 53 -9.58 -13.77 -2.48
N LYS A 54 -8.31 -13.46 -2.79
CA LYS A 54 -7.17 -14.33 -2.53
C LYS A 54 -5.93 -13.49 -2.16
N ARG A 55 -5.49 -12.60 -3.08
CA ARG A 55 -4.39 -11.65 -2.85
C ARG A 55 -4.71 -10.26 -3.42
N SER A 56 -4.08 -9.23 -2.84
CA SER A 56 -4.18 -7.83 -3.28
C SER A 56 -2.78 -7.17 -3.21
N ARG A 57 -2.25 -6.74 -4.37
CA ARG A 57 -0.88 -6.19 -4.49
C ARG A 57 -0.91 -4.68 -4.36
N THR A 58 -0.39 -4.19 -3.23
CA THR A 58 -0.39 -2.76 -2.90
C THR A 58 0.96 -2.14 -3.26
N SER A 59 0.94 -0.90 -3.70
CA SER A 59 2.13 -0.15 -4.11
C SER A 59 1.95 1.32 -3.72
N ILE A 60 2.98 1.90 -3.09
CA ILE A 60 2.98 3.32 -2.69
C ILE A 60 4.17 4.02 -3.36
N THR A 61 3.88 5.18 -3.99
CA THR A 61 4.90 6.05 -4.59
C THR A 61 5.68 6.79 -3.48
N ALA A 62 6.95 6.43 -3.36
CA ALA A 62 7.94 7.13 -2.54
C ALA A 62 8.95 7.74 -3.53
N ARG A 63 9.72 8.73 -3.10
CA ARG A 63 10.71 9.38 -3.99
C ARG A 63 12.12 8.92 -3.61
N THR A 64 12.30 8.65 -2.31
CA THR A 64 13.53 8.10 -1.75
C THR A 64 13.19 6.84 -0.94
N LYS A 65 14.20 5.99 -0.66
CA LYS A 65 14.02 4.75 0.11
C LYS A 65 13.67 5.04 1.59
N LYS A 66 14.10 6.22 2.08
CA LYS A 66 13.80 6.69 3.44
C LYS A 66 12.28 6.91 3.61
N GLU A 67 11.61 7.26 2.51
CA GLU A 67 10.14 7.39 2.48
C GLU A 67 9.48 6.02 2.27
N ALA A 68 10.14 5.14 1.50
CA ALA A 68 9.63 3.80 1.19
C ALA A 68 9.56 2.91 2.45
N GLU A 69 10.48 3.13 3.41
CA GLU A 69 10.55 2.32 4.66
C GLU A 69 9.45 2.74 5.66
N LYS A 70 9.15 4.04 5.75
CA LYS A 70 8.13 4.56 6.68
C LYS A 70 6.71 4.26 6.16
N PHE A 71 6.59 4.13 4.82
CA PHE A 71 5.32 3.73 4.17
C PHE A 71 5.21 2.21 4.05
N ALA A 72 6.35 1.50 4.18
CA ALA A 72 6.35 0.04 4.40
C ALA A 72 5.62 -0.24 5.71
N ALA A 73 5.93 0.56 6.74
CA ALA A 73 5.27 0.49 8.06
C ALA A 73 3.74 0.70 7.93
N ILE A 74 3.34 1.64 7.05
CA ILE A 74 1.91 1.91 6.75
C ILE A 74 1.19 0.63 6.25
N LEU A 75 1.72 0.04 5.16
CA LEU A 75 1.14 -1.16 4.52
C LEU A 75 1.21 -2.43 5.41
N ILE A 76 2.32 -2.60 6.15
CA ILE A 76 2.51 -3.75 7.07
C ILE A 76 1.54 -3.68 8.26
N LYS A 77 1.28 -2.46 8.77
CA LYS A 77 0.36 -2.23 9.91
C LYS A 77 -1.11 -2.58 9.52
N VAL A 78 -1.52 -2.09 8.33
CA VAL A 78 -2.86 -2.36 7.74
C VAL A 78 -3.07 -3.87 7.54
N TYR A 79 -2.13 -4.49 6.82
CA TYR A 79 -2.19 -5.92 6.46
C TYR A 79 -1.95 -6.85 7.67
N ALA A 80 -1.35 -6.32 8.75
CA ALA A 80 -1.23 -7.06 10.04
C ALA A 80 -2.61 -7.26 10.67
N GLU A 81 -3.47 -6.24 10.55
CA GLU A 81 -4.87 -6.30 11.02
C GLU A 81 -5.73 -7.20 10.11
N LEU A 82 -5.31 -7.33 8.84
CA LEU A 82 -5.98 -8.20 7.86
C LEU A 82 -5.52 -9.66 8.00
N GLY A 83 -4.31 -9.85 8.55
CA GLY A 83 -3.71 -11.16 8.77
C GLY A 83 -3.15 -11.29 10.18
N TYR A 84 -1.82 -11.41 10.28
CA TYR A 84 -1.11 -11.52 11.57
C TYR A 84 0.31 -10.96 11.40
N ASN A 85 1.15 -11.71 10.67
CA ASN A 85 2.56 -11.36 10.37
C ASN A 85 2.98 -12.08 9.05
N ASP A 86 1.96 -12.49 8.29
CA ASP A 86 2.09 -13.26 7.03
C ASP A 86 2.31 -12.32 5.83
N ILE A 87 3.05 -11.23 6.08
CA ILE A 87 3.18 -10.12 5.15
C ILE A 87 4.48 -10.26 4.35
N ASN A 88 4.36 -10.58 3.05
CA ASN A 88 5.51 -10.60 2.12
C ASN A 88 5.68 -9.21 1.51
N VAL A 89 6.89 -8.65 1.65
CA VAL A 89 7.25 -7.28 1.22
C VAL A 89 8.20 -7.35 0.02
N THR A 90 8.07 -6.40 -0.91
CA THR A 90 9.01 -6.17 -2.02
C THR A 90 9.41 -4.70 -2.03
N TRP A 91 10.71 -4.43 -2.14
CA TRP A 91 11.24 -3.05 -2.17
C TRP A 91 11.85 -2.81 -3.58
N ASP A 92 11.10 -2.14 -4.45
CA ASP A 92 11.53 -1.83 -5.81
C ASP A 92 12.01 -0.37 -5.88
N GLY A 93 13.15 -0.14 -5.20
CA GLY A 93 13.83 1.16 -5.17
C GLY A 93 13.02 2.25 -4.48
N ASP A 94 12.32 3.05 -5.30
CA ASP A 94 11.52 4.20 -4.82
C ASP A 94 10.06 3.79 -4.56
N THR A 95 9.69 2.55 -4.94
CA THR A 95 8.29 2.08 -4.82
C THR A 95 8.22 0.92 -3.81
N VAL A 96 7.44 1.08 -2.73
CA VAL A 96 7.26 0.03 -1.71
C VAL A 96 5.99 -0.78 -2.05
N THR A 97 6.14 -2.11 -2.05
CA THR A 97 5.10 -3.06 -2.52
C THR A 97 4.84 -4.13 -1.45
N VAL A 98 3.55 -4.47 -1.22
CA VAL A 98 3.12 -5.50 -0.24
C VAL A 98 2.05 -6.42 -0.89
N GLU A 99 2.42 -7.70 -1.06
CA GLU A 99 1.53 -8.75 -1.61
C GLU A 99 1.96 -10.13 -1.08
N GLY A 100 0.98 -10.99 -0.73
CA GLY A 100 1.21 -12.43 -0.59
C GLY A 100 1.27 -12.94 0.84
N GLN A 101 1.33 -14.28 0.94
CA GLN A 101 1.28 -15.04 2.21
C GLN A 101 2.67 -15.57 2.56
N LEU A 102 3.15 -15.23 3.78
CA LEU A 102 4.41 -15.78 4.32
C LEU A 102 4.13 -17.23 4.77
N GLU A 103 4.55 -18.18 3.92
CA GLU A 103 4.38 -19.62 4.17
C GLU A 103 5.67 -20.16 4.85
N GLY A 104 5.61 -20.32 6.18
CA GLY A 104 6.73 -20.80 6.96
C GLY A 104 6.78 -20.15 8.33
N VAL A 105 5.93 -20.63 9.26
CA VAL A 105 5.80 -20.05 10.59
C VAL A 105 7.06 -20.32 11.45
N ASP A 106 7.41 -19.34 12.31
CA ASP A 106 8.59 -19.40 13.20
C ASP A 106 8.30 -20.30 14.41
N MET A 1 23.29 3.48 11.76
CA MET A 1 23.04 4.83 11.22
C MET A 1 21.72 4.85 10.45
N HIS A 2 20.64 5.26 11.14
CA HIS A 2 19.28 5.30 10.58
C HIS A 2 18.62 6.65 10.94
N HIS A 3 18.94 7.69 10.15
CA HIS A 3 18.35 9.05 10.31
C HIS A 3 16.85 9.01 9.94
N HIS A 4 16.03 8.69 10.95
CA HIS A 4 14.56 8.59 10.79
C HIS A 4 13.93 9.96 11.03
N HIS A 5 13.13 10.39 10.05
CA HIS A 5 12.40 11.66 10.07
C HIS A 5 11.42 11.69 8.90
N HIS A 6 10.35 12.49 9.04
CA HIS A 6 9.32 12.63 8.01
C HIS A 6 9.91 13.36 6.78
N HIS A 7 9.47 12.98 5.59
CA HIS A 7 9.98 13.52 4.33
C HIS A 7 8.87 13.50 3.27
N ARG A 8 8.35 14.70 2.97
CA ARG A 8 7.38 14.94 1.90
C ARG A 8 8.14 15.12 0.58
N SER A 9 7.69 14.44 -0.48
CA SER A 9 8.26 14.58 -1.83
C SER A 9 7.14 14.45 -2.87
N GLY A 10 6.58 15.62 -3.26
CA GLY A 10 5.50 15.70 -4.26
C GLY A 10 4.22 14.98 -3.85
N ASP A 11 3.57 14.34 -4.82
CA ASP A 11 2.35 13.53 -4.61
C ASP A 11 2.71 12.08 -4.29
N ILE A 12 1.96 11.48 -3.37
CA ILE A 12 2.08 10.08 -2.99
C ILE A 12 0.84 9.33 -3.54
N GLN A 13 1.04 8.55 -4.62
CA GLN A 13 -0.04 7.79 -5.27
C GLN A 13 -0.21 6.41 -4.60
N VAL A 14 -1.41 6.14 -4.06
CA VAL A 14 -1.80 4.83 -3.52
C VAL A 14 -2.57 4.07 -4.60
N GLN A 15 -2.12 2.85 -4.94
CA GLN A 15 -2.73 1.99 -5.99
C GLN A 15 -2.92 0.57 -5.45
N ASN A 16 -3.90 -0.16 -5.98
CA ASN A 16 -4.18 -1.56 -5.59
C ASN A 16 -4.65 -2.36 -6.82
N ASN A 17 -4.39 -3.67 -6.81
CA ASN A 17 -4.78 -4.61 -7.86
C ASN A 17 -5.40 -5.84 -7.19
N ASN A 18 -6.72 -6.00 -7.31
CA ASN A 18 -7.43 -7.16 -6.76
C ASN A 18 -7.73 -8.16 -7.88
N THR A 19 -7.22 -9.38 -7.73
CA THR A 19 -7.48 -10.48 -8.67
C THR A 19 -8.68 -11.29 -8.15
N CYS A 20 -9.80 -11.20 -8.89
CA CYS A 20 -11.10 -11.72 -8.47
C CYS A 20 -12.09 -11.71 -9.66
N ASN A 21 -13.12 -12.58 -9.60
CA ASN A 21 -14.18 -12.65 -10.63
C ASN A 21 -15.13 -11.44 -10.52
N GLY A 22 -15.05 -10.74 -9.36
CA GLY A 22 -15.70 -9.45 -9.16
C GLY A 22 -15.03 -8.34 -9.95
N LYS A 23 -15.29 -7.08 -9.56
CA LYS A 23 -14.81 -5.91 -10.30
C LYS A 23 -13.36 -5.53 -9.93
N THR A 24 -12.61 -5.06 -10.93
CA THR A 24 -11.22 -4.63 -10.81
C THR A 24 -11.13 -3.25 -10.12
N PHE A 25 -11.16 -3.28 -8.78
CA PHE A 25 -11.03 -2.10 -7.94
C PHE A 25 -9.57 -1.66 -7.89
N ASP A 26 -9.25 -0.59 -8.62
CA ASP A 26 -7.91 0.00 -8.65
C ASP A 26 -7.56 0.63 -7.30
N TYR A 27 -8.61 1.07 -6.55
CA TYR A 27 -8.47 1.73 -5.23
C TYR A 27 -7.39 2.84 -5.25
N THR A 28 -7.32 3.55 -6.39
CA THR A 28 -6.27 4.53 -6.64
C THR A 28 -6.69 5.89 -6.05
N TYR A 29 -5.89 6.37 -5.08
CA TYR A 29 -6.15 7.65 -4.37
C TYR A 29 -4.83 8.42 -4.34
N THR A 30 -4.84 9.64 -4.88
CA THR A 30 -3.66 10.49 -4.94
C THR A 30 -3.69 11.43 -3.73
N VAL A 31 -2.81 11.16 -2.75
CA VAL A 31 -2.60 12.06 -1.60
C VAL A 31 -1.32 12.87 -1.85
N THR A 32 -1.03 13.84 -0.98
CA THR A 32 0.18 14.68 -1.09
C THR A 32 0.86 14.83 0.29
N THR A 33 0.17 14.38 1.34
CA THR A 33 0.62 14.49 2.72
C THR A 33 0.81 13.07 3.30
N GLU A 34 1.85 12.90 4.13
CA GLU A 34 2.17 11.62 4.81
C GLU A 34 1.07 11.26 5.84
N SER A 35 0.49 12.32 6.46
CA SER A 35 -0.62 12.20 7.43
C SER A 35 -1.87 11.53 6.80
N GLU A 36 -2.13 11.88 5.52
CA GLU A 36 -3.28 11.37 4.76
C GLU A 36 -3.19 9.85 4.52
N LEU A 37 -1.94 9.34 4.45
CA LEU A 37 -1.68 7.89 4.26
C LEU A 37 -2.28 7.06 5.41
N GLN A 38 -2.15 7.56 6.65
CA GLN A 38 -2.70 6.88 7.85
C GLN A 38 -4.26 6.82 7.79
N LYS A 39 -4.86 7.82 7.15
CA LYS A 39 -6.33 7.93 6.98
C LYS A 39 -6.83 6.95 5.88
N VAL A 40 -6.27 7.12 4.66
CA VAL A 40 -6.74 6.43 3.44
C VAL A 40 -6.43 4.91 3.49
N LEU A 41 -5.38 4.53 4.22
CA LEU A 41 -4.99 3.11 4.39
C LEU A 41 -5.93 2.37 5.38
N ASN A 42 -6.35 3.09 6.45
CA ASN A 42 -7.22 2.52 7.50
C ASN A 42 -8.65 2.26 7.00
N GLU A 43 -9.16 3.13 6.10
CA GLU A 43 -10.48 2.93 5.47
C GLU A 43 -10.38 1.84 4.37
N LEU A 44 -9.26 1.87 3.62
CA LEU A 44 -8.98 0.93 2.50
C LEU A 44 -8.88 -0.53 3.01
N LYS A 45 -8.47 -0.64 4.29
CA LYS A 45 -8.37 -1.90 5.04
C LYS A 45 -9.65 -2.74 4.91
N ASP A 46 -10.80 -2.11 5.18
CA ASP A 46 -12.13 -2.76 5.18
C ASP A 46 -12.60 -3.16 3.77
N TYR A 47 -12.15 -2.40 2.75
CA TYR A 47 -12.47 -2.70 1.33
C TYR A 47 -11.73 -3.98 0.89
N ILE A 48 -10.38 -3.97 1.06
CA ILE A 48 -9.48 -5.10 0.71
C ILE A 48 -9.83 -6.37 1.53
N LYS A 49 -10.32 -6.14 2.77
CA LYS A 49 -10.74 -7.20 3.72
C LYS A 49 -11.85 -8.07 3.10
N LYS A 50 -12.89 -7.38 2.60
CA LYS A 50 -14.09 -8.00 2.05
C LYS A 50 -13.84 -8.49 0.60
N GLN A 51 -12.97 -7.76 -0.13
CA GLN A 51 -12.69 -8.03 -1.55
C GLN A 51 -11.48 -8.96 -1.75
N GLY A 52 -11.18 -9.24 -3.04
CA GLY A 52 -10.06 -10.08 -3.41
C GLY A 52 -10.37 -11.56 -3.26
N CYS A 53 -10.59 -12.26 -4.38
CA CYS A 53 -10.71 -13.72 -4.42
C CYS A 53 -9.36 -14.35 -3.99
N LYS A 54 -8.28 -13.70 -4.47
CA LYS A 54 -6.91 -13.93 -3.98
C LYS A 54 -6.51 -12.71 -3.10
N ARG A 55 -5.20 -12.36 -3.04
CA ARG A 55 -4.73 -11.24 -2.20
C ARG A 55 -4.57 -9.98 -3.07
N SER A 56 -5.22 -8.88 -2.64
CA SER A 56 -5.16 -7.58 -3.33
C SER A 56 -3.79 -6.89 -3.09
N ARG A 57 -3.05 -6.64 -4.19
CA ARG A 57 -1.66 -6.15 -4.16
C ARG A 57 -1.62 -4.61 -4.20
N THR A 58 -1.14 -3.98 -3.12
CA THR A 58 -1.08 -2.51 -2.99
C THR A 58 0.36 -2.00 -3.24
N SER A 59 0.46 -0.83 -3.89
CA SER A 59 1.72 -0.12 -4.13
C SER A 59 1.53 1.39 -3.80
N ILE A 60 2.32 1.90 -2.84
CA ILE A 60 2.31 3.34 -2.44
C ILE A 60 3.60 4.01 -2.95
N THR A 61 3.49 5.23 -3.51
CA THR A 61 4.64 5.96 -4.07
C THR A 61 5.70 6.29 -2.99
N ALA A 62 6.90 5.74 -3.18
CA ALA A 62 8.10 6.08 -2.44
C ALA A 62 9.10 6.77 -3.39
N ARG A 63 10.06 7.50 -2.84
CA ARG A 63 11.09 8.19 -3.66
C ARG A 63 12.47 7.60 -3.32
N THR A 64 13.01 8.01 -2.18
CA THR A 64 14.24 7.43 -1.63
C THR A 64 13.86 6.18 -0.82
N LYS A 65 14.85 5.30 -0.59
CA LYS A 65 14.65 4.02 0.11
C LYS A 65 14.38 4.24 1.62
N LYS A 66 14.75 5.43 2.14
CA LYS A 66 14.37 5.88 3.49
C LYS A 66 12.84 6.11 3.57
N GLU A 67 12.31 6.78 2.53
CA GLU A 67 10.86 7.03 2.39
C GLU A 67 10.11 5.73 2.13
N ALA A 68 10.81 4.78 1.50
CA ALA A 68 10.30 3.43 1.24
C ALA A 68 10.13 2.63 2.56
N GLU A 69 11.02 2.89 3.53
CA GLU A 69 10.97 2.21 4.85
C GLU A 69 9.77 2.71 5.69
N LYS A 70 9.61 4.04 5.78
CA LYS A 70 8.56 4.66 6.63
C LYS A 70 7.15 4.41 6.07
N PHE A 71 7.04 4.30 4.74
CA PHE A 71 5.75 4.04 4.06
C PHE A 71 5.45 2.55 3.92
N ALA A 72 6.51 1.71 4.02
CA ALA A 72 6.34 0.25 4.18
C ALA A 72 5.63 -0.03 5.51
N ALA A 73 6.03 0.71 6.57
CA ALA A 73 5.42 0.63 7.90
C ALA A 73 3.91 0.97 7.85
N ILE A 74 3.55 2.01 7.05
CA ILE A 74 2.14 2.47 6.86
C ILE A 74 1.26 1.34 6.29
N LEU A 75 1.84 0.56 5.36
CA LEU A 75 1.20 -0.62 4.77
C LEU A 75 0.99 -1.74 5.84
N ILE A 76 2.09 -2.15 6.51
CA ILE A 76 2.11 -3.33 7.42
C ILE A 76 1.10 -3.21 8.57
N LYS A 77 0.89 -1.97 9.06
CA LYS A 77 -0.09 -1.67 10.15
C LYS A 77 -1.52 -2.13 9.76
N VAL A 78 -1.85 -1.97 8.48
CA VAL A 78 -3.14 -2.35 7.88
C VAL A 78 -3.24 -3.88 7.70
N TYR A 79 -2.20 -4.46 7.10
CA TYR A 79 -2.18 -5.88 6.68
C TYR A 79 -1.97 -6.85 7.86
N ALA A 80 -1.48 -6.29 8.98
CA ALA A 80 -1.39 -7.01 10.26
C ALA A 80 -2.79 -7.44 10.72
N GLU A 81 -3.76 -6.52 10.53
CA GLU A 81 -5.18 -6.74 10.85
C GLU A 81 -5.87 -7.62 9.80
N LEU A 82 -5.46 -7.46 8.53
CA LEU A 82 -6.03 -8.20 7.39
C LEU A 82 -5.54 -9.66 7.32
N GLY A 83 -4.47 -9.97 8.07
CA GLY A 83 -3.93 -11.32 8.17
C GLY A 83 -3.55 -11.69 9.59
N TYR A 84 -2.62 -12.63 9.71
CA TYR A 84 -2.05 -13.11 10.98
C TYR A 84 -0.63 -12.52 11.15
N ASN A 85 -0.45 -11.27 10.65
CA ASN A 85 0.86 -10.55 10.61
C ASN A 85 1.86 -11.24 9.66
N ASP A 86 1.37 -12.18 8.83
CA ASP A 86 2.15 -12.89 7.83
C ASP A 86 2.24 -12.01 6.57
N ILE A 87 3.34 -11.24 6.46
CA ILE A 87 3.51 -10.18 5.44
C ILE A 87 4.74 -10.47 4.54
N ASN A 88 4.59 -10.17 3.24
CA ASN A 88 5.70 -10.12 2.27
C ASN A 88 5.86 -8.68 1.78
N VAL A 89 6.97 -8.02 2.17
CA VAL A 89 7.28 -6.63 1.79
C VAL A 89 8.31 -6.65 0.65
N THR A 90 8.06 -5.85 -0.40
CA THR A 90 8.97 -5.71 -1.55
C THR A 90 9.13 -4.21 -1.89
N TRP A 91 10.39 -3.75 -1.94
CA TRP A 91 10.72 -2.34 -2.22
C TRP A 91 11.07 -2.18 -3.71
N ASP A 92 10.12 -1.64 -4.49
CA ASP A 92 10.33 -1.32 -5.92
C ASP A 92 11.30 -0.13 -6.07
N GLY A 93 11.16 0.86 -5.16
CA GLY A 93 11.98 2.07 -5.16
C GLY A 93 11.11 3.30 -5.40
N ASP A 94 10.37 3.27 -6.52
CA ASP A 94 9.36 4.28 -6.85
C ASP A 94 8.03 3.96 -6.14
N THR A 95 7.87 2.70 -5.69
CA THR A 95 6.72 2.22 -4.91
C THR A 95 7.15 1.17 -3.86
N VAL A 96 6.37 1.07 -2.76
CA VAL A 96 6.44 -0.05 -1.81
C VAL A 96 5.21 -0.94 -2.00
N THR A 97 5.47 -2.24 -2.21
CA THR A 97 4.45 -3.23 -2.57
C THR A 97 4.35 -4.31 -1.49
N VAL A 98 3.12 -4.62 -1.05
CA VAL A 98 2.85 -5.72 -0.11
C VAL A 98 1.76 -6.64 -0.69
N GLU A 99 2.14 -7.91 -0.94
CA GLU A 99 1.20 -8.99 -1.30
C GLU A 99 1.84 -10.32 -0.88
N GLY A 100 1.05 -11.18 -0.21
CA GLY A 100 1.48 -12.50 0.22
C GLY A 100 2.18 -12.50 1.57
N GLN A 101 2.98 -13.54 1.85
CA GLN A 101 3.67 -13.68 3.14
C GLN A 101 5.04 -14.36 2.96
N LEU A 102 5.95 -14.00 3.88
CA LEU A 102 7.22 -14.72 4.07
C LEU A 102 6.86 -16.09 4.70
N GLU A 103 6.89 -17.14 3.89
CA GLU A 103 6.49 -18.51 4.29
C GLU A 103 7.71 -19.34 4.70
N GLY A 104 7.49 -20.29 5.64
CA GLY A 104 8.47 -21.32 5.99
C GLY A 104 9.68 -20.81 6.78
N VAL A 105 10.66 -20.25 6.05
CA VAL A 105 11.99 -19.89 6.59
C VAL A 105 11.91 -18.63 7.50
N ASP A 106 11.82 -18.87 8.81
CA ASP A 106 11.80 -17.80 9.82
C ASP A 106 12.15 -18.39 11.21
N MET A 1 9.54 23.63 -17.04
CA MET A 1 9.41 24.07 -15.64
C MET A 1 10.74 23.85 -14.88
N HIS A 2 11.20 24.88 -14.13
CA HIS A 2 12.41 24.82 -13.28
C HIS A 2 12.24 25.73 -12.05
N HIS A 3 12.45 27.06 -12.24
CA HIS A 3 12.57 28.04 -11.13
C HIS A 3 11.21 28.41 -10.51
N HIS A 4 10.15 28.50 -11.35
CA HIS A 4 8.79 28.87 -10.89
C HIS A 4 8.31 27.90 -9.80
N HIS A 5 8.12 28.44 -8.58
CA HIS A 5 7.82 27.65 -7.38
C HIS A 5 6.57 26.76 -7.56
N HIS A 6 6.83 25.45 -7.54
CA HIS A 6 5.83 24.40 -7.73
C HIS A 6 5.56 23.70 -6.39
N HIS A 7 4.58 24.24 -5.64
CA HIS A 7 4.15 23.68 -4.33
C HIS A 7 3.48 22.31 -4.52
N ARG A 8 3.74 21.37 -3.58
CA ARG A 8 3.13 20.01 -3.56
C ARG A 8 3.58 19.14 -4.75
N SER A 9 4.62 19.59 -5.47
CA SER A 9 5.21 18.85 -6.61
C SER A 9 6.07 17.70 -6.04
N GLY A 10 5.46 16.52 -5.98
CA GLY A 10 6.06 15.33 -5.38
C GLY A 10 5.01 14.47 -4.68
N ASP A 11 3.76 14.55 -5.20
CA ASP A 11 2.60 13.86 -4.61
C ASP A 11 2.71 12.33 -4.80
N ILE A 12 2.18 11.61 -3.81
CA ILE A 12 2.34 10.17 -3.63
C ILE A 12 1.03 9.44 -3.99
N GLN A 13 1.10 8.51 -4.95
CA GLN A 13 -0.06 7.69 -5.36
C GLN A 13 -0.08 6.37 -4.58
N VAL A 14 -1.21 6.09 -3.94
CA VAL A 14 -1.47 4.82 -3.24
C VAL A 14 -2.29 3.90 -4.17
N GLN A 15 -1.68 2.78 -4.57
CA GLN A 15 -2.29 1.78 -5.47
C GLN A 15 -2.51 0.48 -4.68
N ASN A 16 -3.64 -0.21 -4.89
CA ASN A 16 -3.91 -1.54 -4.30
C ASN A 16 -4.55 -2.46 -5.35
N ASN A 17 -4.27 -3.77 -5.26
CA ASN A 17 -4.77 -4.77 -6.21
C ASN A 17 -5.36 -5.97 -5.46
N ASN A 18 -6.69 -6.13 -5.52
CA ASN A 18 -7.38 -7.36 -5.09
C ASN A 18 -7.88 -8.07 -6.35
N THR A 19 -7.30 -9.25 -6.64
CA THR A 19 -7.71 -10.06 -7.80
C THR A 19 -7.95 -11.51 -7.35
N CYS A 20 -9.25 -11.88 -7.31
CA CYS A 20 -9.76 -13.24 -7.02
C CYS A 20 -11.28 -13.14 -6.83
N ASN A 21 -12.04 -13.84 -7.71
CA ASN A 21 -13.52 -13.93 -7.67
C ASN A 21 -14.19 -12.57 -8.02
N GLY A 22 -14.19 -11.64 -7.05
CA GLY A 22 -14.79 -10.32 -7.23
C GLY A 22 -13.96 -9.42 -8.14
N LYS A 23 -14.64 -8.66 -9.02
CA LYS A 23 -14.00 -7.78 -10.02
C LYS A 23 -13.27 -6.60 -9.34
N THR A 24 -12.02 -6.35 -9.78
CA THR A 24 -11.21 -5.24 -9.29
C THR A 24 -11.80 -3.91 -9.81
N PHE A 25 -12.61 -3.23 -8.97
CA PHE A 25 -13.23 -1.95 -9.34
C PHE A 25 -12.17 -0.83 -9.37
N ASP A 26 -11.82 -0.30 -8.19
CA ASP A 26 -10.81 0.76 -8.06
C ASP A 26 -10.35 0.86 -6.60
N TYR A 27 -9.04 1.01 -6.39
CA TYR A 27 -8.40 1.05 -5.07
C TYR A 27 -7.31 2.15 -5.04
N THR A 28 -7.30 3.01 -6.06
CA THR A 28 -6.30 4.08 -6.21
C THR A 28 -6.74 5.35 -5.44
N TYR A 29 -5.79 5.93 -4.71
CA TYR A 29 -5.92 7.24 -4.04
C TYR A 29 -4.67 8.08 -4.34
N THR A 30 -4.78 9.40 -4.19
CA THR A 30 -3.66 10.33 -4.36
C THR A 30 -3.52 11.18 -3.10
N VAL A 31 -2.43 10.95 -2.36
CA VAL A 31 -2.12 11.69 -1.13
C VAL A 31 -0.85 12.53 -1.36
N THR A 32 -0.92 13.83 -1.10
CA THR A 32 0.23 14.73 -1.29
C THR A 32 1.07 14.79 0.01
N THR A 33 0.45 14.38 1.13
CA THR A 33 1.05 14.39 2.46
C THR A 33 0.68 13.09 3.22
N GLU A 34 1.56 12.68 4.15
CA GLU A 34 1.39 11.44 4.97
C GLU A 34 0.17 11.52 5.91
N SER A 35 -0.28 12.75 6.21
CA SER A 35 -1.50 12.99 7.00
C SER A 35 -2.73 12.47 6.24
N GLU A 36 -2.71 12.66 4.90
CA GLU A 36 -3.78 12.21 3.99
C GLU A 36 -3.73 10.67 3.84
N LEU A 37 -2.49 10.15 3.78
CA LEU A 37 -2.17 8.71 3.67
C LEU A 37 -2.83 7.88 4.80
N GLN A 38 -2.75 8.42 6.02
CA GLN A 38 -3.20 7.72 7.23
C GLN A 38 -4.72 7.44 7.18
N LYS A 39 -5.46 8.29 6.44
CA LYS A 39 -6.90 8.12 6.19
C LYS A 39 -7.12 6.99 5.16
N VAL A 40 -6.36 7.04 4.03
CA VAL A 40 -6.59 6.14 2.88
C VAL A 40 -6.24 4.68 3.23
N LEU A 41 -5.32 4.45 4.19
CA LEU A 41 -4.94 3.07 4.61
C LEU A 41 -5.96 2.45 5.58
N ASN A 42 -6.48 3.28 6.51
CA ASN A 42 -7.44 2.81 7.54
C ASN A 42 -8.75 2.37 6.83
N GLU A 43 -9.21 3.18 5.86
CA GLU A 43 -10.41 2.87 5.07
C GLU A 43 -10.14 1.70 4.10
N LEU A 44 -8.93 1.68 3.46
CA LEU A 44 -8.56 0.66 2.44
C LEU A 44 -8.53 -0.75 3.06
N LYS A 45 -8.23 -0.82 4.36
CA LYS A 45 -8.28 -2.05 5.16
C LYS A 45 -9.69 -2.71 5.06
N ASP A 46 -10.73 -1.86 5.07
CA ASP A 46 -12.14 -2.30 4.90
C ASP A 46 -12.42 -2.75 3.45
N TYR A 47 -11.88 -1.98 2.46
CA TYR A 47 -12.03 -2.30 1.01
C TYR A 47 -11.45 -3.70 0.66
N ILE A 48 -10.28 -4.01 1.25
CA ILE A 48 -9.56 -5.27 1.01
C ILE A 48 -10.26 -6.44 1.74
N LYS A 49 -10.61 -6.19 3.01
CA LYS A 49 -11.15 -7.22 3.92
C LYS A 49 -12.57 -7.64 3.53
N LYS A 50 -13.38 -6.66 3.08
CA LYS A 50 -14.77 -6.89 2.67
C LYS A 50 -14.84 -7.78 1.42
N GLN A 51 -13.96 -7.47 0.45
CA GLN A 51 -13.73 -8.33 -0.74
C GLN A 51 -13.17 -9.70 -0.29
N GLY A 52 -12.30 -9.64 0.74
CA GLY A 52 -11.67 -10.82 1.33
C GLY A 52 -10.88 -11.63 0.32
N CYS A 53 -9.95 -10.96 -0.37
CA CYS A 53 -9.15 -11.60 -1.43
C CYS A 53 -7.91 -12.26 -0.82
N LYS A 54 -7.50 -13.41 -1.39
CA LYS A 54 -6.33 -14.19 -0.94
C LYS A 54 -5.04 -13.35 -1.04
N ARG A 55 -4.90 -12.62 -2.15
CA ARG A 55 -3.72 -11.77 -2.43
C ARG A 55 -4.15 -10.30 -2.57
N SER A 56 -3.40 -9.41 -1.94
CA SER A 56 -3.62 -7.96 -1.99
C SER A 56 -2.25 -7.26 -2.11
N ARG A 57 -2.02 -6.56 -3.22
CA ARG A 57 -0.73 -5.93 -3.54
C ARG A 57 -0.87 -4.40 -3.54
N THR A 58 -0.29 -3.73 -2.52
CA THR A 58 -0.30 -2.26 -2.40
C THR A 58 1.07 -1.69 -2.80
N SER A 59 1.09 -0.81 -3.82
CA SER A 59 2.32 -0.16 -4.30
C SER A 59 2.17 1.37 -4.15
N ILE A 60 3.18 2.03 -3.53
CA ILE A 60 3.12 3.44 -3.15
C ILE A 60 4.35 4.21 -3.72
N THR A 61 4.10 5.45 -4.20
CA THR A 61 5.16 6.35 -4.70
C THR A 61 6.10 6.80 -3.56
N ALA A 62 7.31 6.24 -3.54
CA ALA A 62 8.36 6.58 -2.56
C ALA A 62 9.38 7.55 -3.20
N ARG A 63 9.66 8.67 -2.54
CA ARG A 63 10.63 9.66 -3.07
C ARG A 63 12.08 9.22 -2.80
N THR A 64 12.28 8.61 -1.63
CA THR A 64 13.56 8.01 -1.21
C THR A 64 13.31 6.58 -0.70
N LYS A 65 14.39 5.87 -0.30
CA LYS A 65 14.26 4.57 0.37
C LYS A 65 13.78 4.75 1.83
N LYS A 66 13.97 5.97 2.38
CA LYS A 66 13.45 6.34 3.71
C LYS A 66 11.91 6.51 3.65
N GLU A 67 11.39 6.90 2.46
CA GLU A 67 9.94 6.92 2.22
C GLU A 67 9.45 5.48 2.00
N ALA A 68 10.23 4.71 1.22
CA ALA A 68 9.91 3.33 0.85
C ALA A 68 9.71 2.42 2.08
N GLU A 69 10.57 2.59 3.10
CA GLU A 69 10.53 1.74 4.32
C GLU A 69 9.32 2.08 5.22
N LYS A 70 9.03 3.40 5.41
CA LYS A 70 8.01 3.84 6.39
C LYS A 70 6.60 3.56 5.86
N PHE A 71 6.36 3.86 4.56
CA PHE A 71 5.09 3.54 3.89
C PHE A 71 4.88 2.02 3.81
N ALA A 72 5.98 1.26 3.62
CA ALA A 72 5.97 -0.21 3.64
C ALA A 72 5.40 -0.74 4.96
N ALA A 73 5.90 -0.18 6.07
CA ALA A 73 5.45 -0.53 7.42
C ALA A 73 3.97 -0.18 7.62
N ILE A 74 3.56 1.00 7.11
CA ILE A 74 2.16 1.48 7.15
C ILE A 74 1.19 0.49 6.41
N LEU A 75 1.76 -0.27 5.45
CA LEU A 75 1.02 -1.34 4.74
C LEU A 75 0.99 -2.63 5.59
N ILE A 76 2.15 -2.95 6.20
CA ILE A 76 2.34 -4.14 7.08
C ILE A 76 1.39 -4.11 8.30
N LYS A 77 1.10 -2.90 8.83
CA LYS A 77 0.16 -2.70 9.96
C LYS A 77 -1.26 -3.17 9.57
N VAL A 78 -1.70 -2.77 8.36
CA VAL A 78 -3.02 -3.11 7.81
C VAL A 78 -3.16 -4.64 7.65
N TYR A 79 -2.18 -5.27 6.98
CA TYR A 79 -2.18 -6.72 6.68
C TYR A 79 -1.98 -7.58 7.96
N ALA A 80 -1.35 -6.98 8.99
CA ALA A 80 -1.17 -7.63 10.31
C ALA A 80 -2.53 -7.82 10.99
N GLU A 81 -3.37 -6.78 10.91
CA GLU A 81 -4.75 -6.80 11.42
C GLU A 81 -5.61 -7.79 10.61
N LEU A 82 -5.34 -7.88 9.30
CA LEU A 82 -6.07 -8.77 8.37
C LEU A 82 -5.73 -10.25 8.59
N GLY A 83 -4.55 -10.54 9.17
CA GLY A 83 -4.17 -11.92 9.49
C GLY A 83 -2.80 -12.05 10.17
N TYR A 84 -1.77 -12.34 9.38
CA TYR A 84 -0.43 -12.72 9.89
C TYR A 84 0.49 -11.52 10.06
N ASN A 85 1.52 -11.71 10.91
CA ASN A 85 2.59 -10.72 11.15
C ASN A 85 3.65 -10.85 10.04
N ASP A 86 3.80 -12.07 9.48
CA ASP A 86 4.67 -12.34 8.32
C ASP A 86 4.05 -11.72 7.07
N ILE A 87 4.64 -10.61 6.61
CA ILE A 87 4.16 -9.84 5.45
C ILE A 87 5.28 -9.75 4.40
N ASN A 88 4.92 -9.83 3.11
CA ASN A 88 5.88 -9.77 2.00
C ASN A 88 6.07 -8.29 1.61
N VAL A 89 7.33 -7.82 1.63
CA VAL A 89 7.68 -6.44 1.26
C VAL A 89 8.91 -6.46 0.33
N THR A 90 8.89 -5.56 -0.66
CA THR A 90 9.97 -5.37 -1.61
C THR A 90 10.05 -3.87 -1.95
N TRP A 91 11.27 -3.33 -2.06
CA TRP A 91 11.49 -1.91 -2.34
C TRP A 91 12.08 -1.77 -3.74
N ASP A 92 11.23 -1.41 -4.72
CA ASP A 92 11.62 -1.17 -6.12
C ASP A 92 12.65 -0.02 -6.21
N GLY A 93 12.36 1.07 -5.47
CA GLY A 93 13.23 2.25 -5.39
C GLY A 93 12.42 3.51 -5.19
N ASP A 94 11.94 4.07 -6.32
CA ASP A 94 11.01 5.24 -6.32
C ASP A 94 9.55 4.78 -6.09
N THR A 95 9.36 3.45 -5.94
CA THR A 95 8.08 2.85 -5.56
C THR A 95 8.37 1.69 -4.57
N VAL A 96 7.50 1.52 -3.57
CA VAL A 96 7.55 0.34 -2.66
C VAL A 96 6.33 -0.54 -2.92
N THR A 97 6.48 -1.87 -2.80
CA THR A 97 5.41 -2.83 -3.02
C THR A 97 5.31 -3.81 -1.85
N VAL A 98 4.09 -4.03 -1.34
CA VAL A 98 3.79 -4.99 -0.27
C VAL A 98 2.67 -5.93 -0.77
N GLU A 99 2.89 -7.25 -0.57
CA GLU A 99 1.94 -8.30 -0.96
C GLU A 99 1.51 -9.07 0.30
N GLY A 100 0.22 -9.48 0.32
CA GLY A 100 -0.27 -10.41 1.32
C GLY A 100 0.20 -11.83 1.01
N GLN A 101 1.25 -12.29 1.72
CA GLN A 101 1.86 -13.61 1.49
C GLN A 101 1.03 -14.73 2.15
N LEU A 102 1.20 -15.95 1.61
CA LEU A 102 0.57 -17.16 2.14
C LEU A 102 1.47 -17.74 3.26
N GLU A 103 0.85 -18.40 4.26
CA GLU A 103 1.56 -19.00 5.41
C GLU A 103 2.49 -20.16 4.98
N GLY A 104 3.53 -20.42 5.79
CA GLY A 104 4.49 -21.48 5.54
C GLY A 104 5.13 -21.95 6.83
N VAL A 105 4.26 -22.30 7.80
CA VAL A 105 4.64 -22.64 9.18
C VAL A 105 3.92 -23.93 9.64
N ASP A 106 4.51 -24.65 10.62
CA ASP A 106 3.95 -25.92 11.15
C ASP A 106 4.18 -25.98 12.68
N MET A 1 14.20 36.41 -2.95
CA MET A 1 13.43 35.16 -3.16
C MET A 1 13.91 34.47 -4.45
N HIS A 2 14.87 33.52 -4.29
CA HIS A 2 15.35 32.66 -5.38
C HIS A 2 15.49 31.22 -4.86
N HIS A 3 14.55 30.36 -5.26
CA HIS A 3 14.48 28.97 -4.82
C HIS A 3 15.56 28.09 -5.51
N HIS A 4 16.69 27.91 -4.82
CA HIS A 4 17.81 27.06 -5.30
C HIS A 4 17.49 25.56 -5.10
N HIS A 5 16.35 25.27 -4.43
CA HIS A 5 15.82 23.90 -4.31
C HIS A 5 15.03 23.55 -5.59
N HIS A 6 15.73 23.57 -6.75
CA HIS A 6 15.12 23.29 -8.07
C HIS A 6 14.89 21.77 -8.24
N HIS A 7 13.83 21.28 -7.58
CA HIS A 7 13.38 19.88 -7.62
C HIS A 7 11.86 19.85 -7.48
N ARG A 8 11.25 18.75 -7.95
CA ARG A 8 9.80 18.55 -7.92
C ARG A 8 9.42 17.50 -6.87
N SER A 9 8.53 17.87 -5.95
CA SER A 9 7.97 16.97 -4.94
C SER A 9 6.82 16.16 -5.57
N GLY A 10 7.12 14.90 -5.93
CA GLY A 10 6.13 13.96 -6.48
C GLY A 10 5.16 13.49 -5.41
N ASP A 11 3.86 13.40 -5.77
CA ASP A 11 2.79 13.01 -4.84
C ASP A 11 2.79 11.49 -4.60
N ILE A 12 2.25 11.11 -3.44
CA ILE A 12 2.17 9.71 -3.02
C ILE A 12 0.97 9.04 -3.72
N GLN A 13 1.26 8.24 -4.75
CA GLN A 13 0.27 7.45 -5.48
C GLN A 13 0.13 6.07 -4.81
N VAL A 14 -1.10 5.78 -4.38
CA VAL A 14 -1.45 4.59 -3.61
C VAL A 14 -2.17 3.65 -4.56
N GLN A 15 -1.58 2.50 -4.87
CA GLN A 15 -2.19 1.53 -5.80
C GLN A 15 -2.35 0.18 -5.12
N ASN A 16 -3.59 -0.16 -4.74
CA ASN A 16 -3.92 -1.47 -4.16
C ASN A 16 -4.61 -2.31 -5.22
N ASN A 17 -4.13 -3.53 -5.40
CA ASN A 17 -4.66 -4.47 -6.38
C ASN A 17 -5.56 -5.46 -5.64
N ASN A 18 -6.86 -5.35 -5.88
CA ASN A 18 -7.87 -6.23 -5.30
C ASN A 18 -8.88 -6.52 -6.41
N THR A 19 -8.94 -7.78 -6.84
CA THR A 19 -9.77 -8.20 -7.96
C THR A 19 -10.32 -9.62 -7.71
N CYS A 20 -11.67 -9.74 -7.78
CA CYS A 20 -12.41 -11.00 -7.62
C CYS A 20 -13.67 -10.94 -8.50
N ASN A 21 -14.41 -12.06 -8.62
CA ASN A 21 -15.69 -12.09 -9.36
C ASN A 21 -16.76 -11.26 -8.61
N GLY A 22 -16.80 -9.96 -8.93
CA GLY A 22 -17.68 -9.02 -8.26
C GLY A 22 -17.28 -7.58 -8.58
N LYS A 23 -18.22 -6.63 -8.44
CA LYS A 23 -17.96 -5.21 -8.74
C LYS A 23 -17.19 -4.57 -7.59
N THR A 24 -15.87 -4.80 -7.60
CA THR A 24 -14.94 -4.32 -6.56
C THR A 24 -13.64 -3.88 -7.24
N PHE A 25 -13.59 -2.58 -7.61
CA PHE A 25 -12.42 -1.97 -8.28
C PHE A 25 -11.21 -1.90 -7.34
N ASP A 26 -10.03 -1.70 -7.94
CA ASP A 26 -8.76 -1.60 -7.23
C ASP A 26 -8.68 -0.24 -6.49
N TYR A 27 -8.24 -0.25 -5.22
CA TYR A 27 -8.35 0.92 -4.33
C TYR A 27 -7.14 1.86 -4.51
N THR A 28 -7.23 2.67 -5.56
CA THR A 28 -6.22 3.68 -5.90
C THR A 28 -6.60 5.06 -5.31
N TYR A 29 -5.61 5.72 -4.70
CA TYR A 29 -5.74 7.06 -4.09
C TYR A 29 -4.54 7.92 -4.50
N THR A 30 -4.68 9.25 -4.47
CA THR A 30 -3.56 10.18 -4.67
C THR A 30 -3.56 11.20 -3.52
N VAL A 31 -2.57 11.09 -2.63
CA VAL A 31 -2.44 11.96 -1.44
C VAL A 31 -1.17 12.83 -1.57
N THR A 32 -1.24 14.06 -1.03
CA THR A 32 -0.11 15.00 -1.04
C THR A 32 0.59 15.03 0.34
N THR A 33 -0.12 14.56 1.37
CA THR A 33 0.36 14.56 2.75
C THR A 33 0.43 13.10 3.27
N GLU A 34 1.45 12.80 4.09
CA GLU A 34 1.70 11.46 4.63
C GLU A 34 0.60 11.01 5.63
N SER A 35 -0.04 12.00 6.28
CA SER A 35 -1.19 11.75 7.16
C SER A 35 -2.40 11.20 6.36
N GLU A 36 -2.62 11.80 5.17
CA GLU A 36 -3.71 11.38 4.27
C GLU A 36 -3.50 9.93 3.79
N LEU A 37 -2.22 9.54 3.64
CA LEU A 37 -1.82 8.18 3.26
C LEU A 37 -2.30 7.15 4.31
N GLN A 38 -2.16 7.53 5.59
CA GLN A 38 -2.59 6.71 6.73
C GLN A 38 -4.15 6.65 6.81
N LYS A 39 -4.81 7.76 6.39
CA LYS A 39 -6.28 7.85 6.35
C LYS A 39 -6.87 6.97 5.22
N VAL A 40 -6.23 6.99 4.03
CA VAL A 40 -6.73 6.23 2.88
C VAL A 40 -6.43 4.73 3.04
N LEU A 41 -5.40 4.38 3.81
CA LEU A 41 -5.09 2.99 4.21
C LEU A 41 -6.08 2.50 5.29
N ASN A 42 -6.47 3.43 6.18
CA ASN A 42 -7.47 3.19 7.25
C ASN A 42 -8.79 2.67 6.66
N GLU A 43 -9.32 3.38 5.64
CA GLU A 43 -10.58 3.01 4.97
C GLU A 43 -10.38 1.82 4.00
N LEU A 44 -9.18 1.75 3.38
CA LEU A 44 -8.79 0.68 2.42
C LEU A 44 -8.88 -0.71 3.06
N LYS A 45 -8.58 -0.77 4.37
CA LYS A 45 -8.66 -1.99 5.19
C LYS A 45 -10.05 -2.65 5.12
N ASP A 46 -11.08 -1.80 5.28
CA ASP A 46 -12.49 -2.20 5.25
C ASP A 46 -12.89 -2.72 3.85
N TYR A 47 -12.28 -2.11 2.82
CA TYR A 47 -12.59 -2.41 1.43
C TYR A 47 -12.03 -3.79 0.99
N ILE A 48 -10.82 -4.15 1.48
CA ILE A 48 -10.23 -5.49 1.22
C ILE A 48 -11.03 -6.57 1.99
N LYS A 49 -11.36 -6.25 3.27
CA LYS A 49 -12.11 -7.15 4.17
C LYS A 49 -13.56 -7.39 3.69
N LYS A 50 -14.05 -6.46 2.84
CA LYS A 50 -15.37 -6.56 2.18
C LYS A 50 -15.54 -7.89 1.43
N GLN A 51 -14.48 -8.32 0.73
CA GLN A 51 -14.47 -9.56 -0.07
C GLN A 51 -13.48 -10.58 0.53
N GLY A 52 -13.49 -11.82 0.00
CA GLY A 52 -12.56 -12.87 0.42
C GLY A 52 -11.31 -12.94 -0.46
N CYS A 53 -10.91 -11.78 -1.00
CA CYS A 53 -9.73 -11.65 -1.86
C CYS A 53 -8.45 -11.75 -0.99
N LYS A 54 -7.83 -12.94 -0.98
CA LYS A 54 -6.64 -13.24 -0.14
C LYS A 54 -5.34 -12.65 -0.73
N ARG A 55 -5.41 -12.17 -1.97
CA ARG A 55 -4.26 -11.55 -2.67
C ARG A 55 -4.52 -10.04 -2.84
N SER A 56 -3.61 -9.20 -2.31
CA SER A 56 -3.65 -7.75 -2.46
C SER A 56 -2.22 -7.22 -2.68
N ARG A 57 -1.93 -6.70 -3.88
CA ARG A 57 -0.62 -6.11 -4.20
C ARG A 57 -0.70 -4.58 -4.10
N THR A 58 -0.06 -4.01 -3.08
CA THR A 58 -0.11 -2.57 -2.83
C THR A 58 1.25 -1.94 -3.07
N SER A 59 1.29 -0.83 -3.80
CA SER A 59 2.51 -0.15 -4.16
C SER A 59 2.30 1.36 -3.93
N ILE A 60 3.12 1.95 -3.06
CA ILE A 60 2.99 3.34 -2.60
C ILE A 60 4.22 4.14 -3.07
N THR A 61 3.98 5.20 -3.87
CA THR A 61 5.05 6.07 -4.40
C THR A 61 5.73 6.82 -3.25
N ALA A 62 6.92 6.33 -2.90
CA ALA A 62 7.80 6.94 -1.93
C ALA A 62 8.98 7.54 -2.70
N ARG A 63 9.27 8.82 -2.46
CA ARG A 63 10.25 9.57 -3.28
C ARG A 63 11.69 9.08 -3.09
N THR A 64 11.94 8.40 -1.97
CA THR A 64 13.23 7.74 -1.69
C THR A 64 12.98 6.36 -1.05
N LYS A 65 14.05 5.54 -0.98
CA LYS A 65 14.04 4.24 -0.29
C LYS A 65 13.78 4.40 1.22
N LYS A 66 14.28 5.52 1.78
CA LYS A 66 14.11 5.85 3.22
C LYS A 66 12.62 6.18 3.53
N GLU A 67 11.89 6.60 2.49
CA GLU A 67 10.43 6.80 2.56
C GLU A 67 9.69 5.48 2.32
N ALA A 68 10.26 4.64 1.46
CA ALA A 68 9.67 3.35 1.08
C ALA A 68 9.65 2.38 2.27
N GLU A 69 10.69 2.43 3.11
CA GLU A 69 10.79 1.58 4.29
C GLU A 69 9.77 1.99 5.39
N LYS A 70 9.53 3.31 5.56
CA LYS A 70 8.59 3.80 6.60
C LYS A 70 7.13 3.56 6.17
N PHE A 71 6.88 3.57 4.86
CA PHE A 71 5.54 3.32 4.30
C PHE A 71 5.26 1.82 4.14
N ALA A 72 6.33 1.00 4.20
CA ALA A 72 6.21 -0.45 4.37
C ALA A 72 5.43 -0.75 5.65
N ALA A 73 5.83 -0.06 6.74
CA ALA A 73 5.15 -0.17 8.05
C ALA A 73 3.66 0.22 7.94
N ILE A 74 3.34 1.25 7.13
CA ILE A 74 1.94 1.68 6.88
C ILE A 74 1.09 0.51 6.31
N LEU A 75 1.70 -0.30 5.44
CA LEU A 75 1.03 -1.47 4.84
C LEU A 75 0.90 -2.62 5.85
N ILE A 76 1.97 -2.91 6.59
CA ILE A 76 2.03 -4.03 7.55
C ILE A 76 1.04 -3.83 8.71
N LYS A 77 0.95 -2.58 9.20
CA LYS A 77 0.09 -2.20 10.34
C LYS A 77 -1.41 -2.40 10.01
N VAL A 78 -1.80 -2.14 8.75
CA VAL A 78 -3.19 -2.25 8.29
C VAL A 78 -3.58 -3.71 7.98
N TYR A 79 -2.72 -4.37 7.20
CA TYR A 79 -3.01 -5.68 6.60
C TYR A 79 -2.91 -6.83 7.61
N ALA A 80 -1.99 -6.70 8.59
CA ALA A 80 -1.84 -7.74 9.64
C ALA A 80 -3.09 -7.79 10.57
N GLU A 81 -3.87 -6.68 10.60
CA GLU A 81 -5.18 -6.63 11.30
C GLU A 81 -6.21 -7.56 10.61
N LEU A 82 -6.12 -7.61 9.27
CA LEU A 82 -6.95 -8.49 8.44
C LEU A 82 -6.43 -9.93 8.48
N GLY A 83 -5.15 -10.07 8.81
CA GLY A 83 -4.47 -11.36 8.91
C GLY A 83 -3.12 -11.35 8.21
N TYR A 84 -2.33 -12.41 8.45
CA TYR A 84 -1.00 -12.59 7.83
C TYR A 84 -0.02 -11.48 8.25
N ASN A 85 0.65 -11.69 9.41
CA ASN A 85 1.75 -10.83 9.86
C ASN A 85 2.99 -11.07 8.97
N ASP A 86 3.00 -12.24 8.32
CA ASP A 86 3.95 -12.59 7.26
C ASP A 86 3.70 -11.68 6.06
N ILE A 87 4.27 -10.47 6.09
CA ILE A 87 4.13 -9.50 5.00
C ILE A 87 5.43 -9.50 4.17
N ASN A 88 5.32 -9.74 2.86
CA ASN A 88 6.49 -9.68 1.97
C ASN A 88 6.65 -8.23 1.50
N VAL A 89 7.67 -7.56 2.03
CA VAL A 89 8.01 -6.18 1.65
C VAL A 89 9.14 -6.20 0.62
N THR A 90 8.92 -5.49 -0.49
CA THR A 90 9.87 -5.34 -1.59
C THR A 90 9.86 -3.87 -2.03
N TRP A 91 10.96 -3.42 -2.65
CA TRP A 91 11.12 -2.01 -3.07
C TRP A 91 11.47 -1.97 -4.57
N ASP A 92 10.49 -1.56 -5.39
CA ASP A 92 10.59 -1.54 -6.85
C ASP A 92 10.63 -0.07 -7.35
N GLY A 93 11.85 0.47 -7.48
CA GLY A 93 12.09 1.85 -7.97
C GLY A 93 11.75 2.92 -6.93
N ASP A 94 12.28 2.73 -5.70
CA ASP A 94 12.02 3.58 -4.51
C ASP A 94 10.55 3.52 -4.02
N THR A 95 9.73 2.69 -4.67
CA THR A 95 8.32 2.50 -4.36
C THR A 95 8.18 1.23 -3.50
N VAL A 96 7.37 1.27 -2.43
CA VAL A 96 7.19 0.08 -1.57
C VAL A 96 6.02 -0.78 -2.06
N THR A 97 6.37 -1.98 -2.54
CA THR A 97 5.42 -2.97 -3.04
C THR A 97 5.32 -4.13 -2.03
N VAL A 98 4.08 -4.57 -1.75
CA VAL A 98 3.79 -5.74 -0.92
C VAL A 98 2.87 -6.67 -1.72
N GLU A 99 3.19 -7.97 -1.75
CA GLU A 99 2.35 -9.00 -2.39
C GLU A 99 2.46 -10.32 -1.61
N GLY A 100 1.32 -10.99 -1.43
CA GLY A 100 1.24 -12.30 -0.80
C GLY A 100 1.72 -12.30 0.65
N GLN A 101 2.52 -13.32 1.01
CA GLN A 101 3.11 -13.46 2.35
C GLN A 101 4.63 -13.67 2.22
N LEU A 102 5.35 -13.44 3.32
CA LEU A 102 6.80 -13.66 3.38
C LEU A 102 7.10 -15.13 3.70
N GLU A 103 7.87 -15.80 2.82
CA GLU A 103 8.31 -17.20 3.03
C GLU A 103 9.62 -17.27 3.83
N GLY A 104 10.34 -16.12 3.91
CA GLY A 104 11.54 -15.98 4.72
C GLY A 104 11.26 -16.18 6.21
N VAL A 105 11.96 -17.15 6.82
CA VAL A 105 11.78 -17.52 8.24
C VAL A 105 12.47 -16.49 9.16
N ASP A 106 11.77 -16.10 10.25
CA ASP A 106 12.29 -15.17 11.25
C ASP A 106 13.30 -15.90 12.16
N MET A 1 3.81 25.10 -0.70
CA MET A 1 4.86 25.87 -1.39
C MET A 1 4.83 27.32 -0.89
N HIS A 2 6.01 27.96 -0.81
CA HIS A 2 6.13 29.39 -0.44
C HIS A 2 5.83 30.25 -1.68
N HIS A 3 6.36 29.82 -2.82
CA HIS A 3 6.02 30.32 -4.17
C HIS A 3 5.20 29.25 -4.89
N HIS A 4 4.00 29.62 -5.37
CA HIS A 4 3.14 28.68 -6.12
C HIS A 4 3.78 28.35 -7.49
N HIS A 5 3.86 27.04 -7.78
CA HIS A 5 4.41 26.51 -9.04
C HIS A 5 3.70 25.17 -9.36
N HIS A 6 3.23 25.03 -10.61
CA HIS A 6 2.58 23.79 -11.08
C HIS A 6 3.68 22.73 -11.40
N HIS A 7 4.19 22.11 -10.32
CA HIS A 7 5.24 21.07 -10.36
C HIS A 7 5.05 20.15 -9.15
N ARG A 8 4.99 18.83 -9.41
CA ARG A 8 4.75 17.80 -8.39
C ARG A 8 6.04 17.53 -7.60
N SER A 9 6.00 17.73 -6.27
CA SER A 9 7.14 17.47 -5.37
C SER A 9 7.24 15.97 -5.01
N GLY A 10 6.11 15.24 -5.15
CA GLY A 10 6.08 13.79 -4.90
C GLY A 10 4.77 13.37 -4.23
N ASP A 11 3.67 13.51 -4.99
CA ASP A 11 2.32 13.16 -4.53
C ASP A 11 2.18 11.64 -4.44
N ILE A 12 1.76 11.18 -3.27
CA ILE A 12 1.75 9.77 -2.91
C ILE A 12 0.56 9.06 -3.55
N GLN A 13 0.82 8.28 -4.61
CA GLN A 13 -0.19 7.45 -5.25
C GLN A 13 -0.13 6.03 -4.64
N VAL A 14 -1.20 5.68 -3.92
CA VAL A 14 -1.43 4.33 -3.41
C VAL A 14 -2.24 3.59 -4.45
N GLN A 15 -1.60 2.68 -5.18
CA GLN A 15 -2.26 1.86 -6.21
C GLN A 15 -2.41 0.43 -5.69
N ASN A 16 -3.64 0.06 -5.31
CA ASN A 16 -3.95 -1.30 -4.87
C ASN A 16 -4.72 -2.01 -5.98
N ASN A 17 -4.07 -3.03 -6.57
CA ASN A 17 -4.67 -3.90 -7.59
C ASN A 17 -5.01 -5.24 -6.90
N ASN A 18 -6.31 -5.51 -6.76
CA ASN A 18 -6.81 -6.69 -6.04
C ASN A 18 -7.41 -7.70 -7.03
N THR A 19 -7.08 -8.99 -6.85
CA THR A 19 -7.51 -10.09 -7.72
C THR A 19 -8.78 -10.73 -7.13
N CYS A 20 -9.92 -10.55 -7.83
CA CYS A 20 -11.25 -10.96 -7.36
C CYS A 20 -12.02 -11.68 -8.50
N ASN A 21 -13.16 -12.32 -8.14
CA ASN A 21 -14.10 -12.91 -9.13
C ASN A 21 -15.19 -11.90 -9.52
N GLY A 22 -15.58 -11.04 -8.55
CA GLY A 22 -16.69 -10.08 -8.73
C GLY A 22 -16.32 -8.89 -9.62
N LYS A 23 -16.60 -7.65 -9.12
CA LYS A 23 -16.34 -6.39 -9.85
C LYS A 23 -14.85 -6.25 -10.21
N THR A 24 -13.99 -6.77 -9.29
CA THR A 24 -12.53 -6.70 -9.38
C THR A 24 -12.08 -5.22 -9.38
N PHE A 25 -12.86 -4.38 -8.68
CA PHE A 25 -12.60 -2.94 -8.58
C PHE A 25 -11.40 -2.71 -7.65
N ASP A 26 -10.32 -2.21 -8.25
CA ASP A 26 -9.10 -1.79 -7.53
C ASP A 26 -9.36 -0.49 -6.76
N TYR A 27 -8.47 -0.15 -5.82
CA TYR A 27 -8.62 1.03 -4.96
C TYR A 27 -7.34 1.88 -5.04
N THR A 28 -7.45 3.07 -5.64
CA THR A 28 -6.33 4.00 -5.79
C THR A 28 -6.65 5.34 -5.08
N TYR A 29 -5.71 5.81 -4.25
CA TYR A 29 -5.79 7.07 -3.50
C TYR A 29 -4.57 7.93 -3.85
N THR A 30 -4.71 9.27 -3.88
CA THR A 30 -3.56 10.18 -4.08
C THR A 30 -3.60 11.30 -3.03
N VAL A 31 -2.58 11.35 -2.16
CA VAL A 31 -2.46 12.34 -1.08
C VAL A 31 -1.08 13.04 -1.18
N THR A 32 -1.06 14.38 -1.09
CA THR A 32 0.19 15.17 -1.23
C THR A 32 0.92 15.31 0.13
N THR A 33 0.28 14.81 1.21
CA THR A 33 0.80 14.94 2.58
C THR A 33 0.83 13.57 3.29
N GLU A 34 1.88 13.35 4.12
CA GLU A 34 2.17 12.08 4.83
C GLU A 34 0.99 11.63 5.75
N SER A 35 0.48 12.60 6.52
CA SER A 35 -0.54 12.38 7.55
C SER A 35 -1.89 11.90 6.99
N GLU A 36 -2.20 12.33 5.75
CA GLU A 36 -3.49 12.05 5.08
C GLU A 36 -3.61 10.57 4.71
N LEU A 37 -2.46 10.00 4.30
CA LEU A 37 -2.32 8.60 3.85
C LEU A 37 -2.79 7.59 4.91
N GLN A 38 -2.47 7.88 6.17
CA GLN A 38 -2.65 6.95 7.28
C GLN A 38 -4.15 6.65 7.55
N LYS A 39 -5.04 7.53 7.02
CA LYS A 39 -6.49 7.32 7.03
C LYS A 39 -6.91 6.42 5.86
N VAL A 40 -6.33 6.67 4.65
CA VAL A 40 -6.71 5.97 3.40
C VAL A 40 -6.38 4.45 3.46
N LEU A 41 -5.42 4.10 4.34
CA LEU A 41 -5.03 2.70 4.61
C LEU A 41 -6.13 1.96 5.41
N ASN A 42 -6.71 2.65 6.41
CA ASN A 42 -7.83 2.12 7.21
C ASN A 42 -9.07 1.89 6.31
N GLU A 43 -9.25 2.81 5.35
CA GLU A 43 -10.30 2.70 4.33
C GLU A 43 -10.05 1.47 3.44
N LEU A 44 -8.81 1.40 2.93
CA LEU A 44 -8.35 0.34 2.00
C LEU A 44 -8.56 -1.06 2.60
N LYS A 45 -8.30 -1.18 3.92
CA LYS A 45 -8.44 -2.42 4.69
C LYS A 45 -9.86 -2.99 4.58
N ASP A 46 -10.85 -2.13 4.90
CA ASP A 46 -12.27 -2.51 4.96
C ASP A 46 -12.82 -2.83 3.56
N TYR A 47 -12.38 -2.03 2.56
CA TYR A 47 -12.85 -2.15 1.17
C TYR A 47 -12.40 -3.48 0.53
N ILE A 48 -11.17 -3.89 0.86
CA ILE A 48 -10.60 -5.19 0.44
C ILE A 48 -11.29 -6.34 1.20
N LYS A 49 -11.43 -6.19 2.52
CA LYS A 49 -11.93 -7.26 3.41
C LYS A 49 -13.42 -7.57 3.16
N LYS A 50 -14.16 -6.55 2.67
CA LYS A 50 -15.58 -6.63 2.35
C LYS A 50 -15.84 -7.66 1.22
N GLN A 51 -14.86 -7.77 0.30
CA GLN A 51 -14.86 -8.75 -0.79
C GLN A 51 -13.85 -9.88 -0.48
N GLY A 52 -14.35 -11.13 -0.38
CA GLY A 52 -13.51 -12.30 -0.11
C GLY A 52 -12.69 -12.70 -1.35
N CYS A 53 -11.65 -11.90 -1.63
CA CYS A 53 -10.80 -12.01 -2.83
C CYS A 53 -9.55 -12.89 -2.55
N LYS A 54 -8.72 -13.06 -3.58
CA LYS A 54 -7.52 -13.89 -3.53
C LYS A 54 -6.38 -13.16 -2.77
N ARG A 55 -5.82 -12.11 -3.40
CA ARG A 55 -4.70 -11.33 -2.84
C ARG A 55 -4.71 -9.89 -3.38
N SER A 56 -4.20 -8.95 -2.55
CA SER A 56 -4.24 -7.51 -2.83
C SER A 56 -2.82 -6.93 -2.88
N ARG A 57 -2.44 -6.38 -4.04
CA ARG A 57 -1.09 -5.84 -4.27
C ARG A 57 -1.11 -4.31 -4.20
N THR A 58 -0.52 -3.75 -3.13
CA THR A 58 -0.45 -2.30 -2.93
C THR A 58 0.95 -1.80 -3.26
N SER A 59 1.03 -0.75 -4.09
CA SER A 59 2.29 -0.12 -4.48
C SER A 59 2.16 1.38 -4.20
N ILE A 60 3.03 1.92 -3.32
CA ILE A 60 2.96 3.31 -2.84
C ILE A 60 4.18 4.11 -3.35
N THR A 61 3.92 5.32 -3.90
CA THR A 61 4.96 6.24 -4.39
C THR A 61 6.02 6.57 -3.31
N ALA A 62 7.26 6.24 -3.64
CA ALA A 62 8.45 6.67 -2.90
C ALA A 62 9.45 7.20 -3.95
N ARG A 63 10.25 8.22 -3.57
CA ARG A 63 11.36 8.72 -4.43
C ARG A 63 12.69 8.14 -3.94
N THR A 64 12.72 7.82 -2.63
CA THR A 64 13.90 7.29 -1.93
C THR A 64 13.48 6.04 -1.12
N LYS A 65 14.47 5.21 -0.76
CA LYS A 65 14.21 3.91 -0.08
C LYS A 65 13.78 4.11 1.39
N LYS A 66 14.14 5.26 2.01
CA LYS A 66 13.71 5.61 3.38
C LYS A 66 12.21 5.93 3.43
N GLU A 67 11.69 6.57 2.36
CA GLU A 67 10.25 6.81 2.18
C GLU A 67 9.52 5.46 2.03
N ALA A 68 10.13 4.57 1.22
CA ALA A 68 9.61 3.23 0.96
C ALA A 68 9.54 2.38 2.25
N GLU A 69 10.43 2.65 3.24
CA GLU A 69 10.45 1.95 4.54
C GLU A 69 9.24 2.33 5.40
N LYS A 70 9.04 3.64 5.60
CA LYS A 70 8.00 4.15 6.54
C LYS A 70 6.57 3.90 6.04
N PHE A 71 6.36 3.93 4.70
CA PHE A 71 5.05 3.59 4.09
C PHE A 71 4.81 2.08 4.09
N ALA A 72 5.90 1.30 4.03
CA ALA A 72 5.84 -0.16 4.19
C ALA A 72 5.41 -0.50 5.61
N ALA A 73 5.95 0.23 6.60
CA ALA A 73 5.62 0.05 8.01
C ALA A 73 4.13 0.35 8.26
N ILE A 74 3.62 1.40 7.58
CA ILE A 74 2.19 1.78 7.59
C ILE A 74 1.32 0.64 6.99
N LEU A 75 1.80 0.05 5.88
CA LEU A 75 1.12 -1.08 5.19
C LEU A 75 1.05 -2.33 6.10
N ILE A 76 2.23 -2.81 6.55
CA ILE A 76 2.39 -4.03 7.36
C ILE A 76 1.45 -4.04 8.60
N LYS A 77 1.24 -2.86 9.21
CA LYS A 77 0.33 -2.69 10.38
C LYS A 77 -1.13 -3.04 10.03
N VAL A 78 -1.62 -2.49 8.92
CA VAL A 78 -3.00 -2.65 8.43
C VAL A 78 -3.26 -4.12 8.06
N TYR A 79 -2.34 -4.64 7.24
CA TYR A 79 -2.39 -5.98 6.66
C TYR A 79 -2.09 -7.07 7.71
N ALA A 80 -1.51 -6.66 8.86
CA ALA A 80 -1.30 -7.55 10.03
C ALA A 80 -2.65 -8.02 10.61
N GLU A 81 -3.66 -7.15 10.51
CA GLU A 81 -5.03 -7.45 10.96
C GLU A 81 -5.70 -8.49 10.03
N LEU A 82 -5.24 -8.51 8.76
CA LEU A 82 -5.80 -9.39 7.71
C LEU A 82 -5.02 -10.73 7.62
N GLY A 83 -3.74 -10.71 8.02
CA GLY A 83 -2.82 -11.85 7.80
C GLY A 83 -2.49 -12.63 9.06
N TYR A 84 -2.43 -11.92 10.22
CA TYR A 84 -2.10 -12.50 11.54
C TYR A 84 -0.64 -13.05 11.60
N ASN A 85 0.19 -12.63 10.64
CA ASN A 85 1.60 -13.08 10.49
C ASN A 85 2.47 -11.91 10.04
N ASP A 86 3.77 -12.22 9.78
CA ASP A 86 4.72 -11.31 9.12
C ASP A 86 4.18 -10.96 7.74
N ILE A 87 4.12 -9.68 7.37
CA ILE A 87 3.58 -9.24 6.06
C ILE A 87 4.73 -8.95 5.08
N ASN A 88 4.51 -9.28 3.79
CA ASN A 88 5.54 -9.33 2.75
C ASN A 88 5.72 -7.95 2.10
N VAL A 89 6.97 -7.46 2.10
CA VAL A 89 7.36 -6.18 1.49
C VAL A 89 8.46 -6.41 0.43
N THR A 90 8.32 -5.73 -0.71
CA THR A 90 9.28 -5.78 -1.82
C THR A 90 9.40 -4.36 -2.43
N TRP A 91 10.56 -4.03 -3.02
CA TRP A 91 10.85 -2.67 -3.55
C TRP A 91 11.31 -2.77 -5.00
N ASP A 92 10.67 -1.99 -5.88
CA ASP A 92 10.97 -1.95 -7.33
C ASP A 92 10.43 -0.64 -7.94
N GLY A 93 11.17 -0.08 -8.89
CA GLY A 93 10.78 1.16 -9.58
C GLY A 93 10.69 2.36 -8.63
N ASP A 94 11.59 2.36 -7.61
CA ASP A 94 11.67 3.39 -6.53
C ASP A 94 10.45 3.32 -5.57
N THR A 95 9.57 2.34 -5.82
CA THR A 95 8.22 2.28 -5.24
C THR A 95 8.10 1.03 -4.35
N VAL A 96 7.37 1.15 -3.22
CA VAL A 96 7.22 0.06 -2.25
C VAL A 96 5.94 -0.77 -2.55
N THR A 97 6.15 -2.03 -2.93
CA THR A 97 5.08 -2.98 -3.27
C THR A 97 4.95 -4.04 -2.16
N VAL A 98 3.90 -3.91 -1.32
CA VAL A 98 3.55 -4.89 -0.28
C VAL A 98 2.41 -5.78 -0.79
N GLU A 99 2.66 -7.11 -0.80
CA GLU A 99 1.69 -8.11 -1.26
C GLU A 99 1.97 -9.43 -0.53
N GLY A 100 0.96 -9.90 0.25
CA GLY A 100 0.99 -11.21 0.88
C GLY A 100 1.62 -11.18 2.27
N GLN A 101 2.30 -12.27 2.64
CA GLN A 101 2.94 -12.43 3.96
C GLN A 101 4.21 -13.30 3.85
N LEU A 102 5.17 -13.06 4.77
CA LEU A 102 6.49 -13.72 4.79
C LEU A 102 6.42 -15.11 5.46
N GLU A 103 7.37 -15.98 5.08
CA GLU A 103 7.54 -17.34 5.65
C GLU A 103 8.78 -17.38 6.58
N GLY A 104 9.17 -18.60 7.01
CA GLY A 104 10.39 -18.81 7.78
C GLY A 104 10.14 -18.69 9.29
N VAL A 105 9.52 -19.72 9.87
CA VAL A 105 9.28 -19.81 11.32
C VAL A 105 10.61 -20.10 12.07
N ASP A 106 11.28 -19.02 12.50
CA ASP A 106 12.56 -19.10 13.23
C ASP A 106 12.30 -19.49 14.70
N MET A 1 17.41 19.31 12.10
CA MET A 1 16.22 19.76 11.35
C MET A 1 16.15 19.10 9.96
N HIS A 2 14.97 19.16 9.34
CA HIS A 2 14.72 18.62 7.99
C HIS A 2 13.86 19.65 7.19
N HIS A 3 14.33 20.92 7.22
CA HIS A 3 13.68 22.04 6.52
C HIS A 3 13.84 21.93 4.99
N HIS A 4 12.77 21.51 4.31
CA HIS A 4 12.61 21.61 2.86
C HIS A 4 11.23 22.23 2.62
N HIS A 5 11.19 23.56 2.35
CA HIS A 5 9.93 24.29 2.14
C HIS A 5 9.23 23.78 0.88
N HIS A 6 8.26 22.87 1.08
CA HIS A 6 7.62 22.11 -0.01
C HIS A 6 6.09 22.08 0.16
N HIS A 7 5.42 21.72 -0.93
CA HIS A 7 3.97 21.44 -0.93
C HIS A 7 3.74 19.92 -0.97
N ARG A 8 4.64 19.21 -1.69
CA ARG A 8 4.52 17.76 -1.97
C ARG A 8 5.87 17.05 -1.82
N SER A 9 6.87 17.52 -2.59
CA SER A 9 8.13 16.78 -2.89
C SER A 9 7.79 15.49 -3.68
N GLY A 10 6.74 15.59 -4.52
CA GLY A 10 6.12 14.45 -5.16
C GLY A 10 4.96 13.90 -4.33
N ASP A 11 3.87 13.46 -5.00
CA ASP A 11 2.67 12.90 -4.34
C ASP A 11 2.89 11.45 -3.97
N ILE A 12 2.11 10.99 -2.99
CA ILE A 12 2.08 9.59 -2.57
C ILE A 12 0.88 8.90 -3.26
N GLN A 13 1.17 8.15 -4.32
CA GLN A 13 0.16 7.43 -5.10
C GLN A 13 0.16 5.95 -4.69
N VAL A 14 -0.97 5.52 -4.15
CA VAL A 14 -1.24 4.15 -3.75
C VAL A 14 -1.93 3.43 -4.92
N GLN A 15 -1.21 2.53 -5.60
CA GLN A 15 -1.77 1.68 -6.66
C GLN A 15 -2.07 0.30 -6.08
N ASN A 16 -3.36 0.02 -5.86
CA ASN A 16 -3.84 -1.28 -5.37
C ASN A 16 -4.53 -2.02 -6.52
N ASN A 17 -4.35 -3.34 -6.56
CA ASN A 17 -5.05 -4.24 -7.49
C ASN A 17 -5.44 -5.50 -6.73
N ASN A 18 -6.66 -6.01 -6.99
CA ASN A 18 -7.22 -7.17 -6.28
C ASN A 18 -7.57 -8.28 -7.29
N THR A 19 -7.08 -9.49 -7.01
CA THR A 19 -7.27 -10.68 -7.86
C THR A 19 -8.47 -11.49 -7.34
N CYS A 20 -9.54 -11.46 -8.13
CA CYS A 20 -10.82 -12.12 -7.86
C CYS A 20 -11.60 -12.27 -9.17
N ASN A 21 -12.82 -12.83 -9.09
CA ASN A 21 -13.73 -12.96 -10.24
C ASN A 21 -14.07 -11.56 -10.83
N GLY A 22 -14.50 -11.53 -12.11
CA GLY A 22 -14.98 -10.30 -12.76
C GLY A 22 -16.05 -9.59 -11.94
N LYS A 23 -16.04 -8.23 -12.02
CA LYS A 23 -16.83 -7.28 -11.19
C LYS A 23 -16.03 -6.86 -9.92
N THR A 24 -14.82 -7.45 -9.71
CA THR A 24 -13.93 -7.06 -8.60
C THR A 24 -13.41 -5.61 -8.78
N PHE A 25 -13.26 -4.89 -7.67
CA PHE A 25 -12.81 -3.49 -7.64
C PHE A 25 -11.42 -3.38 -7.00
N ASP A 26 -10.53 -2.63 -7.64
CA ASP A 26 -9.22 -2.27 -7.07
C ASP A 26 -9.35 -0.91 -6.36
N TYR A 27 -8.46 -0.63 -5.38
CA TYR A 27 -8.56 0.57 -4.54
C TYR A 27 -7.33 1.47 -4.73
N THR A 28 -7.17 1.99 -5.96
CA THR A 28 -6.06 2.91 -6.29
C THR A 28 -6.46 4.36 -5.95
N TYR A 29 -5.70 4.98 -5.04
CA TYR A 29 -5.90 6.36 -4.57
C TYR A 29 -4.59 7.15 -4.73
N THR A 30 -4.67 8.50 -4.73
CA THR A 30 -3.49 9.38 -4.66
C THR A 30 -3.71 10.44 -3.56
N VAL A 31 -2.83 10.45 -2.55
CA VAL A 31 -2.79 11.46 -1.48
C VAL A 31 -1.56 12.35 -1.67
N THR A 32 -1.63 13.62 -1.25
CA THR A 32 -0.57 14.61 -1.52
C THR A 32 0.44 14.73 -0.34
N THR A 33 0.09 14.14 0.82
CA THR A 33 0.88 14.28 2.07
C THR A 33 0.84 12.97 2.91
N GLU A 34 1.88 12.79 3.75
CA GLU A 34 2.04 11.61 4.64
C GLU A 34 0.86 11.47 5.63
N SER A 35 0.37 12.64 6.11
CA SER A 35 -0.81 12.72 7.00
C SER A 35 -2.03 12.06 6.33
N GLU A 36 -2.26 12.44 5.06
CA GLU A 36 -3.42 11.99 4.28
C GLU A 36 -3.32 10.46 3.98
N LEU A 37 -2.07 9.95 3.96
CA LEU A 37 -1.79 8.53 3.73
C LEU A 37 -2.23 7.68 4.94
N GLN A 38 -1.96 8.20 6.15
CA GLN A 38 -2.33 7.52 7.41
C GLN A 38 -3.87 7.40 7.53
N LYS A 39 -4.58 8.41 6.98
CA LYS A 39 -6.05 8.43 6.93
C LYS A 39 -6.58 7.40 5.90
N VAL A 40 -6.02 7.41 4.66
CA VAL A 40 -6.54 6.56 3.56
C VAL A 40 -6.28 5.06 3.83
N LEU A 41 -5.16 4.72 4.48
CA LEU A 41 -4.82 3.32 4.84
C LEU A 41 -5.69 2.83 6.02
N ASN A 42 -6.07 3.78 6.91
CA ASN A 42 -6.95 3.51 8.06
C ASN A 42 -8.32 2.98 7.58
N GLU A 43 -8.91 3.71 6.60
CA GLU A 43 -10.21 3.31 5.99
C GLU A 43 -10.03 2.15 5.00
N LEU A 44 -8.84 2.07 4.34
CA LEU A 44 -8.55 1.08 3.28
C LEU A 44 -8.63 -0.35 3.82
N LYS A 45 -8.24 -0.51 5.09
CA LYS A 45 -8.33 -1.76 5.84
C LYS A 45 -9.77 -2.34 5.81
N ASP A 46 -10.77 -1.45 5.86
CA ASP A 46 -12.21 -1.79 5.82
C ASP A 46 -12.59 -2.34 4.42
N TYR A 47 -12.09 -1.67 3.36
CA TYR A 47 -12.41 -2.02 1.95
C TYR A 47 -11.81 -3.38 1.55
N ILE A 48 -10.56 -3.64 1.99
CA ILE A 48 -9.84 -4.89 1.66
C ILE A 48 -10.33 -6.05 2.58
N LYS A 49 -10.92 -5.71 3.75
CA LYS A 49 -11.61 -6.70 4.61
C LYS A 49 -12.92 -7.15 3.92
N LYS A 50 -13.62 -6.16 3.36
CA LYS A 50 -14.90 -6.35 2.66
C LYS A 50 -14.71 -7.18 1.38
N GLN A 51 -13.61 -6.88 0.65
CA GLN A 51 -13.19 -7.64 -0.54
C GLN A 51 -11.79 -8.20 -0.30
N GLY A 52 -11.73 -9.20 0.60
CA GLY A 52 -10.49 -9.93 0.90
C GLY A 52 -10.13 -10.90 -0.20
N CYS A 53 -9.53 -10.35 -1.27
CA CYS A 53 -9.08 -11.12 -2.43
C CYS A 53 -7.92 -12.07 -2.07
N LYS A 54 -7.81 -13.15 -2.86
CA LYS A 54 -6.83 -14.24 -2.64
C LYS A 54 -5.40 -13.72 -2.89
N ARG A 55 -5.29 -12.71 -3.78
CA ARG A 55 -4.03 -11.99 -4.02
C ARG A 55 -4.36 -10.48 -4.13
N SER A 56 -3.67 -9.65 -3.34
CA SER A 56 -3.89 -8.19 -3.32
C SER A 56 -2.54 -7.45 -3.26
N ARG A 57 -2.23 -6.68 -4.32
CA ARG A 57 -1.02 -5.83 -4.39
C ARG A 57 -1.38 -4.40 -3.93
N THR A 58 -0.44 -3.76 -3.23
CA THR A 58 -0.50 -2.33 -2.91
C THR A 58 0.92 -1.73 -3.04
N SER A 59 1.08 -0.74 -3.92
CA SER A 59 2.36 -0.03 -4.16
C SER A 59 2.22 1.44 -3.78
N ILE A 60 3.17 1.95 -3.00
CA ILE A 60 3.17 3.36 -2.55
C ILE A 60 4.38 4.10 -3.16
N THR A 61 4.12 5.30 -3.72
CA THR A 61 5.14 6.16 -4.30
C THR A 61 6.13 6.65 -3.23
N ALA A 62 7.32 6.08 -3.27
CA ALA A 62 8.40 6.37 -2.35
C ALA A 62 9.43 7.31 -3.00
N ARG A 63 9.17 8.63 -2.90
CA ARG A 63 10.00 9.66 -3.58
C ARG A 63 11.43 9.65 -3.02
N THR A 64 11.55 9.17 -1.77
CA THR A 64 12.83 8.89 -1.12
C THR A 64 12.79 7.46 -0.55
N LYS A 65 13.98 6.90 -0.25
CA LYS A 65 14.12 5.58 0.41
C LYS A 65 13.47 5.60 1.81
N LYS A 66 13.35 6.82 2.39
CA LYS A 66 12.70 7.06 3.68
C LYS A 66 11.24 6.63 3.61
N GLU A 67 10.54 7.13 2.56
CA GLU A 67 9.12 6.82 2.32
C GLU A 67 8.92 5.32 2.14
N ALA A 68 9.84 4.69 1.37
CA ALA A 68 9.82 3.25 1.08
C ALA A 68 9.83 2.39 2.37
N GLU A 69 10.69 2.77 3.33
CA GLU A 69 10.88 2.01 4.58
C GLU A 69 9.69 2.19 5.54
N LYS A 70 9.32 3.44 5.83
CA LYS A 70 8.31 3.76 6.86
C LYS A 70 6.88 3.40 6.41
N PHE A 71 6.63 3.46 5.08
CA PHE A 71 5.31 3.15 4.51
C PHE A 71 5.14 1.65 4.23
N ALA A 72 6.29 0.93 4.18
CA ALA A 72 6.29 -0.55 4.19
C ALA A 72 5.65 -1.04 5.50
N ALA A 73 6.04 -0.38 6.62
CA ALA A 73 5.50 -0.68 7.97
C ALA A 73 3.99 -0.33 8.07
N ILE A 74 3.52 0.66 7.29
CA ILE A 74 2.09 1.06 7.20
C ILE A 74 1.26 -0.05 6.52
N LEU A 75 1.74 -0.51 5.35
CA LEU A 75 1.07 -1.55 4.54
C LEU A 75 1.04 -2.92 5.26
N ILE A 76 2.15 -3.25 5.94
CA ILE A 76 2.26 -4.50 6.75
C ILE A 76 1.25 -4.45 7.92
N LYS A 77 1.09 -3.25 8.51
CA LYS A 77 0.19 -3.03 9.66
C LYS A 77 -1.28 -3.27 9.28
N VAL A 78 -1.67 -2.69 8.14
CA VAL A 78 -3.05 -2.78 7.60
C VAL A 78 -3.39 -4.23 7.20
N TYR A 79 -2.49 -4.87 6.43
CA TYR A 79 -2.66 -6.25 5.96
C TYR A 79 -2.54 -7.29 7.11
N ALA A 80 -1.88 -6.92 8.23
CA ALA A 80 -1.76 -7.79 9.43
C ALA A 80 -3.12 -7.93 10.12
N GLU A 81 -3.91 -6.84 10.08
CA GLU A 81 -5.28 -6.79 10.63
C GLU A 81 -6.29 -7.57 9.75
N LEU A 82 -5.84 -7.94 8.54
CA LEU A 82 -6.63 -8.71 7.56
C LEU A 82 -6.17 -10.19 7.55
N GLY A 83 -4.91 -10.41 7.94
CA GLY A 83 -4.31 -11.74 7.99
C GLY A 83 -3.20 -11.79 9.04
N TYR A 84 -3.33 -12.70 10.02
CA TYR A 84 -2.45 -12.81 11.20
C TYR A 84 -0.99 -13.22 10.84
N ASN A 85 -0.80 -13.62 9.55
CA ASN A 85 0.53 -13.96 9.00
C ASN A 85 1.45 -12.72 8.93
N ASP A 86 2.78 -12.96 8.90
CA ASP A 86 3.77 -11.92 8.54
C ASP A 86 3.57 -11.59 7.07
N ILE A 87 3.47 -10.29 6.75
CA ILE A 87 3.07 -9.80 5.42
C ILE A 87 4.30 -9.64 4.51
N ASN A 88 4.12 -9.81 3.19
CA ASN A 88 5.23 -9.77 2.21
C ASN A 88 5.48 -8.33 1.75
N VAL A 89 6.75 -7.93 1.76
CA VAL A 89 7.21 -6.60 1.32
C VAL A 89 8.42 -6.75 0.39
N THR A 90 8.46 -5.88 -0.62
CA THR A 90 9.57 -5.78 -1.58
C THR A 90 9.72 -4.31 -2.00
N TRP A 91 10.95 -3.88 -2.29
CA TRP A 91 11.26 -2.48 -2.65
C TRP A 91 11.84 -2.40 -4.07
N ASP A 92 11.13 -1.72 -4.99
CA ASP A 92 11.63 -1.43 -6.35
C ASP A 92 12.83 -0.47 -6.28
N GLY A 93 12.65 0.58 -5.47
CA GLY A 93 13.63 1.65 -5.30
C GLY A 93 12.92 2.95 -4.99
N ASP A 94 12.23 3.49 -6.01
CA ASP A 94 11.38 4.70 -5.86
C ASP A 94 9.93 4.32 -5.49
N THR A 95 9.66 3.02 -5.30
CA THR A 95 8.33 2.51 -4.91
C THR A 95 8.50 1.30 -3.98
N VAL A 96 7.54 1.12 -3.03
CA VAL A 96 7.45 -0.08 -2.17
C VAL A 96 6.17 -0.88 -2.53
N THR A 97 6.32 -2.18 -2.81
CA THR A 97 5.20 -3.09 -3.09
C THR A 97 4.99 -4.07 -1.92
N VAL A 98 3.74 -4.27 -1.54
CA VAL A 98 3.32 -5.21 -0.50
C VAL A 98 2.16 -6.06 -1.07
N GLU A 99 2.42 -7.37 -1.23
CA GLU A 99 1.47 -8.30 -1.89
C GLU A 99 1.54 -9.68 -1.20
N GLY A 100 0.41 -10.11 -0.61
CA GLY A 100 0.31 -11.41 0.05
C GLY A 100 1.02 -11.45 1.41
N GLN A 101 1.55 -12.62 1.79
CA GLN A 101 2.19 -12.84 3.11
C GLN A 101 3.58 -13.47 2.93
N LEU A 102 4.53 -13.05 3.77
CA LEU A 102 5.89 -13.59 3.80
C LEU A 102 5.95 -14.81 4.76
N GLU A 103 6.13 -15.99 4.18
CA GLU A 103 6.30 -17.26 4.91
C GLU A 103 7.34 -18.13 4.16
N GLY A 104 8.17 -18.84 4.93
CA GLY A 104 9.22 -19.69 4.37
C GLY A 104 10.41 -19.77 5.33
N VAL A 105 11.62 -19.97 4.75
CA VAL A 105 12.89 -20.06 5.50
C VAL A 105 12.89 -21.29 6.45
N ASP A 106 13.41 -22.43 5.95
CA ASP A 106 13.48 -23.70 6.70
C ASP A 106 14.93 -24.24 6.63
N MET A 1 -1.59 17.76 -16.93
CA MET A 1 -0.61 16.66 -16.86
C MET A 1 -0.68 15.96 -15.48
N HIS A 2 -0.49 14.63 -15.47
CA HIS A 2 -0.37 13.84 -14.21
C HIS A 2 0.99 14.13 -13.59
N HIS A 3 1.08 14.22 -12.24
CA HIS A 3 2.33 14.60 -11.52
C HIS A 3 3.47 13.62 -11.83
N HIS A 4 3.10 12.36 -12.14
CA HIS A 4 4.06 11.26 -12.36
C HIS A 4 4.52 11.19 -13.85
N HIS A 5 4.09 12.16 -14.70
CA HIS A 5 4.45 12.17 -16.15
C HIS A 5 5.98 12.39 -16.35
N HIS A 6 6.64 12.91 -15.31
CA HIS A 6 8.10 13.07 -15.22
C HIS A 6 8.59 12.37 -13.94
N HIS A 7 9.91 12.09 -13.87
CA HIS A 7 10.52 11.36 -12.75
C HIS A 7 10.30 12.08 -11.42
N ARG A 8 10.46 13.43 -11.43
CA ARG A 8 10.19 14.29 -10.26
C ARG A 8 8.66 14.36 -9.98
N SER A 9 8.13 13.26 -9.44
CA SER A 9 6.69 13.10 -9.20
C SER A 9 6.24 13.97 -8.01
N GLY A 10 7.00 13.87 -6.89
CA GLY A 10 6.72 14.64 -5.68
C GLY A 10 5.63 14.02 -4.83
N ASP A 11 4.45 13.82 -5.44
CA ASP A 11 3.26 13.25 -4.79
C ASP A 11 3.43 11.75 -4.49
N ILE A 12 2.58 11.23 -3.60
CA ILE A 12 2.50 9.80 -3.30
C ILE A 12 1.26 9.23 -4.03
N GLN A 13 1.51 8.54 -5.15
CA GLN A 13 0.48 7.85 -5.92
C GLN A 13 0.28 6.42 -5.36
N VAL A 14 -0.94 6.14 -4.88
CA VAL A 14 -1.30 4.87 -4.23
C VAL A 14 -2.33 4.12 -5.08
N GLN A 15 -2.01 2.87 -5.47
CA GLN A 15 -2.91 2.00 -6.23
C GLN A 15 -3.04 0.68 -5.49
N ASN A 16 -4.27 0.29 -5.10
CA ASN A 16 -4.54 -1.02 -4.49
C ASN A 16 -5.19 -1.91 -5.54
N ASN A 17 -4.57 -3.07 -5.77
CA ASN A 17 -5.10 -4.12 -6.64
C ASN A 17 -5.34 -5.39 -5.80
N ASN A 18 -6.60 -5.76 -5.54
CA ASN A 18 -6.91 -7.04 -4.91
C ASN A 18 -7.32 -7.96 -6.06
N THR A 19 -6.51 -9.01 -6.32
CA THR A 19 -6.68 -9.82 -7.54
C THR A 19 -7.57 -11.03 -7.23
N CYS A 20 -8.68 -11.11 -7.99
CA CYS A 20 -9.74 -12.11 -7.82
C CYS A 20 -10.61 -12.15 -9.09
N ASN A 21 -11.53 -13.15 -9.16
CA ASN A 21 -12.49 -13.26 -10.25
C ASN A 21 -13.42 -12.02 -10.30
N GLY A 22 -13.22 -11.19 -11.33
CA GLY A 22 -13.97 -9.96 -11.52
C GLY A 22 -13.05 -8.83 -11.97
N LYS A 23 -12.11 -8.45 -11.08
CA LYS A 23 -11.08 -7.41 -11.31
C LYS A 23 -11.66 -5.99 -11.58
N THR A 24 -12.99 -5.82 -11.39
CA THR A 24 -13.68 -4.55 -11.64
C THR A 24 -13.59 -3.63 -10.40
N PHE A 25 -12.58 -2.74 -10.39
CA PHE A 25 -12.34 -1.77 -9.29
C PHE A 25 -11.31 -0.70 -9.72
N ASP A 26 -11.04 0.27 -8.82
CA ASP A 26 -9.99 1.30 -9.01
C ASP A 26 -9.09 1.32 -7.77
N TYR A 27 -9.67 1.71 -6.61
CA TYR A 27 -8.96 1.76 -5.29
C TYR A 27 -7.71 2.68 -5.35
N THR A 28 -7.86 3.77 -6.08
CA THR A 28 -6.78 4.71 -6.38
C THR A 28 -6.89 5.96 -5.50
N TYR A 29 -5.77 6.31 -4.85
CA TYR A 29 -5.63 7.52 -4.02
C TYR A 29 -4.39 8.30 -4.48
N THR A 30 -4.44 9.62 -4.38
CA THR A 30 -3.28 10.48 -4.63
C THR A 30 -3.15 11.44 -3.45
N VAL A 31 -2.16 11.17 -2.57
CA VAL A 31 -1.94 11.91 -1.32
C VAL A 31 -0.62 12.69 -1.41
N THR A 32 -0.66 14.00 -1.11
CA THR A 32 0.53 14.87 -1.10
C THR A 32 1.13 14.95 0.33
N THR A 33 0.35 14.46 1.31
CA THR A 33 0.73 14.50 2.73
C THR A 33 0.60 13.08 3.34
N GLU A 34 1.58 12.71 4.19
CA GLU A 34 1.68 11.37 4.80
C GLU A 34 0.51 11.10 5.77
N SER A 35 0.00 12.18 6.39
CA SER A 35 -1.19 12.12 7.27
C SER A 35 -2.42 11.59 6.51
N GLU A 36 -2.57 12.05 5.25
CA GLU A 36 -3.68 11.64 4.36
C GLU A 36 -3.54 10.16 3.96
N LEU A 37 -2.27 9.72 3.83
CA LEU A 37 -1.92 8.32 3.49
C LEU A 37 -2.40 7.35 4.59
N GLN A 38 -2.24 7.77 5.86
CA GLN A 38 -2.66 6.99 7.04
C GLN A 38 -4.20 6.80 7.05
N LYS A 39 -4.92 7.87 6.60
CA LYS A 39 -6.40 7.85 6.46
C LYS A 39 -6.83 6.84 5.38
N VAL A 40 -6.23 6.99 4.18
CA VAL A 40 -6.65 6.22 2.99
C VAL A 40 -6.33 4.72 3.15
N LEU A 41 -5.30 4.39 3.95
CA LEU A 41 -4.91 3.00 4.25
C LEU A 41 -5.89 2.35 5.25
N ASN A 42 -6.37 3.16 6.21
CA ASN A 42 -7.25 2.69 7.31
C ASN A 42 -8.65 2.31 6.76
N GLU A 43 -9.15 3.10 5.80
CA GLU A 43 -10.46 2.84 5.13
C GLU A 43 -10.31 1.74 4.07
N LEU A 44 -9.16 1.74 3.38
CA LEU A 44 -8.82 0.75 2.32
C LEU A 44 -8.83 -0.68 2.90
N LYS A 45 -8.35 -0.77 4.16
CA LYS A 45 -8.32 -1.98 4.98
C LYS A 45 -9.65 -2.77 4.90
N ASP A 46 -10.77 -2.04 5.10
CA ASP A 46 -12.13 -2.61 5.13
C ASP A 46 -12.50 -3.23 3.76
N TYR A 47 -12.06 -2.55 2.67
CA TYR A 47 -12.40 -2.91 1.28
C TYR A 47 -11.60 -4.13 0.79
N ILE A 48 -10.30 -4.22 1.16
CA ILE A 48 -9.42 -5.36 0.82
C ILE A 48 -9.97 -6.64 1.49
N LYS A 49 -10.38 -6.46 2.76
CA LYS A 49 -10.94 -7.53 3.61
C LYS A 49 -12.29 -8.01 3.07
N LYS A 50 -13.09 -7.04 2.61
CA LYS A 50 -14.48 -7.28 2.15
C LYS A 50 -14.51 -8.10 0.85
N GLN A 51 -13.53 -7.86 -0.04
CA GLN A 51 -13.32 -8.69 -1.25
C GLN A 51 -12.77 -10.05 -0.79
N GLY A 52 -13.70 -10.99 -0.50
CA GLY A 52 -13.37 -12.30 0.07
C GLY A 52 -12.66 -13.24 -0.91
N CYS A 53 -11.39 -12.95 -1.16
CA CYS A 53 -10.52 -13.73 -2.05
C CYS A 53 -9.11 -13.81 -1.43
N LYS A 54 -8.88 -12.94 -0.40
CA LYS A 54 -7.69 -12.92 0.46
C LYS A 54 -6.38 -12.79 -0.35
N ARG A 55 -6.19 -11.60 -0.91
CA ARG A 55 -4.94 -11.21 -1.58
C ARG A 55 -4.63 -9.75 -1.25
N SER A 56 -3.35 -9.48 -1.00
CA SER A 56 -2.84 -8.16 -0.61
C SER A 56 -1.91 -7.65 -1.72
N ARG A 57 -2.26 -6.51 -2.33
CA ARG A 57 -1.35 -5.80 -3.26
C ARG A 57 -1.65 -4.28 -3.21
N THR A 58 -0.71 -3.50 -2.64
CA THR A 58 -0.79 -2.01 -2.65
C THR A 58 0.59 -1.45 -3.02
N SER A 59 0.60 -0.67 -4.11
CA SER A 59 1.76 0.08 -4.59
C SER A 59 1.68 1.52 -4.05
N ILE A 60 2.70 1.95 -3.28
CA ILE A 60 2.80 3.33 -2.73
C ILE A 60 4.07 4.00 -3.28
N THR A 61 3.94 5.19 -3.89
CA THR A 61 5.09 5.94 -4.44
C THR A 61 6.01 6.44 -3.29
N ALA A 62 7.22 5.90 -3.25
CA ALA A 62 8.27 6.29 -2.32
C ALA A 62 9.34 7.08 -3.09
N ARG A 63 9.39 8.41 -2.88
CA ARG A 63 10.36 9.29 -3.54
C ARG A 63 11.80 8.94 -3.14
N THR A 64 11.94 8.38 -1.92
CA THR A 64 13.20 7.85 -1.40
C THR A 64 12.97 6.46 -0.81
N LYS A 65 14.07 5.71 -0.60
CA LYS A 65 14.03 4.39 0.07
C LYS A 65 13.65 4.55 1.57
N LYS A 66 13.86 5.78 2.11
CA LYS A 66 13.48 6.15 3.49
C LYS A 66 11.95 6.14 3.63
N GLU A 67 11.28 6.64 2.58
CA GLU A 67 9.82 6.63 2.46
C GLU A 67 9.28 5.22 2.29
N ALA A 68 10.03 4.39 1.54
CA ALA A 68 9.70 2.97 1.32
C ALA A 68 9.70 2.16 2.62
N GLU A 69 10.55 2.58 3.58
CA GLU A 69 10.69 1.90 4.88
C GLU A 69 9.55 2.28 5.84
N LYS A 70 9.30 3.60 5.99
CA LYS A 70 8.30 4.10 6.95
C LYS A 70 6.86 3.75 6.49
N PHE A 71 6.68 3.62 5.15
CA PHE A 71 5.38 3.24 4.55
C PHE A 71 5.27 1.71 4.41
N ALA A 72 6.41 1.00 4.45
CA ALA A 72 6.41 -0.47 4.59
C ALA A 72 5.74 -0.82 5.92
N ALA A 73 6.14 -0.08 6.98
CA ALA A 73 5.54 -0.19 8.31
C ALA A 73 4.02 0.07 8.27
N ILE A 74 3.59 1.12 7.53
CA ILE A 74 2.15 1.46 7.34
C ILE A 74 1.38 0.25 6.76
N LEU A 75 1.90 -0.31 5.66
CA LEU A 75 1.29 -1.45 4.95
C LEU A 75 1.20 -2.70 5.86
N ILE A 76 2.33 -3.08 6.51
CA ILE A 76 2.41 -4.25 7.42
C ILE A 76 1.33 -4.18 8.53
N LYS A 77 1.12 -2.96 9.08
CA LYS A 77 0.15 -2.71 10.17
C LYS A 77 -1.31 -2.89 9.71
N VAL A 78 -1.61 -2.37 8.51
CA VAL A 78 -2.96 -2.46 7.91
C VAL A 78 -3.32 -3.92 7.59
N TYR A 79 -2.37 -4.64 6.98
CA TYR A 79 -2.54 -6.05 6.60
C TYR A 79 -2.50 -6.99 7.82
N ALA A 80 -1.95 -6.50 8.95
CA ALA A 80 -1.95 -7.23 10.22
C ALA A 80 -3.39 -7.44 10.74
N GLU A 81 -4.26 -6.45 10.48
CA GLU A 81 -5.68 -6.49 10.85
C GLU A 81 -6.49 -7.36 9.85
N LEU A 82 -5.89 -7.58 8.66
CA LEU A 82 -6.53 -8.33 7.55
C LEU A 82 -6.19 -9.82 7.62
N GLY A 83 -5.08 -10.15 8.28
CA GLY A 83 -4.66 -11.53 8.46
C GLY A 83 -3.46 -11.65 9.37
N TYR A 84 -3.32 -12.84 9.99
CA TYR A 84 -2.16 -13.18 10.84
C TYR A 84 -0.99 -13.71 9.98
N ASN A 85 -1.26 -13.96 8.67
CA ASN A 85 -0.23 -14.31 7.67
C ASN A 85 0.88 -13.27 7.64
N ASP A 86 2.15 -13.74 7.60
CA ASP A 86 3.34 -12.87 7.62
C ASP A 86 3.38 -12.02 6.34
N ILE A 87 3.59 -10.71 6.50
CA ILE A 87 3.41 -9.72 5.41
C ILE A 87 4.68 -9.62 4.55
N ASN A 88 4.51 -9.65 3.21
CA ASN A 88 5.64 -9.50 2.25
C ASN A 88 5.85 -8.02 1.94
N VAL A 89 7.12 -7.63 1.73
CA VAL A 89 7.48 -6.26 1.35
C VAL A 89 8.48 -6.32 0.18
N THR A 90 8.11 -5.67 -0.93
CA THR A 90 8.89 -5.65 -2.19
C THR A 90 9.04 -4.20 -2.67
N TRP A 91 10.28 -3.84 -3.02
CA TRP A 91 10.62 -2.50 -3.52
C TRP A 91 10.75 -2.59 -5.04
N ASP A 92 9.84 -1.92 -5.75
CA ASP A 92 9.77 -1.90 -7.22
C ASP A 92 10.87 -0.99 -7.80
N GLY A 93 11.13 0.11 -7.09
CA GLY A 93 11.96 1.21 -7.58
C GLY A 93 11.10 2.46 -7.74
N ASP A 94 11.22 3.38 -6.75
CA ASP A 94 10.36 4.58 -6.58
C ASP A 94 8.95 4.23 -6.09
N THR A 95 8.72 2.93 -5.84
CA THR A 95 7.45 2.39 -5.32
C THR A 95 7.77 1.21 -4.39
N VAL A 96 6.92 1.01 -3.37
CA VAL A 96 6.98 -0.15 -2.48
C VAL A 96 5.61 -0.88 -2.51
N THR A 97 5.59 -2.07 -3.13
CA THR A 97 4.41 -2.92 -3.19
C THR A 97 4.52 -4.05 -2.16
N VAL A 98 3.49 -4.17 -1.31
CA VAL A 98 3.28 -5.36 -0.48
C VAL A 98 2.36 -6.30 -1.26
N GLU A 99 2.84 -7.52 -1.54
CA GLU A 99 2.09 -8.51 -2.34
C GLU A 99 2.14 -9.87 -1.63
N GLY A 100 0.97 -10.41 -1.26
CA GLY A 100 0.85 -11.74 -0.68
C GLY A 100 1.56 -11.88 0.68
N GLN A 101 2.08 -13.08 0.96
CA GLN A 101 2.76 -13.41 2.24
C GLN A 101 4.26 -13.65 2.01
N LEU A 102 5.08 -13.30 3.02
CA LEU A 102 6.53 -13.48 3.01
C LEU A 102 6.88 -14.84 3.61
N GLU A 103 7.86 -15.52 3.01
CA GLU A 103 8.42 -16.79 3.51
C GLU A 103 9.97 -16.69 3.56
N GLY A 104 10.48 -15.45 3.74
CA GLY A 104 11.91 -15.15 3.69
C GLY A 104 12.64 -15.57 4.98
N VAL A 105 12.74 -16.88 5.19
CA VAL A 105 13.44 -17.49 6.32
C VAL A 105 14.76 -18.08 5.84
N ASP A 106 15.83 -17.90 6.62
CA ASP A 106 17.19 -18.40 6.28
C ASP A 106 18.12 -18.32 7.52
N MET A 1 -1.30 14.21 16.17
CA MET A 1 -2.47 13.99 15.28
C MET A 1 -3.00 15.35 14.80
N HIS A 2 -2.44 15.82 13.68
CA HIS A 2 -2.94 17.00 12.94
C HIS A 2 -3.63 16.52 11.65
N HIS A 3 -4.73 17.19 11.29
CA HIS A 3 -5.54 16.86 10.10
C HIS A 3 -4.73 17.09 8.81
N HIS A 4 -3.94 18.17 8.82
CA HIS A 4 -3.07 18.59 7.72
C HIS A 4 -1.80 19.26 8.28
N HIS A 5 -0.83 19.59 7.41
CA HIS A 5 0.39 20.29 7.82
C HIS A 5 0.84 21.25 6.70
N HIS A 6 1.34 20.68 5.60
CA HIS A 6 1.89 21.46 4.46
C HIS A 6 1.48 20.79 3.13
N HIS A 7 2.22 19.74 2.76
CA HIS A 7 2.09 18.99 1.49
C HIS A 7 3.24 17.96 1.41
N ARG A 8 3.32 17.26 0.28
CA ARG A 8 4.45 16.41 -0.08
C ARG A 8 4.81 16.68 -1.54
N SER A 9 5.93 17.42 -1.73
CA SER A 9 6.43 17.87 -3.04
C SER A 9 6.72 16.64 -3.94
N GLY A 10 5.90 16.48 -4.99
CA GLY A 10 5.85 15.24 -5.76
C GLY A 10 4.91 14.26 -5.08
N ASP A 11 3.63 14.30 -5.46
CA ASP A 11 2.51 13.66 -4.75
C ASP A 11 2.69 12.14 -4.62
N ILE A 12 2.12 11.59 -3.54
CA ILE A 12 2.26 10.17 -3.19
C ILE A 12 1.04 9.39 -3.72
N GLN A 13 1.24 8.63 -4.80
CA GLN A 13 0.20 7.76 -5.37
C GLN A 13 0.22 6.39 -4.65
N VAL A 14 -0.98 5.87 -4.34
CA VAL A 14 -1.17 4.56 -3.69
C VAL A 14 -1.96 3.67 -4.66
N GLN A 15 -1.31 2.66 -5.27
CA GLN A 15 -1.98 1.74 -6.22
C GLN A 15 -2.17 0.37 -5.55
N ASN A 16 -3.43 0.04 -5.20
CA ASN A 16 -3.79 -1.29 -4.67
C ASN A 16 -4.54 -2.08 -5.76
N ASN A 17 -4.22 -3.36 -5.84
CA ASN A 17 -4.91 -4.33 -6.70
C ASN A 17 -5.57 -5.35 -5.77
N ASN A 18 -6.91 -5.29 -5.68
CA ASN A 18 -7.71 -6.22 -4.85
C ASN A 18 -8.32 -7.28 -5.75
N THR A 19 -8.38 -8.51 -5.22
CA THR A 19 -8.77 -9.70 -5.99
C THR A 19 -10.28 -9.98 -5.82
N CYS A 20 -10.99 -10.05 -6.97
CA CYS A 20 -12.43 -10.32 -7.04
C CYS A 20 -13.25 -9.17 -6.42
N ASN A 21 -13.29 -8.04 -7.16
CA ASN A 21 -14.07 -6.84 -6.77
C ASN A 21 -15.52 -6.98 -7.26
N GLY A 22 -16.49 -6.89 -6.32
CA GLY A 22 -17.91 -6.94 -6.64
C GLY A 22 -18.36 -5.71 -7.42
N LYS A 23 -18.47 -4.58 -6.71
CA LYS A 23 -18.82 -3.28 -7.29
C LYS A 23 -18.34 -2.15 -6.35
N THR A 24 -17.17 -1.57 -6.68
CA THR A 24 -16.68 -0.32 -6.05
C THR A 24 -15.61 0.33 -6.97
N PHE A 25 -15.18 1.55 -6.64
CA PHE A 25 -14.22 2.33 -7.45
C PHE A 25 -12.79 1.75 -7.35
N ASP A 26 -11.87 2.30 -8.17
CA ASP A 26 -10.44 1.89 -8.20
C ASP A 26 -9.76 2.13 -6.84
N TYR A 27 -8.85 1.22 -6.50
CA TYR A 27 -8.11 1.22 -5.23
C TYR A 27 -6.79 2.03 -5.38
N THR A 28 -6.68 2.78 -6.50
CA THR A 28 -5.62 3.76 -6.73
C THR A 28 -6.11 5.16 -6.27
N TYR A 29 -5.42 5.75 -5.27
CA TYR A 29 -5.74 7.08 -4.71
C TYR A 29 -4.44 7.89 -4.61
N THR A 30 -4.44 9.13 -5.11
CA THR A 30 -3.28 10.02 -5.03
C THR A 30 -3.45 10.97 -3.84
N VAL A 31 -2.65 10.76 -2.79
CA VAL A 31 -2.66 11.56 -1.56
C VAL A 31 -1.50 12.58 -1.59
N THR A 32 -1.81 13.82 -1.24
CA THR A 32 -0.85 14.95 -1.33
C THR A 32 0.00 15.10 -0.05
N THR A 33 -0.42 14.44 1.04
CA THR A 33 0.28 14.49 2.34
C THR A 33 0.22 13.11 3.03
N GLU A 34 1.19 12.85 3.93
CA GLU A 34 1.32 11.59 4.70
C GLU A 34 0.12 11.35 5.63
N SER A 35 -0.49 12.46 6.12
CA SER A 35 -1.72 12.41 6.93
C SER A 35 -2.84 11.75 6.12
N GLU A 36 -3.01 12.23 4.88
CA GLU A 36 -4.01 11.74 3.93
C GLU A 36 -3.83 10.23 3.63
N LEU A 37 -2.56 9.78 3.66
CA LEU A 37 -2.21 8.38 3.39
C LEU A 37 -2.58 7.49 4.60
N GLN A 38 -2.32 7.99 5.82
CA GLN A 38 -2.68 7.29 7.07
C GLN A 38 -4.20 7.04 7.12
N LYS A 39 -4.96 8.07 6.70
CA LYS A 39 -6.44 8.01 6.63
C LYS A 39 -6.89 6.95 5.60
N VAL A 40 -6.36 7.05 4.36
CA VAL A 40 -6.82 6.21 3.22
C VAL A 40 -6.43 4.73 3.41
N LEU A 41 -5.30 4.47 4.10
CA LEU A 41 -4.82 3.11 4.37
C LEU A 41 -5.68 2.41 5.44
N ASN A 42 -6.06 3.19 6.47
CA ASN A 42 -6.86 2.70 7.61
C ASN A 42 -8.27 2.29 7.16
N GLU A 43 -8.85 3.03 6.18
CA GLU A 43 -10.19 2.73 5.65
C GLU A 43 -10.15 1.66 4.54
N LEU A 44 -9.11 1.72 3.66
CA LEU A 44 -8.96 0.80 2.50
C LEU A 44 -8.75 -0.63 2.98
N LYS A 45 -8.12 -0.73 4.18
CA LYS A 45 -7.95 -1.98 4.96
C LYS A 45 -9.25 -2.82 4.98
N ASP A 46 -10.37 -2.13 5.23
CA ASP A 46 -11.71 -2.72 5.33
C ASP A 46 -12.23 -3.20 3.96
N TYR A 47 -12.07 -2.36 2.92
CA TYR A 47 -12.54 -2.64 1.54
C TYR A 47 -11.86 -3.89 0.96
N ILE A 48 -10.55 -4.02 1.23
CA ILE A 48 -9.71 -5.14 0.76
C ILE A 48 -10.18 -6.46 1.42
N LYS A 49 -10.35 -6.43 2.76
CA LYS A 49 -10.74 -7.63 3.54
C LYS A 49 -12.22 -7.99 3.37
N LYS A 50 -13.04 -7.00 2.96
CA LYS A 50 -14.48 -7.19 2.66
C LYS A 50 -14.64 -8.18 1.49
N GLN A 51 -13.65 -8.11 0.59
CA GLN A 51 -13.54 -8.93 -0.63
C GLN A 51 -12.24 -9.76 -0.52
N GLY A 52 -11.61 -10.10 -1.66
CA GLY A 52 -10.31 -10.76 -1.65
C GLY A 52 -10.44 -12.28 -1.72
N CYS A 53 -10.47 -12.81 -2.95
CA CYS A 53 -10.45 -14.27 -3.21
C CYS A 53 -9.01 -14.82 -3.08
N LYS A 54 -8.02 -13.92 -3.25
CA LYS A 54 -6.59 -14.17 -3.00
C LYS A 54 -6.07 -13.00 -2.13
N ARG A 55 -4.74 -12.74 -2.15
CA ARG A 55 -4.16 -11.60 -1.40
C ARG A 55 -3.98 -10.39 -2.34
N SER A 56 -4.06 -9.18 -1.76
CA SER A 56 -4.00 -7.92 -2.51
C SER A 56 -2.60 -7.28 -2.41
N ARG A 57 -2.22 -6.55 -3.48
CA ARG A 57 -0.92 -5.84 -3.58
C ARG A 57 -1.15 -4.32 -3.42
N THR A 58 -0.16 -3.60 -2.88
CA THR A 58 -0.12 -2.13 -2.94
C THR A 58 1.31 -1.65 -3.20
N SER A 59 1.46 -0.75 -4.18
CA SER A 59 2.72 -0.07 -4.46
C SER A 59 2.51 1.43 -4.21
N ILE A 60 3.31 2.00 -3.28
CA ILE A 60 3.21 3.42 -2.88
C ILE A 60 4.47 4.17 -3.34
N THR A 61 4.27 5.42 -3.81
CA THR A 61 5.33 6.30 -4.34
C THR A 61 6.45 6.55 -3.29
N ALA A 62 7.61 5.91 -3.52
CA ALA A 62 8.83 6.06 -2.69
C ALA A 62 9.80 7.05 -3.38
N ARG A 63 9.80 8.30 -2.88
CA ARG A 63 10.70 9.37 -3.37
C ARG A 63 12.16 9.08 -2.93
N THR A 64 12.29 8.53 -1.72
CA THR A 64 13.58 8.10 -1.13
C THR A 64 13.41 6.72 -0.48
N LYS A 65 14.52 6.16 0.04
CA LYS A 65 14.47 4.95 0.89
C LYS A 65 13.61 5.21 2.14
N LYS A 66 13.67 6.47 2.65
CA LYS A 66 12.89 6.91 3.83
C LYS A 66 11.37 6.78 3.56
N GLU A 67 10.91 7.22 2.37
CA GLU A 67 9.49 7.11 1.96
C GLU A 67 9.06 5.65 1.89
N ALA A 68 9.96 4.84 1.31
CA ALA A 68 9.78 3.41 1.10
C ALA A 68 9.59 2.65 2.43
N GLU A 69 10.48 2.91 3.40
CA GLU A 69 10.55 2.13 4.66
C GLU A 69 9.48 2.59 5.68
N LYS A 70 9.13 3.89 5.67
CA LYS A 70 8.13 4.45 6.62
C LYS A 70 6.71 4.00 6.24
N PHE A 71 6.45 3.88 4.92
CA PHE A 71 5.16 3.41 4.39
C PHE A 71 5.15 1.88 4.24
N ALA A 72 6.34 1.26 4.20
CA ALA A 72 6.46 -0.21 4.33
C ALA A 72 5.95 -0.62 5.71
N ALA A 73 6.30 0.18 6.74
CA ALA A 73 5.83 -0.01 8.12
C ALA A 73 4.30 0.08 8.21
N ILE A 74 3.71 1.03 7.43
CA ILE A 74 2.24 1.19 7.32
C ILE A 74 1.61 -0.09 6.72
N LEU A 75 1.99 -0.37 5.46
CA LEU A 75 1.46 -1.51 4.66
C LEU A 75 1.57 -2.88 5.39
N ILE A 76 2.71 -3.12 6.09
CA ILE A 76 2.93 -4.35 6.88
C ILE A 76 1.89 -4.45 8.02
N LYS A 77 1.69 -3.36 8.77
CA LYS A 77 0.80 -3.33 9.96
C LYS A 77 -0.68 -3.41 9.57
N VAL A 78 -1.04 -2.78 8.43
CA VAL A 78 -2.42 -2.77 7.91
C VAL A 78 -2.85 -4.20 7.54
N TYR A 79 -1.99 -4.88 6.78
CA TYR A 79 -2.28 -6.22 6.23
C TYR A 79 -1.99 -7.33 7.26
N ALA A 80 -1.20 -7.00 8.30
CA ALA A 80 -0.95 -7.88 9.46
C ALA A 80 -2.26 -8.24 10.15
N GLU A 81 -3.15 -7.24 10.24
CA GLU A 81 -4.47 -7.39 10.84
C GLU A 81 -5.39 -8.20 9.92
N LEU A 82 -5.19 -8.04 8.60
CA LEU A 82 -6.04 -8.69 7.57
C LEU A 82 -5.77 -10.19 7.46
N GLY A 83 -4.55 -10.62 7.80
CA GLY A 83 -4.16 -12.03 7.70
C GLY A 83 -3.20 -12.41 8.79
N TYR A 84 -2.12 -13.11 8.42
CA TYR A 84 -1.01 -13.40 9.34
C TYR A 84 -0.17 -12.12 9.49
N ASN A 85 0.42 -11.92 10.67
CA ASN A 85 1.13 -10.67 11.03
C ASN A 85 2.39 -10.48 10.14
N ASP A 86 3.00 -11.61 9.72
CA ASP A 86 4.10 -11.63 8.73
C ASP A 86 3.55 -11.30 7.35
N ILE A 87 4.11 -10.26 6.71
CA ILE A 87 3.64 -9.74 5.39
C ILE A 87 4.84 -9.65 4.42
N ASN A 88 4.57 -9.75 3.10
CA ASN A 88 5.61 -9.75 2.05
C ASN A 88 5.94 -8.30 1.66
N VAL A 89 7.16 -7.85 1.99
CA VAL A 89 7.65 -6.49 1.65
C VAL A 89 8.71 -6.57 0.53
N THR A 90 8.53 -5.75 -0.51
CA THR A 90 9.45 -5.60 -1.63
C THR A 90 9.65 -4.10 -1.89
N TRP A 91 10.88 -3.70 -2.22
CA TRP A 91 11.21 -2.31 -2.58
C TRP A 91 11.65 -2.28 -4.05
N ASP A 92 10.85 -1.63 -4.91
CA ASP A 92 11.17 -1.42 -6.34
C ASP A 92 12.39 -0.48 -6.49
N GLY A 93 12.27 0.70 -5.85
CA GLY A 93 13.26 1.77 -5.97
C GLY A 93 12.55 3.11 -6.06
N ASP A 94 11.64 3.20 -7.03
CA ASP A 94 10.74 4.36 -7.19
C ASP A 94 9.48 4.18 -6.34
N THR A 95 9.22 2.93 -5.90
CA THR A 95 8.02 2.57 -5.10
C THR A 95 8.35 1.46 -4.07
N VAL A 96 7.58 1.46 -2.95
CA VAL A 96 7.55 0.33 -2.00
C VAL A 96 6.30 -0.55 -2.32
N THR A 97 6.55 -1.77 -2.76
CA THR A 97 5.50 -2.73 -3.12
C THR A 97 5.35 -3.80 -2.02
N VAL A 98 4.29 -3.67 -1.22
CA VAL A 98 3.95 -4.65 -0.17
C VAL A 98 2.66 -5.38 -0.56
N GLU A 99 2.73 -6.70 -0.57
CA GLU A 99 1.62 -7.60 -0.93
C GLU A 99 1.36 -8.54 0.25
N GLY A 100 0.11 -9.07 0.34
CA GLY A 100 -0.26 -10.02 1.39
C GLY A 100 0.56 -11.31 1.35
N GLN A 101 0.54 -12.06 2.44
CA GLN A 101 1.41 -13.23 2.65
C GLN A 101 0.53 -14.48 2.86
N LEU A 102 0.49 -15.35 1.83
CA LEU A 102 -0.26 -16.62 1.85
C LEU A 102 0.62 -17.69 2.52
N GLU A 103 0.34 -18.00 3.80
CA GLU A 103 1.17 -18.90 4.62
C GLU A 103 0.58 -20.32 4.64
N GLY A 104 1.25 -21.25 3.94
CA GLY A 104 0.91 -22.67 3.98
C GLY A 104 2.12 -23.52 4.34
N VAL A 105 3.17 -22.89 4.89
CA VAL A 105 4.42 -23.56 5.31
C VAL A 105 4.81 -23.12 6.74
N ASP A 106 5.65 -23.94 7.38
CA ASP A 106 6.16 -23.70 8.74
C ASP A 106 7.58 -24.30 8.87
#